data_4J60
# 
_entry.id   4J60 
# 
_audit_conform.dict_name       mmcif_pdbx.dic 
_audit_conform.dict_version    5.398 
_audit_conform.dict_location   http://mmcif.pdb.org/dictionaries/ascii/mmcif_pdbx.dic 
# 
loop_
_database_2.database_id 
_database_2.database_code 
_database_2.pdbx_database_accession 
_database_2.pdbx_DOI 
PDB   4J60         pdb_00004j60 10.2210/pdb4j60/pdb 
RCSB  RCSB077639   ?            ?                   
WWPDB D_1000077639 ?            ?                   
# 
loop_
_pdbx_audit_revision_history.ordinal 
_pdbx_audit_revision_history.data_content_type 
_pdbx_audit_revision_history.major_revision 
_pdbx_audit_revision_history.minor_revision 
_pdbx_audit_revision_history.revision_date 
1 'Structure model' 1 0 2014-01-22 
2 'Structure model' 1 1 2017-11-15 
3 'Structure model' 1 2 2023-09-20 
4 'Structure model' 1 3 2024-11-06 
# 
_pdbx_audit_revision_details.ordinal             1 
_pdbx_audit_revision_details.revision_ordinal    1 
_pdbx_audit_revision_details.data_content_type   'Structure model' 
_pdbx_audit_revision_details.provider            repository 
_pdbx_audit_revision_details.type                'Initial release' 
_pdbx_audit_revision_details.description         ? 
_pdbx_audit_revision_details.details             ? 
# 
loop_
_pdbx_audit_revision_group.ordinal 
_pdbx_audit_revision_group.revision_ordinal 
_pdbx_audit_revision_group.data_content_type 
_pdbx_audit_revision_group.group 
1 2 'Structure model' 'Refinement description' 
2 3 'Structure model' 'Data collection'        
3 3 'Structure model' 'Database references'    
4 3 'Structure model' 'Derived calculations'   
5 3 'Structure model' 'Refinement description' 
6 4 'Structure model' 'Structure summary'      
# 
loop_
_pdbx_audit_revision_category.ordinal 
_pdbx_audit_revision_category.revision_ordinal 
_pdbx_audit_revision_category.data_content_type 
_pdbx_audit_revision_category.category 
1 2 'Structure model' software                      
2 3 'Structure model' chem_comp_atom                
3 3 'Structure model' chem_comp_bond                
4 3 'Structure model' database_2                    
5 3 'Structure model' pdbx_initial_refinement_model 
6 3 'Structure model' struct_site                   
7 4 'Structure model' pdbx_entry_details            
8 4 'Structure model' pdbx_modification_feature     
# 
loop_
_pdbx_audit_revision_item.ordinal 
_pdbx_audit_revision_item.revision_ordinal 
_pdbx_audit_revision_item.data_content_type 
_pdbx_audit_revision_item.item 
1 3 'Structure model' '_database_2.pdbx_DOI'                
2 3 'Structure model' '_database_2.pdbx_database_accession' 
3 3 'Structure model' '_struct_site.pdbx_auth_asym_id'      
4 3 'Structure model' '_struct_site.pdbx_auth_comp_id'      
5 3 'Structure model' '_struct_site.pdbx_auth_seq_id'       
# 
_pdbx_database_status.entry_id                        4J60 
_pdbx_database_status.status_code                     REL 
_pdbx_database_status.deposit_site                    RCSB 
_pdbx_database_status.process_site                    RCSB 
_pdbx_database_status.recvd_initial_deposition_date   2013-02-11 
_pdbx_database_status.status_code_sf                  REL 
_pdbx_database_status.status_code_mr                  ? 
_pdbx_database_status.SG_entry                        ? 
_pdbx_database_status.status_code_cs                  ? 
_pdbx_database_status.pdb_format_compatible           Y 
_pdbx_database_status.methods_development_category    ? 
_pdbx_database_status.status_code_nmr_data            ? 
# 
loop_
_pdbx_database_related.db_name 
_pdbx_database_related.db_id 
_pdbx_database_related.details 
_pdbx_database_related.content_type 
PDB 4J5Z 'Crystal structure of Ribonuclease A in aqueous solution: One of twelve in MSCS set'                  unspecified 
PDB 4J61 'Crystal structure of Ribonuclease A soaked in 40% Cyclopentanone: One of twelve in MSCS set'         unspecified 
PDB 4J62 'Crystal structure of Ribonuclease A soaked in 40% Cyclohexanol: One of twelve in MSCS set'           unspecified 
PDB 4J63 'Crystal structure of Ribonuclease A soaked in 40% Cyclohexanone: One of twelve in MSCS set'          unspecified 
PDB 4J64 'Crystal structure of Ribonuclease A soaked in 40% Dioxane: One of twelve in MSCS set'                unspecified 
PDB 4J65 'Crystal structure of Ribonuclease A soaked in 40% Dimethylformamide: One of twelve in MSCS set'      unspecified 
PDB 4J66 'Crystal structure of Ribonuclease A soaked in 25% Dimethyl sulfoxide: One of twelve in MSCS set'     unspecified 
PDB 4J67 'Crystal structure of Ribonuclease A soaked in 50% 1,6-Hexanediol: One of twelve in MSCS set'         unspecified 
PDB 4J68 'Crystal structure of Ribonuclease A soaked in 40% Isopropanol: One of twelve in MSCS set'            unspecified 
PDB 4J69 'Crystal structure of Ribonuclease A soaked in 50% S,R,S-bisfuranol: One of twelve in MSCS set'       unspecified 
PDB 4J6A 'Crystal structure of Ribonuclease A soaked in 40% 2,2,2-Trifluoroethanol: One of twelve in MSCS set' unspecified 
# 
loop_
_audit_author.name 
_audit_author.pdbx_ordinal 
'Kearney, B.M.' 1 
'Dechene, M.'   2 
'Swartz, P.D.'  3 
'Mattos, C.'    4 
# 
_citation.id                        primary 
_citation.title                     'DRoP: A program for analysis of water structure on protein surfaces' 
_citation.journal_abbrev            'to be published' 
_citation.journal_volume            ? 
_citation.page_first                ? 
_citation.page_last                 ? 
_citation.year                      ? 
_citation.journal_id_ASTM           ? 
_citation.country                   ? 
_citation.journal_id_ISSN           ? 
_citation.journal_id_CSD            0353 
_citation.book_publisher            ? 
_citation.pdbx_database_id_PubMed   ? 
_citation.pdbx_database_id_DOI      ? 
# 
loop_
_citation_author.citation_id 
_citation_author.name 
_citation_author.ordinal 
_citation_author.identifier_ORCID 
primary 'Kearney, B.M.' 1 ? 
primary 'Roberts, D.'   2 ? 
primary 'Dechene, M.'   3 ? 
primary 'Swartz, P.D.'  4 ? 
primary 'Mattos, C.'    5 ? 
# 
loop_
_entity.id 
_entity.type 
_entity.src_method 
_entity.pdbx_description 
_entity.formula_weight 
_entity.pdbx_number_of_molecules 
_entity.pdbx_ec 
_entity.pdbx_mutation 
_entity.pdbx_fragment 
_entity.details 
1 polymer     nat 'Ribonuclease pancreatic' 13708.326 1   3.1.27.5 ? ? ? 
2 non-polymer syn 'SULFATE ION'             96.063    1   ?        ? ? ? 
3 non-polymer syn cyclopentanol             86.132    3   ?        ? ? ? 
4 water       nat water                     18.015    102 ?        ? ? ? 
# 
_entity_name_com.entity_id   1 
_entity_name_com.name        'RNase 1, RNase A' 
# 
_entity_poly.entity_id                      1 
_entity_poly.type                           'polypeptide(L)' 
_entity_poly.nstd_linkage                   no 
_entity_poly.nstd_monomer                   no 
_entity_poly.pdbx_seq_one_letter_code       
;KETAAAKFERQHMDSSTSAASSSNYCNQMMKSRNLTKDRCKPVNTFVHESLADVQAVCSQKNVACKNGQTNCYQSYSTMS
ITDCRETGSSKYPNCAYKTTQANKHIIVACEGNPYVPVHFDASV
;
_entity_poly.pdbx_seq_one_letter_code_can   
;KETAAAKFERQHMDSSTSAASSSNYCNQMMKSRNLTKDRCKPVNTFVHESLADVQAVCSQKNVACKNGQTNCYQSYSTMS
ITDCRETGSSKYPNCAYKTTQANKHIIVACEGNPYVPVHFDASV
;
_entity_poly.pdbx_strand_id                 A 
_entity_poly.pdbx_target_identifier         ? 
# 
loop_
_pdbx_entity_nonpoly.entity_id 
_pdbx_entity_nonpoly.name 
_pdbx_entity_nonpoly.comp_id 
2 'SULFATE ION' SO4 
3 cyclopentanol YEG 
4 water         HOH 
# 
loop_
_entity_poly_seq.entity_id 
_entity_poly_seq.num 
_entity_poly_seq.mon_id 
_entity_poly_seq.hetero 
1 1   LYS n 
1 2   GLU n 
1 3   THR n 
1 4   ALA n 
1 5   ALA n 
1 6   ALA n 
1 7   LYS n 
1 8   PHE n 
1 9   GLU n 
1 10  ARG n 
1 11  GLN n 
1 12  HIS n 
1 13  MET n 
1 14  ASP n 
1 15  SER n 
1 16  SER n 
1 17  THR n 
1 18  SER n 
1 19  ALA n 
1 20  ALA n 
1 21  SER n 
1 22  SER n 
1 23  SER n 
1 24  ASN n 
1 25  TYR n 
1 26  CYS n 
1 27  ASN n 
1 28  GLN n 
1 29  MET n 
1 30  MET n 
1 31  LYS n 
1 32  SER n 
1 33  ARG n 
1 34  ASN n 
1 35  LEU n 
1 36  THR n 
1 37  LYS n 
1 38  ASP n 
1 39  ARG n 
1 40  CYS n 
1 41  LYS n 
1 42  PRO n 
1 43  VAL n 
1 44  ASN n 
1 45  THR n 
1 46  PHE n 
1 47  VAL n 
1 48  HIS n 
1 49  GLU n 
1 50  SER n 
1 51  LEU n 
1 52  ALA n 
1 53  ASP n 
1 54  VAL n 
1 55  GLN n 
1 56  ALA n 
1 57  VAL n 
1 58  CYS n 
1 59  SER n 
1 60  GLN n 
1 61  LYS n 
1 62  ASN n 
1 63  VAL n 
1 64  ALA n 
1 65  CYS n 
1 66  LYS n 
1 67  ASN n 
1 68  GLY n 
1 69  GLN n 
1 70  THR n 
1 71  ASN n 
1 72  CYS n 
1 73  TYR n 
1 74  GLN n 
1 75  SER n 
1 76  TYR n 
1 77  SER n 
1 78  THR n 
1 79  MET n 
1 80  SER n 
1 81  ILE n 
1 82  THR n 
1 83  ASP n 
1 84  CYS n 
1 85  ARG n 
1 86  GLU n 
1 87  THR n 
1 88  GLY n 
1 89  SER n 
1 90  SER n 
1 91  LYS n 
1 92  TYR n 
1 93  PRO n 
1 94  ASN n 
1 95  CYS n 
1 96  ALA n 
1 97  TYR n 
1 98  LYS n 
1 99  THR n 
1 100 THR n 
1 101 GLN n 
1 102 ALA n 
1 103 ASN n 
1 104 LYS n 
1 105 HIS n 
1 106 ILE n 
1 107 ILE n 
1 108 VAL n 
1 109 ALA n 
1 110 CYS n 
1 111 GLU n 
1 112 GLY n 
1 113 ASN n 
1 114 PRO n 
1 115 TYR n 
1 116 VAL n 
1 117 PRO n 
1 118 VAL n 
1 119 HIS n 
1 120 PHE n 
1 121 ASP n 
1 122 ALA n 
1 123 SER n 
1 124 VAL n 
# 
_entity_src_nat.entity_id                  1 
_entity_src_nat.pdbx_src_id                1 
_entity_src_nat.pdbx_alt_source_flag       sample 
_entity_src_nat.pdbx_beg_seq_num           ? 
_entity_src_nat.pdbx_end_seq_num           ? 
_entity_src_nat.common_name                'bovine,cow,domestic cattle,domestic cow' 
_entity_src_nat.pdbx_organism_scientific   'Bos taurus' 
_entity_src_nat.pdbx_ncbi_taxonomy_id      9913 
_entity_src_nat.genus                      ? 
_entity_src_nat.species                    ? 
_entity_src_nat.strain                     ? 
_entity_src_nat.tissue                     ? 
_entity_src_nat.tissue_fraction            ? 
_entity_src_nat.pdbx_secretion             ? 
_entity_src_nat.pdbx_fragment              ? 
_entity_src_nat.pdbx_variant               ? 
_entity_src_nat.pdbx_cell_line             ? 
_entity_src_nat.pdbx_atcc                  ? 
_entity_src_nat.pdbx_cellular_location     ? 
_entity_src_nat.pdbx_organ                 ? 
_entity_src_nat.pdbx_organelle             ? 
_entity_src_nat.pdbx_cell                  ? 
_entity_src_nat.pdbx_plasmid_name          ? 
_entity_src_nat.pdbx_plasmid_details       ? 
_entity_src_nat.details                    pancreas 
# 
loop_
_chem_comp.id 
_chem_comp.type 
_chem_comp.mon_nstd_flag 
_chem_comp.name 
_chem_comp.pdbx_synonyms 
_chem_comp.formula 
_chem_comp.formula_weight 
ALA 'L-peptide linking' y ALANINE         ? 'C3 H7 N O2'     89.093  
ARG 'L-peptide linking' y ARGININE        ? 'C6 H15 N4 O2 1' 175.209 
ASN 'L-peptide linking' y ASPARAGINE      ? 'C4 H8 N2 O3'    132.118 
ASP 'L-peptide linking' y 'ASPARTIC ACID' ? 'C4 H7 N O4'     133.103 
CYS 'L-peptide linking' y CYSTEINE        ? 'C3 H7 N O2 S'   121.158 
GLN 'L-peptide linking' y GLUTAMINE       ? 'C5 H10 N2 O3'   146.144 
GLU 'L-peptide linking' y 'GLUTAMIC ACID' ? 'C5 H9 N O4'     147.129 
GLY 'peptide linking'   y GLYCINE         ? 'C2 H5 N O2'     75.067  
HIS 'L-peptide linking' y HISTIDINE       ? 'C6 H10 N3 O2 1' 156.162 
HOH non-polymer         . WATER           ? 'H2 O'           18.015  
ILE 'L-peptide linking' y ISOLEUCINE      ? 'C6 H13 N O2'    131.173 
LEU 'L-peptide linking' y LEUCINE         ? 'C6 H13 N O2'    131.173 
LYS 'L-peptide linking' y LYSINE          ? 'C6 H15 N2 O2 1' 147.195 
MET 'L-peptide linking' y METHIONINE      ? 'C5 H11 N O2 S'  149.211 
PHE 'L-peptide linking' y PHENYLALANINE   ? 'C9 H11 N O2'    165.189 
PRO 'L-peptide linking' y PROLINE         ? 'C5 H9 N O2'     115.130 
SER 'L-peptide linking' y SERINE          ? 'C3 H7 N O3'     105.093 
SO4 non-polymer         . 'SULFATE ION'   ? 'O4 S -2'        96.063  
THR 'L-peptide linking' y THREONINE       ? 'C4 H9 N O3'     119.119 
TYR 'L-peptide linking' y TYROSINE        ? 'C9 H11 N O3'    181.189 
VAL 'L-peptide linking' y VALINE          ? 'C5 H11 N O2'    117.146 
YEG non-polymer         . cyclopentanol   ? 'C5 H10 O'       86.132  
# 
loop_
_pdbx_poly_seq_scheme.asym_id 
_pdbx_poly_seq_scheme.entity_id 
_pdbx_poly_seq_scheme.seq_id 
_pdbx_poly_seq_scheme.mon_id 
_pdbx_poly_seq_scheme.ndb_seq_num 
_pdbx_poly_seq_scheme.pdb_seq_num 
_pdbx_poly_seq_scheme.auth_seq_num 
_pdbx_poly_seq_scheme.pdb_mon_id 
_pdbx_poly_seq_scheme.auth_mon_id 
_pdbx_poly_seq_scheme.pdb_strand_id 
_pdbx_poly_seq_scheme.pdb_ins_code 
_pdbx_poly_seq_scheme.hetero 
A 1 1   LYS 1   1   1   LYS LYS A . n 
A 1 2   GLU 2   2   2   GLU GLU A . n 
A 1 3   THR 3   3   3   THR THR A . n 
A 1 4   ALA 4   4   4   ALA ALA A . n 
A 1 5   ALA 5   5   5   ALA ALA A . n 
A 1 6   ALA 6   6   6   ALA ALA A . n 
A 1 7   LYS 7   7   7   LYS LYS A . n 
A 1 8   PHE 8   8   8   PHE PHE A . n 
A 1 9   GLU 9   9   9   GLU GLU A . n 
A 1 10  ARG 10  10  10  ARG ARG A . n 
A 1 11  GLN 11  11  11  GLN GLN A . n 
A 1 12  HIS 12  12  12  HIS HIS A . n 
A 1 13  MET 13  13  13  MET MET A . n 
A 1 14  ASP 14  14  14  ASP ASP A . n 
A 1 15  SER 15  15  15  SER SER A . n 
A 1 16  SER 16  16  16  SER SER A . n 
A 1 17  THR 17  17  17  THR THR A . n 
A 1 18  SER 18  18  18  SER SER A . n 
A 1 19  ALA 19  19  19  ALA ALA A . n 
A 1 20  ALA 20  20  20  ALA ALA A . n 
A 1 21  SER 21  21  21  SER SER A . n 
A 1 22  SER 22  22  22  SER SER A . n 
A 1 23  SER 23  23  23  SER SER A . n 
A 1 24  ASN 24  24  24  ASN ASN A . n 
A 1 25  TYR 25  25  25  TYR TYR A . n 
A 1 26  CYS 26  26  26  CYS CYS A . n 
A 1 27  ASN 27  27  27  ASN ASN A . n 
A 1 28  GLN 28  28  28  GLN GLN A . n 
A 1 29  MET 29  29  29  MET MET A . n 
A 1 30  MET 30  30  30  MET MET A . n 
A 1 31  LYS 31  31  31  LYS LYS A . n 
A 1 32  SER 32  32  32  SER SER A . n 
A 1 33  ARG 33  33  33  ARG ARG A . n 
A 1 34  ASN 34  34  34  ASN ASN A . n 
A 1 35  LEU 35  35  35  LEU LEU A . n 
A 1 36  THR 36  36  36  THR THR A . n 
A 1 37  LYS 37  37  37  LYS LYS A . n 
A 1 38  ASP 38  38  38  ASP ASP A . n 
A 1 39  ARG 39  39  39  ARG ARG A . n 
A 1 40  CYS 40  40  40  CYS CYS A . n 
A 1 41  LYS 41  41  41  LYS LYS A . n 
A 1 42  PRO 42  42  42  PRO PRO A . n 
A 1 43  VAL 43  43  43  VAL VAL A . n 
A 1 44  ASN 44  44  44  ASN ASN A . n 
A 1 45  THR 45  45  45  THR THR A . n 
A 1 46  PHE 46  46  46  PHE PHE A . n 
A 1 47  VAL 47  47  47  VAL VAL A . n 
A 1 48  HIS 48  48  48  HIS HIS A . n 
A 1 49  GLU 49  49  49  GLU GLU A . n 
A 1 50  SER 50  50  50  SER SER A . n 
A 1 51  LEU 51  51  51  LEU LEU A . n 
A 1 52  ALA 52  52  52  ALA ALA A . n 
A 1 53  ASP 53  53  53  ASP ASP A . n 
A 1 54  VAL 54  54  54  VAL VAL A . n 
A 1 55  GLN 55  55  55  GLN GLN A . n 
A 1 56  ALA 56  56  56  ALA ALA A . n 
A 1 57  VAL 57  57  57  VAL VAL A . n 
A 1 58  CYS 58  58  58  CYS CYS A . n 
A 1 59  SER 59  59  59  SER SER A . n 
A 1 60  GLN 60  60  60  GLN GLN A . n 
A 1 61  LYS 61  61  61  LYS LYS A . n 
A 1 62  ASN 62  62  62  ASN ASN A . n 
A 1 63  VAL 63  63  63  VAL VAL A . n 
A 1 64  ALA 64  64  64  ALA ALA A . n 
A 1 65  CYS 65  65  65  CYS CYS A . n 
A 1 66  LYS 66  66  66  LYS LYS A . n 
A 1 67  ASN 67  67  67  ASN ASN A . n 
A 1 68  GLY 68  68  68  GLY GLY A . n 
A 1 69  GLN 69  69  69  GLN GLN A . n 
A 1 70  THR 70  70  70  THR THR A . n 
A 1 71  ASN 71  71  71  ASN ASN A . n 
A 1 72  CYS 72  72  72  CYS CYS A . n 
A 1 73  TYR 73  73  73  TYR TYR A . n 
A 1 74  GLN 74  74  74  GLN GLN A . n 
A 1 75  SER 75  75  75  SER SER A . n 
A 1 76  TYR 76  76  76  TYR TYR A . n 
A 1 77  SER 77  77  77  SER SER A . n 
A 1 78  THR 78  78  78  THR THR A . n 
A 1 79  MET 79  79  79  MET MET A . n 
A 1 80  SER 80  80  80  SER SER A . n 
A 1 81  ILE 81  81  81  ILE ILE A . n 
A 1 82  THR 82  82  82  THR THR A . n 
A 1 83  ASP 83  83  83  ASP ASP A . n 
A 1 84  CYS 84  84  84  CYS CYS A . n 
A 1 85  ARG 85  85  85  ARG ARG A . n 
A 1 86  GLU 86  86  86  GLU GLU A . n 
A 1 87  THR 87  87  87  THR THR A . n 
A 1 88  GLY 88  88  88  GLY GLY A . n 
A 1 89  SER 89  89  89  SER SER A . n 
A 1 90  SER 90  90  90  SER SER A . n 
A 1 91  LYS 91  91  91  LYS LYS A . n 
A 1 92  TYR 92  92  92  TYR TYR A . n 
A 1 93  PRO 93  93  93  PRO PRO A . n 
A 1 94  ASN 94  94  94  ASN ASN A . n 
A 1 95  CYS 95  95  95  CYS CYS A . n 
A 1 96  ALA 96  96  96  ALA ALA A . n 
A 1 97  TYR 97  97  97  TYR TYR A . n 
A 1 98  LYS 98  98  98  LYS LYS A . n 
A 1 99  THR 99  99  99  THR THR A . n 
A 1 100 THR 100 100 100 THR THR A . n 
A 1 101 GLN 101 101 101 GLN GLN A . n 
A 1 102 ALA 102 102 102 ALA ALA A . n 
A 1 103 ASN 103 103 103 ASN ASN A . n 
A 1 104 LYS 104 104 104 LYS LYS A . n 
A 1 105 HIS 105 105 105 HIS HIS A . n 
A 1 106 ILE 106 106 106 ILE ILE A . n 
A 1 107 ILE 107 107 107 ILE ILE A . n 
A 1 108 VAL 108 108 108 VAL VAL A . n 
A 1 109 ALA 109 109 109 ALA ALA A . n 
A 1 110 CYS 110 110 110 CYS CYS A . n 
A 1 111 GLU 111 111 111 GLU GLU A . n 
A 1 112 GLY 112 112 112 GLY GLY A . n 
A 1 113 ASN 113 113 113 ASN ASN A . n 
A 1 114 PRO 114 114 114 PRO PRO A . n 
A 1 115 TYR 115 115 115 TYR TYR A . n 
A 1 116 VAL 116 116 116 VAL VAL A . n 
A 1 117 PRO 117 117 117 PRO PRO A . n 
A 1 118 VAL 118 118 118 VAL VAL A . n 
A 1 119 HIS 119 119 119 HIS HIS A . n 
A 1 120 PHE 120 120 120 PHE PHE A . n 
A 1 121 ASP 121 121 121 ASP ASP A . n 
A 1 122 ALA 122 122 122 ALA ALA A . n 
A 1 123 SER 123 123 123 SER SER A . n 
A 1 124 VAL 124 124 124 VAL VAL A . n 
# 
loop_
_pdbx_nonpoly_scheme.asym_id 
_pdbx_nonpoly_scheme.entity_id 
_pdbx_nonpoly_scheme.mon_id 
_pdbx_nonpoly_scheme.ndb_seq_num 
_pdbx_nonpoly_scheme.pdb_seq_num 
_pdbx_nonpoly_scheme.auth_seq_num 
_pdbx_nonpoly_scheme.pdb_mon_id 
_pdbx_nonpoly_scheme.auth_mon_id 
_pdbx_nonpoly_scheme.pdb_strand_id 
_pdbx_nonpoly_scheme.pdb_ins_code 
B 2 SO4 1   201 201 SO4 SO4 A . 
C 3 YEG 1   203 203 YEG YEG A . 
D 3 YEG 1   204 204 YEG YEG A . 
E 3 YEG 1   206 206 YEG YEG A . 
F 4 HOH 1   301 301 HOH HOH A . 
F 4 HOH 2   302 302 HOH HOH A . 
F 4 HOH 3   303 303 HOH HOH A . 
F 4 HOH 4   304 304 HOH HOH A . 
F 4 HOH 5   305 305 HOH HOH A . 
F 4 HOH 6   306 306 HOH HOH A . 
F 4 HOH 7   307 307 HOH HOH A . 
F 4 HOH 8   308 308 HOH HOH A . 
F 4 HOH 9   309 309 HOH HOH A . 
F 4 HOH 10  310 310 HOH HOH A . 
F 4 HOH 11  311 311 HOH HOH A . 
F 4 HOH 12  312 312 HOH HOH A . 
F 4 HOH 13  313 313 HOH HOH A . 
F 4 HOH 14  314 314 HOH HOH A . 
F 4 HOH 15  315 315 HOH HOH A . 
F 4 HOH 16  316 316 HOH HOH A . 
F 4 HOH 17  317 317 HOH HOH A . 
F 4 HOH 18  318 318 HOH HOH A . 
F 4 HOH 19  319 319 HOH HOH A . 
F 4 HOH 20  320 320 HOH HOH A . 
F 4 HOH 21  321 321 HOH HOH A . 
F 4 HOH 22  322 322 HOH HOH A . 
F 4 HOH 23  323 323 HOH HOH A . 
F 4 HOH 24  324 324 HOH HOH A . 
F 4 HOH 25  325 325 HOH HOH A . 
F 4 HOH 26  326 326 HOH HOH A . 
F 4 HOH 27  327 327 HOH HOH A . 
F 4 HOH 28  328 328 HOH HOH A . 
F 4 HOH 29  329 329 HOH HOH A . 
F 4 HOH 30  330 330 HOH HOH A . 
F 4 HOH 31  331 331 HOH HOH A . 
F 4 HOH 32  332 332 HOH HOH A . 
F 4 HOH 33  333 333 HOH HOH A . 
F 4 HOH 34  334 334 HOH HOH A . 
F 4 HOH 35  335 335 HOH HOH A . 
F 4 HOH 36  336 336 HOH HOH A . 
F 4 HOH 37  337 337 HOH HOH A . 
F 4 HOH 38  338 338 HOH HOH A . 
F 4 HOH 39  339 339 HOH HOH A . 
F 4 HOH 40  340 340 HOH HOH A . 
F 4 HOH 41  341 341 HOH HOH A . 
F 4 HOH 42  342 342 HOH HOH A . 
F 4 HOH 43  343 343 HOH HOH A . 
F 4 HOH 44  344 344 HOH HOH A . 
F 4 HOH 45  345 345 HOH HOH A . 
F 4 HOH 46  346 346 HOH HOH A . 
F 4 HOH 47  347 347 HOH HOH A . 
F 4 HOH 48  348 348 HOH HOH A . 
F 4 HOH 49  349 349 HOH HOH A . 
F 4 HOH 50  350 350 HOH HOH A . 
F 4 HOH 51  351 351 HOH HOH A . 
F 4 HOH 52  352 352 HOH HOH A . 
F 4 HOH 53  353 353 HOH HOH A . 
F 4 HOH 54  354 354 HOH HOH A . 
F 4 HOH 55  355 355 HOH HOH A . 
F 4 HOH 56  356 356 HOH HOH A . 
F 4 HOH 57  357 357 HOH HOH A . 
F 4 HOH 58  358 358 HOH HOH A . 
F 4 HOH 59  359 359 HOH HOH A . 
F 4 HOH 60  360 360 HOH HOH A . 
F 4 HOH 61  361 361 HOH HOH A . 
F 4 HOH 62  362 362 HOH HOH A . 
F 4 HOH 63  363 363 HOH HOH A . 
F 4 HOH 64  364 364 HOH HOH A . 
F 4 HOH 65  365 365 HOH HOH A . 
F 4 HOH 66  366 366 HOH HOH A . 
F 4 HOH 67  367 367 HOH HOH A . 
F 4 HOH 68  368 368 HOH HOH A . 
F 4 HOH 69  369 369 HOH HOH A . 
F 4 HOH 70  370 370 HOH HOH A . 
F 4 HOH 71  372 372 HOH HOH A . 
F 4 HOH 72  373 373 HOH HOH A . 
F 4 HOH 73  375 375 HOH HOH A . 
F 4 HOH 74  380 380 HOH HOH A . 
F 4 HOH 75  386 386 HOH HOH A . 
F 4 HOH 76  388 388 HOH HOH A . 
F 4 HOH 77  389 389 HOH HOH A . 
F 4 HOH 78  391 391 HOH HOH A . 
F 4 HOH 79  393 393 HOH HOH A . 
F 4 HOH 80  396 396 HOH HOH A . 
F 4 HOH 81  398 398 HOH HOH A . 
F 4 HOH 82  401 401 HOH HOH A . 
F 4 HOH 83  402 402 HOH HOH A . 
F 4 HOH 84  403 403 HOH HOH A . 
F 4 HOH 85  404 404 HOH HOH A . 
F 4 HOH 86  405 405 HOH HOH A . 
F 4 HOH 87  412 412 HOH HOH A . 
F 4 HOH 88  413 413 HOH HOH A . 
F 4 HOH 89  414 414 HOH HOH A . 
F 4 HOH 90  415 415 HOH HOH A . 
F 4 HOH 91  416 416 HOH HOH A . 
F 4 HOH 92  417 417 HOH HOH A . 
F 4 HOH 93  418 418 HOH HOH A . 
F 4 HOH 94  419 419 HOH HOH A . 
F 4 HOH 95  421 421 HOH HOH A . 
F 4 HOH 96  428 428 HOH HOH A . 
F 4 HOH 97  434 434 HOH HOH A . 
F 4 HOH 98  435 435 HOH HOH A . 
F 4 HOH 99  436 436 HOH HOH A . 
F 4 HOH 100 451 451 HOH HOH A . 
F 4 HOH 101 452 452 HOH HOH A . 
F 4 HOH 102 453 453 HOH HOH A . 
# 
loop_
_software.pdbx_ordinal 
_software.name 
_software.version 
_software.date 
_software.type 
_software.contact_author 
_software.contact_author_email 
_software.classification 
_software.location 
_software.language 
_software.citation_id 
1 DENZO       .          ?                package 'Zbyszek Otwinowski' hkl@hkl-xray.com            'data reduction'  
http://www.hkl-xray.com/                    ?   ? 
2 SCALEPACK   .          ?                package 'Zbyszek Otwinowski' hkl@hkl-xray.com            'data scaling'    
http://www.hkl-xray.com/                    ?   ? 
3 PHASER      .          ?                program 'Randy J. Read'      cimr-phaser@lists.cam.ac.uk phasing           
http://www-structmed.cimr.cam.ac.uk/phaser/ ?   ? 
4 PHENIX      1.8.1_1168 ?                package 'Paul D. Adams'      PDAdams@lbl.gov             refinement        
http://www.phenix-online.org/               C++ ? 
5 PDB_EXTRACT 3.11       'April 22, 2011' package PDB                  deposit@deposit.rcsb.org    'data extraction' 
http://sw-tools.pdb.org/apps/PDB_EXTRACT/   C++ ? 
6 HKL-2000    .          ?                ?       ?                    ?                           'data collection' ? ?   ? 
7 HKL-2000    .          ?                ?       ?                    ?                           'data reduction'  ? ?   ? 
8 HKL-2000    .          ?                ?       ?                    ?                           'data scaling'    ? ?   ? 
# 
_cell.entry_id           4J60 
_cell.length_a           63.506 
_cell.length_b           63.506 
_cell.length_c           63.877 
_cell.angle_alpha        90.00 
_cell.angle_beta         90.00 
_cell.angle_gamma        120.00 
_cell.Z_PDB              6 
_cell.pdbx_unique_axis   ? 
# 
_symmetry.entry_id                         4J60 
_symmetry.space_group_name_H-M             'P 32 2 1' 
_symmetry.pdbx_full_space_group_name_H-M   ? 
_symmetry.cell_setting                     ? 
_symmetry.Int_Tables_number                154 
# 
_exptl.crystals_number   1 
_exptl.entry_id          4J60 
_exptl.method            'X-RAY DIFFRACTION' 
# 
_exptl_crystal.id                    1 
_exptl_crystal.density_Matthews      2.71 
_exptl_crystal.density_meas          ? 
_exptl_crystal.density_percent_sol   54.65 
_exptl_crystal.description           ? 
_exptl_crystal.F_000                 ? 
_exptl_crystal.preparation           ? 
# 
_exptl_crystal_grow.crystal_id      1 
_exptl_crystal_grow.method          'VAPOR DIFFUSION, HANGING DROP' 
_exptl_crystal_grow.pH              6.0 
_exptl_crystal_grow.temp            291 
_exptl_crystal_grow.pdbx_details    
;35% ammonium sulfate, 1.5 M sodium chloride, 35 mg/mL protein in 20 mM sodium phosphate buffer, pH 6.0, vapor diffusion, hanging drop, temperature 291K
;
_exptl_crystal_grow.temp_details    ? 
_exptl_crystal_grow.pdbx_pH_range   ? 
# 
_diffrn.id                     1 
_diffrn.ambient_temp           100 
_diffrn.ambient_temp_details   ? 
_diffrn.crystal_id             1 
# 
_diffrn_detector.diffrn_id              1 
_diffrn_detector.detector               'IMAGE PLATE' 
_diffrn_detector.type                   'MAR scanner 300 mm plate' 
_diffrn_detector.pdbx_collection_date   2004-12-15 
_diffrn_detector.details                mirror 
# 
_diffrn_radiation.diffrn_id                        1 
_diffrn_radiation.pdbx_diffrn_protocol             'SINGLE WAVELENGTH' 
_diffrn_radiation.monochromator                    'Double crystal - liquid nitrogen cooled' 
_diffrn_radiation.wavelength_id                    1 
_diffrn_radiation.pdbx_monochromatic_or_laue_m_l   M 
_diffrn_radiation.pdbx_scattering_type             x-ray 
# 
_diffrn_radiation_wavelength.id           1 
_diffrn_radiation_wavelength.wavelength   1.0 
_diffrn_radiation_wavelength.wt           1.0 
# 
_diffrn_source.diffrn_id                   1 
_diffrn_source.source                      SYNCHROTRON 
_diffrn_source.type                        'APS BEAMLINE 22-ID' 
_diffrn_source.pdbx_wavelength_list        1.0 
_diffrn_source.pdbx_wavelength             ? 
_diffrn_source.pdbx_synchrotron_site       APS 
_diffrn_source.pdbx_synchrotron_beamline   22-ID 
# 
_reflns.entry_id                     4J60 
_reflns.d_resolution_high            1.690 
_reflns.d_resolution_low             35.000 
_reflns.number_obs                   17121 
_reflns.pdbx_Rmerge_I_obs            0.073 
_reflns.pdbx_netI_over_sigmaI        9.600 
_reflns.pdbx_chi_squared             1.236 
_reflns.pdbx_redundancy              10.700 
_reflns.percent_possible_obs         99.900 
_reflns.observed_criterion_sigma_F   1.0 
_reflns.observed_criterion_sigma_I   1.0 
_reflns.number_all                   17122 
_reflns.pdbx_Rsym_value              ? 
_reflns.B_iso_Wilson_estimate        ? 
_reflns.R_free_details               ? 
_reflns.limit_h_max                  ? 
_reflns.limit_h_min                  ? 
_reflns.limit_k_max                  ? 
_reflns.limit_k_min                  ? 
_reflns.limit_l_max                  ? 
_reflns.limit_l_min                  ? 
_reflns.observed_criterion_F_max     ? 
_reflns.observed_criterion_F_min     ? 
_reflns.pdbx_scaling_rejects         ? 
_reflns.pdbx_ordinal                 1 
_reflns.pdbx_diffrn_id               1 
# 
loop_
_reflns_shell.d_res_high 
_reflns_shell.d_res_low 
_reflns_shell.number_measured_obs 
_reflns_shell.number_measured_all 
_reflns_shell.number_unique_obs 
_reflns_shell.Rmerge_I_obs 
_reflns_shell.meanI_over_sigI_obs 
_reflns_shell.pdbx_Rsym_value 
_reflns_shell.pdbx_chi_squared 
_reflns_shell.pdbx_redundancy 
_reflns_shell.percent_possible_obs 
_reflns_shell.number_unique_all 
_reflns_shell.percent_possible_all 
_reflns_shell.pdbx_ordinal 
_reflns_shell.pdbx_diffrn_id 
1.690 1.750  ? ? ? 0.498 ? ? 0.813 9.200  ? 1668 99.900  1  1 
1.750 1.820  ? ? ? 0.394 ? ? 0.856 10.700 ? 1703 100.000 2  1 
1.820 1.900  ? ? ? 0.278 ? ? 0.870 11.000 ? 1680 100.000 3  1 
1.900 2.000  ? ? ? 0.188 ? ? 0.962 11.000 ? 1691 100.000 4  1 
2.000 2.130  ? ? ? 0.133 ? ? 1.054 11.000 ? 1697 100.000 5  1 
2.130 2.290  ? ? ? 0.100 ? ? 1.114 11.000 ? 1704 100.000 6  1 
2.290 2.520  ? ? ? 0.081 ? ? 1.211 11.000 ? 1696 100.000 7  1 
2.520 2.890  ? ? ? 0.067 ? ? 1.404 11.000 ? 1730 100.000 8  1 
2.890 3.640  ? ? ? 0.055 ? ? 1.733 10.900 ? 1735 100.000 9  1 
3.640 35.000 ? ? ? 0.050 ? ? 2.254 10.200 ? 1817 99.500  10 1 
# 
_refine.entry_id                                 4J60 
_refine.ls_d_res_high                            1.6900 
_refine.ls_d_res_low                             25.2580 
_refine.pdbx_ls_sigma_F                          1.360 
_refine.pdbx_data_cutoff_high_absF               ? 
_refine.pdbx_data_cutoff_low_absF                ? 
_refine.ls_percent_reflns_obs                    99.9500 
_refine.ls_number_reflns_obs                     17093 
_refine.ls_number_reflns_all                     17101 
_refine.pdbx_ls_cross_valid_method               ? 
_refine.pdbx_R_Free_selection_details            RANDOM 
_refine.details                                  ? 
_refine.ls_R_factor_all                          0.1778 
_refine.ls_R_factor_obs                          0.1778 
_refine.ls_R_factor_R_work                       0.1758 
_refine.ls_wR_factor_R_work                      ? 
_refine.ls_R_factor_R_free                       0.1950 
_refine.ls_wR_factor_R_free                      ? 
_refine.ls_percent_reflns_R_free                 9.9700 
_refine.ls_number_reflns_R_free                  1705 
_refine.ls_R_factor_R_free_error                 ? 
_refine.B_iso_mean                               22.7673 
_refine.solvent_model_param_bsol                 ? 
_refine.solvent_model_param_ksol                 ? 
_refine.pdbx_isotropic_thermal_model             ? 
_refine.aniso_B[1][1]                            ? 
_refine.aniso_B[2][2]                            ? 
_refine.aniso_B[3][3]                            ? 
_refine.aniso_B[1][2]                            ? 
_refine.aniso_B[1][3]                            ? 
_refine.aniso_B[2][3]                            ? 
_refine.correlation_coeff_Fo_to_Fc               ? 
_refine.correlation_coeff_Fo_to_Fc_free          ? 
_refine.overall_SU_R_Cruickshank_DPI             ? 
_refine.overall_SU_R_free                        ? 
_refine.pdbx_overall_ESU_R                       ? 
_refine.pdbx_overall_ESU_R_Free                  ? 
_refine.overall_SU_ML                            0.1300 
_refine.overall_SU_B                             ? 
_refine.solvent_model_details                    'FLAT BULK SOLVENT MODEL' 
_refine.pdbx_solvent_vdw_probe_radii             1.1100 
_refine.pdbx_solvent_ion_probe_radii             ? 
_refine.pdbx_solvent_shrinkage_radii             0.9000 
_refine.ls_number_parameters                     ? 
_refine.ls_number_restraints                     ? 
_refine.pdbx_starting_model                      'PDB ENTRY 1RPH' 
_refine.pdbx_method_to_determine_struct          'MOLECULAR REPLACEMENT' 
_refine.pdbx_stereochemistry_target_values       ML 
_refine.pdbx_stereochem_target_val_spec_case     ? 
_refine.overall_FOM_work_R_set                   ? 
_refine.B_iso_max                                60.510 
_refine.B_iso_min                                10.200 
_refine.pdbx_overall_phase_error                 18.5000 
_refine.occupancy_max                            1.000 
_refine.occupancy_min                            1.000 
_refine.pdbx_ls_sigma_I                          ? 
_refine.ls_redundancy_reflns_obs                 ? 
_refine.ls_R_factor_R_free_error_details         ? 
_refine.pdbx_data_cutoff_high_rms_absF           ? 
_refine.overall_FOM_free_R_set                   ? 
_refine.pdbx_diffrn_id                           1 
_refine.pdbx_refine_id                           'X-RAY DIFFRACTION' 
_refine.pdbx_TLS_residual_ADP_flag               ? 
_refine.pdbx_overall_SU_R_free_Cruickshank_DPI   ? 
_refine.pdbx_overall_SU_R_Blow_DPI               ? 
_refine.pdbx_overall_SU_R_free_Blow_DPI          ? 
# 
_refine_hist.pdbx_refine_id                   'X-RAY DIFFRACTION' 
_refine_hist.cycle_id                         LAST 
_refine_hist.pdbx_number_atoms_protein        951 
_refine_hist.pdbx_number_atoms_nucleic_acid   0 
_refine_hist.pdbx_number_atoms_ligand         23 
_refine_hist.number_atoms_solvent             102 
_refine_hist.number_atoms_total               1076 
_refine_hist.d_res_high                       1.6900 
_refine_hist.d_res_low                        25.2580 
# 
loop_
_refine_ls_restr.type 
_refine_ls_restr.number 
_refine_ls_restr.dev_ideal 
_refine_ls_restr.dev_ideal_target 
_refine_ls_restr.weight 
_refine_ls_restr.pdbx_restraint_function 
_refine_ls_restr.pdbx_refine_id 
f_bond_d           993  0.007  ? ? ? 'X-RAY DIFFRACTION' 
f_angle_d          1333 1.190  ? ? ? 'X-RAY DIFFRACTION' 
f_chiral_restr     145  0.077  ? ? ? 'X-RAY DIFFRACTION' 
f_plane_restr      175  0.005  ? ? ? 'X-RAY DIFFRACTION' 
f_dihedral_angle_d 358  14.083 ? ? ? 'X-RAY DIFFRACTION' 
# 
loop_
_refine_ls_shell.d_res_high 
_refine_ls_shell.d_res_low 
_refine_ls_shell.pdbx_total_number_of_bins_used 
_refine_ls_shell.percent_reflns_obs 
_refine_ls_shell.number_reflns_R_work 
_refine_ls_shell.R_factor_all 
_refine_ls_shell.R_factor_R_work 
_refine_ls_shell.R_factor_R_free 
_refine_ls_shell.percent_reflns_R_free 
_refine_ls_shell.number_reflns_R_free 
_refine_ls_shell.R_factor_R_free_error 
_refine_ls_shell.number_reflns_all 
_refine_ls_shell.number_reflns_obs 
_refine_ls_shell.redundancy_reflns_obs 
_refine_ls_shell.pdbx_refine_id 
1.6898 1.7395  12 100.0000 1262 . 0.1900 0.2155 . 138 . 1400 . . 'X-RAY DIFFRACTION' 
1.7395 1.7957  12 100.0000 1265 . 0.1999 0.2128 . 140 . 1405 . . 'X-RAY DIFFRACTION' 
1.7957 1.8598  12 100.0000 1250 . 0.1712 0.2421 . 141 . 1391 . . 'X-RAY DIFFRACTION' 
1.8598 1.9343  12 100.0000 1269 . 0.1754 0.1681 . 144 . 1413 . . 'X-RAY DIFFRACTION' 
1.9343 2.0222  12 100.0000 1260 . 0.1692 0.2118 . 134 . 1394 . . 'X-RAY DIFFRACTION' 
2.0222 2.1288  12 100.0000 1282 . 0.1682 0.1938 . 142 . 1424 . . 'X-RAY DIFFRACTION' 
2.1288 2.2621  12 100.0000 1272 . 0.1731 0.1963 . 140 . 1412 . . 'X-RAY DIFFRACTION' 
2.2621 2.4366  12 100.0000 1287 . 0.1773 0.2265 . 141 . 1428 . . 'X-RAY DIFFRACTION' 
2.4366 2.6816  12 100.0000 1274 . 0.1824 0.2338 . 143 . 1417 . . 'X-RAY DIFFRACTION' 
2.6816 3.0691  12 100.0000 1290 . 0.1821 0.2136 . 143 . 1433 . . 'X-RAY DIFFRACTION' 
3.0691 3.8645  12 100.0000 1311 . 0.1634 0.1823 . 142 . 1453 . . 'X-RAY DIFFRACTION' 
3.8645 25.2606 12 100.0000 1366 . 0.1801 0.1606 . 157 . 1523 . . 'X-RAY DIFFRACTION' 
# 
_struct.entry_id                  4J60 
_struct.title                     'Crystal structure of Ribonuclease A soaked in 25% Cyclopentanol: One of twelve in MSCS set' 
_struct.pdbx_model_details        ? 
_struct.pdbx_CASP_flag            ? 
_struct.pdbx_model_type_details   ? 
# 
_struct_keywords.entry_id        4J60 
_struct_keywords.text            'Endoribonuclease, HYDROLASE' 
_struct_keywords.pdbx_keywords   HYDROLASE 
# 
loop_
_struct_asym.id 
_struct_asym.pdbx_blank_PDB_chainid_flag 
_struct_asym.pdbx_modified 
_struct_asym.entity_id 
_struct_asym.details 
A N N 1 ? 
B N N 2 ? 
C N N 3 ? 
D N N 3 ? 
E N N 3 ? 
F N N 4 ? 
# 
_struct_ref.id                         1 
_struct_ref.db_name                    UNP 
_struct_ref.db_code                    RNAS1_BOVIN 
_struct_ref.pdbx_db_accession          P61823 
_struct_ref.entity_id                  1 
_struct_ref.pdbx_seq_one_letter_code   
;KETAAAKFERQHMDSSTSAASSSNYCNQMMKSRNLTKDRCKPVNTFVHESLADVQAVCSQKNVACKNGQTNCYQSYSTMS
ITDCRETGSSKYPNCAYKTTQANKHIIVACEGNPYVPVHFDASV
;
_struct_ref.pdbx_align_begin           27 
_struct_ref.pdbx_db_isoform            ? 
# 
_struct_ref_seq.align_id                      1 
_struct_ref_seq.ref_id                        1 
_struct_ref_seq.pdbx_PDB_id_code              4J60 
_struct_ref_seq.pdbx_strand_id                A 
_struct_ref_seq.seq_align_beg                 1 
_struct_ref_seq.pdbx_seq_align_beg_ins_code   ? 
_struct_ref_seq.seq_align_end                 124 
_struct_ref_seq.pdbx_seq_align_end_ins_code   ? 
_struct_ref_seq.pdbx_db_accession             P61823 
_struct_ref_seq.db_align_beg                  27 
_struct_ref_seq.pdbx_db_align_beg_ins_code    ? 
_struct_ref_seq.db_align_end                  150 
_struct_ref_seq.pdbx_db_align_end_ins_code    ? 
_struct_ref_seq.pdbx_auth_seq_align_beg       1 
_struct_ref_seq.pdbx_auth_seq_align_end       124 
# 
_pdbx_struct_assembly.id                   1 
_pdbx_struct_assembly.details              author_and_software_defined_assembly 
_pdbx_struct_assembly.method_details       PISA 
_pdbx_struct_assembly.oligomeric_details   dimeric 
_pdbx_struct_assembly.oligomeric_count     2 
# 
loop_
_pdbx_struct_assembly_prop.biol_id 
_pdbx_struct_assembly_prop.type 
_pdbx_struct_assembly_prop.value 
_pdbx_struct_assembly_prop.details 
1 'ABSA (A^2)' 2560  ? 
1 MORE         -35   ? 
1 'SSA (A^2)'  11840 ? 
# 
_pdbx_struct_assembly_gen.assembly_id       1 
_pdbx_struct_assembly_gen.oper_expression   1,2 
_pdbx_struct_assembly_gen.asym_id_list      A,B,C,D,E,F 
# 
loop_
_pdbx_struct_oper_list.id 
_pdbx_struct_oper_list.type 
_pdbx_struct_oper_list.name 
_pdbx_struct_oper_list.symmetry_operation 
_pdbx_struct_oper_list.matrix[1][1] 
_pdbx_struct_oper_list.matrix[1][2] 
_pdbx_struct_oper_list.matrix[1][3] 
_pdbx_struct_oper_list.vector[1] 
_pdbx_struct_oper_list.matrix[2][1] 
_pdbx_struct_oper_list.matrix[2][2] 
_pdbx_struct_oper_list.matrix[2][3] 
_pdbx_struct_oper_list.vector[2] 
_pdbx_struct_oper_list.matrix[3][1] 
_pdbx_struct_oper_list.matrix[3][2] 
_pdbx_struct_oper_list.matrix[3][3] 
_pdbx_struct_oper_list.vector[3] 
1 'identity operation'         1_555 x,y,z      1.0000000000 0.0000000000  0.0000000000 0.0000000000 0.0000000000  1.0000000000  0.0000000000  0.0000000000  0.0000000000 0.0000000000  1.0000000000  0.0000000000 
2 'crystal symmetry operation' 4_645 y+1,x-1,-z 0.1512578388 -0.4840953958 0.8618426271 5.6490187344 -0.4840953958 -0.7964414709 -0.3623984425 20.1810872157 0.8618426271 -0.3623984425 -0.3548163679 3.7896643785 
# 
_struct_biol.id        1 
_struct_biol.details   ? 
# 
loop_
_struct_conf.conf_type_id 
_struct_conf.id 
_struct_conf.pdbx_PDB_helix_id 
_struct_conf.beg_label_comp_id 
_struct_conf.beg_label_asym_id 
_struct_conf.beg_label_seq_id 
_struct_conf.pdbx_beg_PDB_ins_code 
_struct_conf.end_label_comp_id 
_struct_conf.end_label_asym_id 
_struct_conf.end_label_seq_id 
_struct_conf.pdbx_end_PDB_ins_code 
_struct_conf.beg_auth_comp_id 
_struct_conf.beg_auth_asym_id 
_struct_conf.beg_auth_seq_id 
_struct_conf.end_auth_comp_id 
_struct_conf.end_auth_asym_id 
_struct_conf.end_auth_seq_id 
_struct_conf.pdbx_PDB_helix_class 
_struct_conf.details 
_struct_conf.pdbx_PDB_helix_length 
HELX_P HELX_P1 1 THR A 3  ? MET A 13 ? THR A 3  MET A 13 1 ? 11 
HELX_P HELX_P2 2 ASN A 24 ? ARG A 33 ? ASN A 24 ARG A 33 1 ? 10 
HELX_P HELX_P3 3 SER A 50 ? ALA A 56 ? SER A 50 ALA A 56 1 ? 7  
HELX_P HELX_P4 4 VAL A 57 ? GLN A 60 ? VAL A 57 GLN A 60 5 ? 4  
# 
_struct_conf_type.id          HELX_P 
_struct_conf_type.criteria    ? 
_struct_conf_type.reference   ? 
# 
loop_
_struct_conn.id 
_struct_conn.conn_type_id 
_struct_conn.pdbx_leaving_atom_flag 
_struct_conn.pdbx_PDB_id 
_struct_conn.ptnr1_label_asym_id 
_struct_conn.ptnr1_label_comp_id 
_struct_conn.ptnr1_label_seq_id 
_struct_conn.ptnr1_label_atom_id 
_struct_conn.pdbx_ptnr1_label_alt_id 
_struct_conn.pdbx_ptnr1_PDB_ins_code 
_struct_conn.pdbx_ptnr1_standard_comp_id 
_struct_conn.ptnr1_symmetry 
_struct_conn.ptnr2_label_asym_id 
_struct_conn.ptnr2_label_comp_id 
_struct_conn.ptnr2_label_seq_id 
_struct_conn.ptnr2_label_atom_id 
_struct_conn.pdbx_ptnr2_label_alt_id 
_struct_conn.pdbx_ptnr2_PDB_ins_code 
_struct_conn.ptnr1_auth_asym_id 
_struct_conn.ptnr1_auth_comp_id 
_struct_conn.ptnr1_auth_seq_id 
_struct_conn.ptnr2_auth_asym_id 
_struct_conn.ptnr2_auth_comp_id 
_struct_conn.ptnr2_auth_seq_id 
_struct_conn.ptnr2_symmetry 
_struct_conn.pdbx_ptnr3_label_atom_id 
_struct_conn.pdbx_ptnr3_label_seq_id 
_struct_conn.pdbx_ptnr3_label_comp_id 
_struct_conn.pdbx_ptnr3_label_asym_id 
_struct_conn.pdbx_ptnr3_label_alt_id 
_struct_conn.pdbx_ptnr3_PDB_ins_code 
_struct_conn.details 
_struct_conn.pdbx_dist_value 
_struct_conn.pdbx_value_order 
_struct_conn.pdbx_role 
disulf1 disulf ? ? A CYS 26 SG ? ? ? 1_555 A CYS 84  SG ? ? A CYS 26 A CYS 84  1_555 ? ? ? ? ? ? ? 2.025 ? ? 
disulf2 disulf ? ? A CYS 40 SG ? ? ? 1_555 A CYS 95  SG ? ? A CYS 40 A CYS 95  1_555 ? ? ? ? ? ? ? 2.027 ? ? 
disulf3 disulf ? ? A CYS 58 SG ? ? ? 1_555 A CYS 110 SG ? ? A CYS 58 A CYS 110 1_555 ? ? ? ? ? ? ? 2.029 ? ? 
disulf4 disulf ? ? A CYS 65 SG ? ? ? 1_555 A CYS 72  SG ? ? A CYS 65 A CYS 72  1_555 ? ? ? ? ? ? ? 2.027 ? ? 
# 
_struct_conn_type.id          disulf 
_struct_conn_type.criteria    ? 
_struct_conn_type.reference   ? 
# 
loop_
_pdbx_modification_feature.ordinal 
_pdbx_modification_feature.label_comp_id 
_pdbx_modification_feature.label_asym_id 
_pdbx_modification_feature.label_seq_id 
_pdbx_modification_feature.label_alt_id 
_pdbx_modification_feature.modified_residue_label_comp_id 
_pdbx_modification_feature.modified_residue_label_asym_id 
_pdbx_modification_feature.modified_residue_label_seq_id 
_pdbx_modification_feature.modified_residue_label_alt_id 
_pdbx_modification_feature.auth_comp_id 
_pdbx_modification_feature.auth_asym_id 
_pdbx_modification_feature.auth_seq_id 
_pdbx_modification_feature.PDB_ins_code 
_pdbx_modification_feature.symmetry 
_pdbx_modification_feature.modified_residue_auth_comp_id 
_pdbx_modification_feature.modified_residue_auth_asym_id 
_pdbx_modification_feature.modified_residue_auth_seq_id 
_pdbx_modification_feature.modified_residue_PDB_ins_code 
_pdbx_modification_feature.modified_residue_symmetry 
_pdbx_modification_feature.comp_id_linking_atom 
_pdbx_modification_feature.modified_residue_id_linking_atom 
_pdbx_modification_feature.modified_residue_id 
_pdbx_modification_feature.ref_pcm_id 
_pdbx_modification_feature.ref_comp_id 
_pdbx_modification_feature.type 
_pdbx_modification_feature.category 
1 CYS A 26 ? CYS A 84  ? CYS A 26 ? 1_555 CYS A 84  ? 1_555 SG SG . . . None 'Disulfide bridge' 
2 CYS A 40 ? CYS A 95  ? CYS A 40 ? 1_555 CYS A 95  ? 1_555 SG SG . . . None 'Disulfide bridge' 
3 CYS A 58 ? CYS A 110 ? CYS A 58 ? 1_555 CYS A 110 ? 1_555 SG SG . . . None 'Disulfide bridge' 
4 CYS A 65 ? CYS A 72  ? CYS A 65 ? 1_555 CYS A 72  ? 1_555 SG SG . . . None 'Disulfide bridge' 
# 
loop_
_struct_mon_prot_cis.pdbx_id 
_struct_mon_prot_cis.label_comp_id 
_struct_mon_prot_cis.label_seq_id 
_struct_mon_prot_cis.label_asym_id 
_struct_mon_prot_cis.label_alt_id 
_struct_mon_prot_cis.pdbx_PDB_ins_code 
_struct_mon_prot_cis.auth_comp_id 
_struct_mon_prot_cis.auth_seq_id 
_struct_mon_prot_cis.auth_asym_id 
_struct_mon_prot_cis.pdbx_label_comp_id_2 
_struct_mon_prot_cis.pdbx_label_seq_id_2 
_struct_mon_prot_cis.pdbx_label_asym_id_2 
_struct_mon_prot_cis.pdbx_PDB_ins_code_2 
_struct_mon_prot_cis.pdbx_auth_comp_id_2 
_struct_mon_prot_cis.pdbx_auth_seq_id_2 
_struct_mon_prot_cis.pdbx_auth_asym_id_2 
_struct_mon_prot_cis.pdbx_PDB_model_num 
_struct_mon_prot_cis.pdbx_omega_angle 
1 TYR 92  A . ? TYR 92  A PRO 93  A ? PRO 93  A 1 7.27 
2 ASN 113 A . ? ASN 113 A PRO 114 A ? PRO 114 A 1 5.69 
# 
loop_
_struct_sheet.id 
_struct_sheet.type 
_struct_sheet.number_strands 
_struct_sheet.details 
A ? 5 ? 
B ? 4 ? 
# 
loop_
_struct_sheet_order.sheet_id 
_struct_sheet_order.range_id_1 
_struct_sheet_order.range_id_2 
_struct_sheet_order.offset 
_struct_sheet_order.sense 
A 1 2 ? anti-parallel 
A 2 3 ? anti-parallel 
A 3 4 ? anti-parallel 
A 4 5 ? anti-parallel 
B 1 2 ? anti-parallel 
B 2 3 ? anti-parallel 
B 3 4 ? anti-parallel 
# 
loop_
_struct_sheet_range.sheet_id 
_struct_sheet_range.id 
_struct_sheet_range.beg_label_comp_id 
_struct_sheet_range.beg_label_asym_id 
_struct_sheet_range.beg_label_seq_id 
_struct_sheet_range.pdbx_beg_PDB_ins_code 
_struct_sheet_range.end_label_comp_id 
_struct_sheet_range.end_label_asym_id 
_struct_sheet_range.end_label_seq_id 
_struct_sheet_range.pdbx_end_PDB_ins_code 
_struct_sheet_range.beg_auth_comp_id 
_struct_sheet_range.beg_auth_asym_id 
_struct_sheet_range.beg_auth_seq_id 
_struct_sheet_range.end_auth_comp_id 
_struct_sheet_range.end_auth_asym_id 
_struct_sheet_range.end_auth_seq_id 
A 1 VAL A 43  ? VAL A 47  ? VAL A 43  VAL A 47  
A 2 MET A 79  ? GLU A 86  ? MET A 79  GLU A 86  
A 3 TYR A 97  ? GLU A 111 ? TYR A 97  GLU A 111 
A 4 CYS A 72  ? GLN A 74  ? CYS A 72  GLN A 74  
A 5 LYS A 61  ? VAL A 63  ? LYS A 61  VAL A 63  
B 1 VAL A 43  ? VAL A 47  ? VAL A 43  VAL A 47  
B 2 MET A 79  ? GLU A 86  ? MET A 79  GLU A 86  
B 3 TYR A 97  ? GLU A 111 ? TYR A 97  GLU A 111 
B 4 VAL A 116 ? VAL A 124 ? VAL A 116 VAL A 124 
# 
loop_
_pdbx_struct_sheet_hbond.sheet_id 
_pdbx_struct_sheet_hbond.range_id_1 
_pdbx_struct_sheet_hbond.range_id_2 
_pdbx_struct_sheet_hbond.range_1_label_atom_id 
_pdbx_struct_sheet_hbond.range_1_label_comp_id 
_pdbx_struct_sheet_hbond.range_1_label_asym_id 
_pdbx_struct_sheet_hbond.range_1_label_seq_id 
_pdbx_struct_sheet_hbond.range_1_PDB_ins_code 
_pdbx_struct_sheet_hbond.range_1_auth_atom_id 
_pdbx_struct_sheet_hbond.range_1_auth_comp_id 
_pdbx_struct_sheet_hbond.range_1_auth_asym_id 
_pdbx_struct_sheet_hbond.range_1_auth_seq_id 
_pdbx_struct_sheet_hbond.range_2_label_atom_id 
_pdbx_struct_sheet_hbond.range_2_label_comp_id 
_pdbx_struct_sheet_hbond.range_2_label_asym_id 
_pdbx_struct_sheet_hbond.range_2_label_seq_id 
_pdbx_struct_sheet_hbond.range_2_PDB_ins_code 
_pdbx_struct_sheet_hbond.range_2_auth_atom_id 
_pdbx_struct_sheet_hbond.range_2_auth_comp_id 
_pdbx_struct_sheet_hbond.range_2_auth_asym_id 
_pdbx_struct_sheet_hbond.range_2_auth_seq_id 
A 1 2 N PHE A 46  ? N PHE A 46  O THR A 82  ? O THR A 82  
A 2 3 N ARG A 85  ? N ARG A 85  O LYS A 98  ? O LYS A 98  
A 3 4 O VAL A 108 ? O VAL A 108 N TYR A 73  ? N TYR A 73  
A 4 5 O GLN A 74  ? O GLN A 74  N LYS A 61  ? N LYS A 61  
B 1 2 N PHE A 46  ? N PHE A 46  O THR A 82  ? O THR A 82  
B 2 3 N ARG A 85  ? N ARG A 85  O LYS A 98  ? O LYS A 98  
B 3 4 N ALA A 109 ? N ALA A 109 O VAL A 118 ? O VAL A 118 
# 
loop_
_struct_site.id 
_struct_site.pdbx_evidence_code 
_struct_site.pdbx_auth_asym_id 
_struct_site.pdbx_auth_comp_id 
_struct_site.pdbx_auth_seq_id 
_struct_site.pdbx_auth_ins_code 
_struct_site.pdbx_num_residues 
_struct_site.details 
AC1 Software A SO4 201 ? 8 'BINDING SITE FOR RESIDUE SO4 A 201' 
AC2 Software A YEG 203 ? 4 'BINDING SITE FOR RESIDUE YEG A 203' 
AC3 Software A YEG 204 ? 2 'BINDING SITE FOR RESIDUE YEG A 204' 
AC4 Software A YEG 206 ? 3 'BINDING SITE FOR RESIDUE YEG A 206' 
# 
loop_
_struct_site_gen.id 
_struct_site_gen.site_id 
_struct_site_gen.pdbx_num_res 
_struct_site_gen.label_comp_id 
_struct_site_gen.label_asym_id 
_struct_site_gen.label_seq_id 
_struct_site_gen.pdbx_auth_ins_code 
_struct_site_gen.auth_comp_id 
_struct_site_gen.auth_asym_id 
_struct_site_gen.auth_seq_id 
_struct_site_gen.label_atom_id 
_struct_site_gen.label_alt_id 
_struct_site_gen.symmetry 
_struct_site_gen.details 
1  AC1 8 GLN A 11  ? GLN A 11  . ? 1_555 ? 
2  AC1 8 HIS A 12  ? HIS A 12  . ? 1_555 ? 
3  AC1 8 LYS A 41  ? LYS A 41  . ? 1_555 ? 
4  AC1 8 HIS A 119 ? HIS A 119 . ? 1_555 ? 
5  AC1 8 PHE A 120 ? PHE A 120 . ? 1_555 ? 
6  AC1 8 HOH F .   ? HOH A 304 . ? 1_555 ? 
7  AC1 8 HOH F .   ? HOH A 356 . ? 1_555 ? 
8  AC1 8 HOH F .   ? HOH A 359 . ? 1_555 ? 
9  AC2 4 ASN A 62  ? ASN A 62  . ? 1_555 ? 
10 AC2 4 ALA A 64  ? ALA A 64  . ? 1_555 ? 
11 AC2 4 THR A 70  ? THR A 70  . ? 1_555 ? 
12 AC2 4 GLY A 88  ? GLY A 88  . ? 4_645 ? 
13 AC3 2 ASN A 24  ? ASN A 24  . ? 1_555 ? 
14 AC3 2 LYS A 31  ? LYS A 31  . ? 1_555 ? 
15 AC4 3 SER A 16  ? SER A 16  . ? 3_655 ? 
16 AC4 3 ALA A 52  ? ALA A 52  . ? 1_555 ? 
17 AC4 3 GLN A 55  ? GLN A 55  . ? 1_555 ? 
# 
_pdbx_entry_details.entry_id                   4J60 
_pdbx_entry_details.compound_details           ? 
_pdbx_entry_details.source_details             ? 
_pdbx_entry_details.nonpolymer_details         ? 
_pdbx_entry_details.sequence_details           ? 
_pdbx_entry_details.has_ligand_of_interest     ? 
_pdbx_entry_details.has_protein_modification   Y 
# 
loop_
_pdbx_validate_torsion.id 
_pdbx_validate_torsion.PDB_model_num 
_pdbx_validate_torsion.auth_comp_id 
_pdbx_validate_torsion.auth_asym_id 
_pdbx_validate_torsion.auth_seq_id 
_pdbx_validate_torsion.PDB_ins_code 
_pdbx_validate_torsion.label_alt_id 
_pdbx_validate_torsion.phi 
_pdbx_validate_torsion.psi 
1 1 HIS A 48 ? ? -102.74 59.96   
2 1 GLN A 60 ? ? -103.44 -135.21 
3 1 ASN A 94 ? ? -104.15 74.21   
# 
loop_
_pdbx_struct_special_symmetry.id 
_pdbx_struct_special_symmetry.PDB_model_num 
_pdbx_struct_special_symmetry.auth_asym_id 
_pdbx_struct_special_symmetry.auth_comp_id 
_pdbx_struct_special_symmetry.auth_seq_id 
_pdbx_struct_special_symmetry.PDB_ins_code 
_pdbx_struct_special_symmetry.label_asym_id 
_pdbx_struct_special_symmetry.label_comp_id 
_pdbx_struct_special_symmetry.label_seq_id 
1 1 A HOH 340 ? F HOH . 
2 1 A HOH 365 ? F HOH . 
# 
_phasing.method   MR 
# 
loop_
_chem_comp_atom.comp_id 
_chem_comp_atom.atom_id 
_chem_comp_atom.type_symbol 
_chem_comp_atom.pdbx_aromatic_flag 
_chem_comp_atom.pdbx_stereo_config 
_chem_comp_atom.pdbx_ordinal 
ALA N    N N N 1   
ALA CA   C N S 2   
ALA C    C N N 3   
ALA O    O N N 4   
ALA CB   C N N 5   
ALA OXT  O N N 6   
ALA H    H N N 7   
ALA H2   H N N 8   
ALA HA   H N N 9   
ALA HB1  H N N 10  
ALA HB2  H N N 11  
ALA HB3  H N N 12  
ALA HXT  H N N 13  
ARG N    N N N 14  
ARG CA   C N S 15  
ARG C    C N N 16  
ARG O    O N N 17  
ARG CB   C N N 18  
ARG CG   C N N 19  
ARG CD   C N N 20  
ARG NE   N N N 21  
ARG CZ   C N N 22  
ARG NH1  N N N 23  
ARG NH2  N N N 24  
ARG OXT  O N N 25  
ARG H    H N N 26  
ARG H2   H N N 27  
ARG HA   H N N 28  
ARG HB2  H N N 29  
ARG HB3  H N N 30  
ARG HG2  H N N 31  
ARG HG3  H N N 32  
ARG HD2  H N N 33  
ARG HD3  H N N 34  
ARG HE   H N N 35  
ARG HH11 H N N 36  
ARG HH12 H N N 37  
ARG HH21 H N N 38  
ARG HH22 H N N 39  
ARG HXT  H N N 40  
ASN N    N N N 41  
ASN CA   C N S 42  
ASN C    C N N 43  
ASN O    O N N 44  
ASN CB   C N N 45  
ASN CG   C N N 46  
ASN OD1  O N N 47  
ASN ND2  N N N 48  
ASN OXT  O N N 49  
ASN H    H N N 50  
ASN H2   H N N 51  
ASN HA   H N N 52  
ASN HB2  H N N 53  
ASN HB3  H N N 54  
ASN HD21 H N N 55  
ASN HD22 H N N 56  
ASN HXT  H N N 57  
ASP N    N N N 58  
ASP CA   C N S 59  
ASP C    C N N 60  
ASP O    O N N 61  
ASP CB   C N N 62  
ASP CG   C N N 63  
ASP OD1  O N N 64  
ASP OD2  O N N 65  
ASP OXT  O N N 66  
ASP H    H N N 67  
ASP H2   H N N 68  
ASP HA   H N N 69  
ASP HB2  H N N 70  
ASP HB3  H N N 71  
ASP HD2  H N N 72  
ASP HXT  H N N 73  
CYS N    N N N 74  
CYS CA   C N R 75  
CYS C    C N N 76  
CYS O    O N N 77  
CYS CB   C N N 78  
CYS SG   S N N 79  
CYS OXT  O N N 80  
CYS H    H N N 81  
CYS H2   H N N 82  
CYS HA   H N N 83  
CYS HB2  H N N 84  
CYS HB3  H N N 85  
CYS HG   H N N 86  
CYS HXT  H N N 87  
GLN N    N N N 88  
GLN CA   C N S 89  
GLN C    C N N 90  
GLN O    O N N 91  
GLN CB   C N N 92  
GLN CG   C N N 93  
GLN CD   C N N 94  
GLN OE1  O N N 95  
GLN NE2  N N N 96  
GLN OXT  O N N 97  
GLN H    H N N 98  
GLN H2   H N N 99  
GLN HA   H N N 100 
GLN HB2  H N N 101 
GLN HB3  H N N 102 
GLN HG2  H N N 103 
GLN HG3  H N N 104 
GLN HE21 H N N 105 
GLN HE22 H N N 106 
GLN HXT  H N N 107 
GLU N    N N N 108 
GLU CA   C N S 109 
GLU C    C N N 110 
GLU O    O N N 111 
GLU CB   C N N 112 
GLU CG   C N N 113 
GLU CD   C N N 114 
GLU OE1  O N N 115 
GLU OE2  O N N 116 
GLU OXT  O N N 117 
GLU H    H N N 118 
GLU H2   H N N 119 
GLU HA   H N N 120 
GLU HB2  H N N 121 
GLU HB3  H N N 122 
GLU HG2  H N N 123 
GLU HG3  H N N 124 
GLU HE2  H N N 125 
GLU HXT  H N N 126 
GLY N    N N N 127 
GLY CA   C N N 128 
GLY C    C N N 129 
GLY O    O N N 130 
GLY OXT  O N N 131 
GLY H    H N N 132 
GLY H2   H N N 133 
GLY HA2  H N N 134 
GLY HA3  H N N 135 
GLY HXT  H N N 136 
HIS N    N N N 137 
HIS CA   C N S 138 
HIS C    C N N 139 
HIS O    O N N 140 
HIS CB   C N N 141 
HIS CG   C Y N 142 
HIS ND1  N Y N 143 
HIS CD2  C Y N 144 
HIS CE1  C Y N 145 
HIS NE2  N Y N 146 
HIS OXT  O N N 147 
HIS H    H N N 148 
HIS H2   H N N 149 
HIS HA   H N N 150 
HIS HB2  H N N 151 
HIS HB3  H N N 152 
HIS HD1  H N N 153 
HIS HD2  H N N 154 
HIS HE1  H N N 155 
HIS HE2  H N N 156 
HIS HXT  H N N 157 
HOH O    O N N 158 
HOH H1   H N N 159 
HOH H2   H N N 160 
ILE N    N N N 161 
ILE CA   C N S 162 
ILE C    C N N 163 
ILE O    O N N 164 
ILE CB   C N S 165 
ILE CG1  C N N 166 
ILE CG2  C N N 167 
ILE CD1  C N N 168 
ILE OXT  O N N 169 
ILE H    H N N 170 
ILE H2   H N N 171 
ILE HA   H N N 172 
ILE HB   H N N 173 
ILE HG12 H N N 174 
ILE HG13 H N N 175 
ILE HG21 H N N 176 
ILE HG22 H N N 177 
ILE HG23 H N N 178 
ILE HD11 H N N 179 
ILE HD12 H N N 180 
ILE HD13 H N N 181 
ILE HXT  H N N 182 
LEU N    N N N 183 
LEU CA   C N S 184 
LEU C    C N N 185 
LEU O    O N N 186 
LEU CB   C N N 187 
LEU CG   C N N 188 
LEU CD1  C N N 189 
LEU CD2  C N N 190 
LEU OXT  O N N 191 
LEU H    H N N 192 
LEU H2   H N N 193 
LEU HA   H N N 194 
LEU HB2  H N N 195 
LEU HB3  H N N 196 
LEU HG   H N N 197 
LEU HD11 H N N 198 
LEU HD12 H N N 199 
LEU HD13 H N N 200 
LEU HD21 H N N 201 
LEU HD22 H N N 202 
LEU HD23 H N N 203 
LEU HXT  H N N 204 
LYS N    N N N 205 
LYS CA   C N S 206 
LYS C    C N N 207 
LYS O    O N N 208 
LYS CB   C N N 209 
LYS CG   C N N 210 
LYS CD   C N N 211 
LYS CE   C N N 212 
LYS NZ   N N N 213 
LYS OXT  O N N 214 
LYS H    H N N 215 
LYS H2   H N N 216 
LYS HA   H N N 217 
LYS HB2  H N N 218 
LYS HB3  H N N 219 
LYS HG2  H N N 220 
LYS HG3  H N N 221 
LYS HD2  H N N 222 
LYS HD3  H N N 223 
LYS HE2  H N N 224 
LYS HE3  H N N 225 
LYS HZ1  H N N 226 
LYS HZ2  H N N 227 
LYS HZ3  H N N 228 
LYS HXT  H N N 229 
MET N    N N N 230 
MET CA   C N S 231 
MET C    C N N 232 
MET O    O N N 233 
MET CB   C N N 234 
MET CG   C N N 235 
MET SD   S N N 236 
MET CE   C N N 237 
MET OXT  O N N 238 
MET H    H N N 239 
MET H2   H N N 240 
MET HA   H N N 241 
MET HB2  H N N 242 
MET HB3  H N N 243 
MET HG2  H N N 244 
MET HG3  H N N 245 
MET HE1  H N N 246 
MET HE2  H N N 247 
MET HE3  H N N 248 
MET HXT  H N N 249 
PHE N    N N N 250 
PHE CA   C N S 251 
PHE C    C N N 252 
PHE O    O N N 253 
PHE CB   C N N 254 
PHE CG   C Y N 255 
PHE CD1  C Y N 256 
PHE CD2  C Y N 257 
PHE CE1  C Y N 258 
PHE CE2  C Y N 259 
PHE CZ   C Y N 260 
PHE OXT  O N N 261 
PHE H    H N N 262 
PHE H2   H N N 263 
PHE HA   H N N 264 
PHE HB2  H N N 265 
PHE HB3  H N N 266 
PHE HD1  H N N 267 
PHE HD2  H N N 268 
PHE HE1  H N N 269 
PHE HE2  H N N 270 
PHE HZ   H N N 271 
PHE HXT  H N N 272 
PRO N    N N N 273 
PRO CA   C N S 274 
PRO C    C N N 275 
PRO O    O N N 276 
PRO CB   C N N 277 
PRO CG   C N N 278 
PRO CD   C N N 279 
PRO OXT  O N N 280 
PRO H    H N N 281 
PRO HA   H N N 282 
PRO HB2  H N N 283 
PRO HB3  H N N 284 
PRO HG2  H N N 285 
PRO HG3  H N N 286 
PRO HD2  H N N 287 
PRO HD3  H N N 288 
PRO HXT  H N N 289 
SER N    N N N 290 
SER CA   C N S 291 
SER C    C N N 292 
SER O    O N N 293 
SER CB   C N N 294 
SER OG   O N N 295 
SER OXT  O N N 296 
SER H    H N N 297 
SER H2   H N N 298 
SER HA   H N N 299 
SER HB2  H N N 300 
SER HB3  H N N 301 
SER HG   H N N 302 
SER HXT  H N N 303 
SO4 S    S N N 304 
SO4 O1   O N N 305 
SO4 O2   O N N 306 
SO4 O3   O N N 307 
SO4 O4   O N N 308 
THR N    N N N 309 
THR CA   C N S 310 
THR C    C N N 311 
THR O    O N N 312 
THR CB   C N R 313 
THR OG1  O N N 314 
THR CG2  C N N 315 
THR OXT  O N N 316 
THR H    H N N 317 
THR H2   H N N 318 
THR HA   H N N 319 
THR HB   H N N 320 
THR HG1  H N N 321 
THR HG21 H N N 322 
THR HG22 H N N 323 
THR HG23 H N N 324 
THR HXT  H N N 325 
TYR N    N N N 326 
TYR CA   C N S 327 
TYR C    C N N 328 
TYR O    O N N 329 
TYR CB   C N N 330 
TYR CG   C Y N 331 
TYR CD1  C Y N 332 
TYR CD2  C Y N 333 
TYR CE1  C Y N 334 
TYR CE2  C Y N 335 
TYR CZ   C Y N 336 
TYR OH   O N N 337 
TYR OXT  O N N 338 
TYR H    H N N 339 
TYR H2   H N N 340 
TYR HA   H N N 341 
TYR HB2  H N N 342 
TYR HB3  H N N 343 
TYR HD1  H N N 344 
TYR HD2  H N N 345 
TYR HE1  H N N 346 
TYR HE2  H N N 347 
TYR HH   H N N 348 
TYR HXT  H N N 349 
VAL N    N N N 350 
VAL CA   C N S 351 
VAL C    C N N 352 
VAL O    O N N 353 
VAL CB   C N N 354 
VAL CG1  C N N 355 
VAL CG2  C N N 356 
VAL OXT  O N N 357 
VAL H    H N N 358 
VAL H2   H N N 359 
VAL HA   H N N 360 
VAL HB   H N N 361 
VAL HG11 H N N 362 
VAL HG12 H N N 363 
VAL HG13 H N N 364 
VAL HG21 H N N 365 
VAL HG22 H N N 366 
VAL HG23 H N N 367 
VAL HXT  H N N 368 
YEG C01  C N N 369 
YEG C02  C N N 370 
YEG C03  C N N 371 
YEG C04  C N N 372 
YEG C05  C N N 373 
YEG O06  O N N 374 
YEG H01  H N N 375 
YEG H01A H N N 376 
YEG H02  H N N 377 
YEG H02A H N N 378 
YEG H03  H N N 379 
YEG H03A H N N 380 
YEG H04  H N N 381 
YEG H05  H N N 382 
YEG H05A H N N 383 
YEG HO06 H N N 384 
# 
loop_
_chem_comp_bond.comp_id 
_chem_comp_bond.atom_id_1 
_chem_comp_bond.atom_id_2 
_chem_comp_bond.value_order 
_chem_comp_bond.pdbx_aromatic_flag 
_chem_comp_bond.pdbx_stereo_config 
_chem_comp_bond.pdbx_ordinal 
ALA N   CA   sing N N 1   
ALA N   H    sing N N 2   
ALA N   H2   sing N N 3   
ALA CA  C    sing N N 4   
ALA CA  CB   sing N N 5   
ALA CA  HA   sing N N 6   
ALA C   O    doub N N 7   
ALA C   OXT  sing N N 8   
ALA CB  HB1  sing N N 9   
ALA CB  HB2  sing N N 10  
ALA CB  HB3  sing N N 11  
ALA OXT HXT  sing N N 12  
ARG N   CA   sing N N 13  
ARG N   H    sing N N 14  
ARG N   H2   sing N N 15  
ARG CA  C    sing N N 16  
ARG CA  CB   sing N N 17  
ARG CA  HA   sing N N 18  
ARG C   O    doub N N 19  
ARG C   OXT  sing N N 20  
ARG CB  CG   sing N N 21  
ARG CB  HB2  sing N N 22  
ARG CB  HB3  sing N N 23  
ARG CG  CD   sing N N 24  
ARG CG  HG2  sing N N 25  
ARG CG  HG3  sing N N 26  
ARG CD  NE   sing N N 27  
ARG CD  HD2  sing N N 28  
ARG CD  HD3  sing N N 29  
ARG NE  CZ   sing N N 30  
ARG NE  HE   sing N N 31  
ARG CZ  NH1  sing N N 32  
ARG CZ  NH2  doub N N 33  
ARG NH1 HH11 sing N N 34  
ARG NH1 HH12 sing N N 35  
ARG NH2 HH21 sing N N 36  
ARG NH2 HH22 sing N N 37  
ARG OXT HXT  sing N N 38  
ASN N   CA   sing N N 39  
ASN N   H    sing N N 40  
ASN N   H2   sing N N 41  
ASN CA  C    sing N N 42  
ASN CA  CB   sing N N 43  
ASN CA  HA   sing N N 44  
ASN C   O    doub N N 45  
ASN C   OXT  sing N N 46  
ASN CB  CG   sing N N 47  
ASN CB  HB2  sing N N 48  
ASN CB  HB3  sing N N 49  
ASN CG  OD1  doub N N 50  
ASN CG  ND2  sing N N 51  
ASN ND2 HD21 sing N N 52  
ASN ND2 HD22 sing N N 53  
ASN OXT HXT  sing N N 54  
ASP N   CA   sing N N 55  
ASP N   H    sing N N 56  
ASP N   H2   sing N N 57  
ASP CA  C    sing N N 58  
ASP CA  CB   sing N N 59  
ASP CA  HA   sing N N 60  
ASP C   O    doub N N 61  
ASP C   OXT  sing N N 62  
ASP CB  CG   sing N N 63  
ASP CB  HB2  sing N N 64  
ASP CB  HB3  sing N N 65  
ASP CG  OD1  doub N N 66  
ASP CG  OD2  sing N N 67  
ASP OD2 HD2  sing N N 68  
ASP OXT HXT  sing N N 69  
CYS N   CA   sing N N 70  
CYS N   H    sing N N 71  
CYS N   H2   sing N N 72  
CYS CA  C    sing N N 73  
CYS CA  CB   sing N N 74  
CYS CA  HA   sing N N 75  
CYS C   O    doub N N 76  
CYS C   OXT  sing N N 77  
CYS CB  SG   sing N N 78  
CYS CB  HB2  sing N N 79  
CYS CB  HB3  sing N N 80  
CYS SG  HG   sing N N 81  
CYS OXT HXT  sing N N 82  
GLN N   CA   sing N N 83  
GLN N   H    sing N N 84  
GLN N   H2   sing N N 85  
GLN CA  C    sing N N 86  
GLN CA  CB   sing N N 87  
GLN CA  HA   sing N N 88  
GLN C   O    doub N N 89  
GLN C   OXT  sing N N 90  
GLN CB  CG   sing N N 91  
GLN CB  HB2  sing N N 92  
GLN CB  HB3  sing N N 93  
GLN CG  CD   sing N N 94  
GLN CG  HG2  sing N N 95  
GLN CG  HG3  sing N N 96  
GLN CD  OE1  doub N N 97  
GLN CD  NE2  sing N N 98  
GLN NE2 HE21 sing N N 99  
GLN NE2 HE22 sing N N 100 
GLN OXT HXT  sing N N 101 
GLU N   CA   sing N N 102 
GLU N   H    sing N N 103 
GLU N   H2   sing N N 104 
GLU CA  C    sing N N 105 
GLU CA  CB   sing N N 106 
GLU CA  HA   sing N N 107 
GLU C   O    doub N N 108 
GLU C   OXT  sing N N 109 
GLU CB  CG   sing N N 110 
GLU CB  HB2  sing N N 111 
GLU CB  HB3  sing N N 112 
GLU CG  CD   sing N N 113 
GLU CG  HG2  sing N N 114 
GLU CG  HG3  sing N N 115 
GLU CD  OE1  doub N N 116 
GLU CD  OE2  sing N N 117 
GLU OE2 HE2  sing N N 118 
GLU OXT HXT  sing N N 119 
GLY N   CA   sing N N 120 
GLY N   H    sing N N 121 
GLY N   H2   sing N N 122 
GLY CA  C    sing N N 123 
GLY CA  HA2  sing N N 124 
GLY CA  HA3  sing N N 125 
GLY C   O    doub N N 126 
GLY C   OXT  sing N N 127 
GLY OXT HXT  sing N N 128 
HIS N   CA   sing N N 129 
HIS N   H    sing N N 130 
HIS N   H2   sing N N 131 
HIS CA  C    sing N N 132 
HIS CA  CB   sing N N 133 
HIS CA  HA   sing N N 134 
HIS C   O    doub N N 135 
HIS C   OXT  sing N N 136 
HIS CB  CG   sing N N 137 
HIS CB  HB2  sing N N 138 
HIS CB  HB3  sing N N 139 
HIS CG  ND1  sing Y N 140 
HIS CG  CD2  doub Y N 141 
HIS ND1 CE1  doub Y N 142 
HIS ND1 HD1  sing N N 143 
HIS CD2 NE2  sing Y N 144 
HIS CD2 HD2  sing N N 145 
HIS CE1 NE2  sing Y N 146 
HIS CE1 HE1  sing N N 147 
HIS NE2 HE2  sing N N 148 
HIS OXT HXT  sing N N 149 
HOH O   H1   sing N N 150 
HOH O   H2   sing N N 151 
ILE N   CA   sing N N 152 
ILE N   H    sing N N 153 
ILE N   H2   sing N N 154 
ILE CA  C    sing N N 155 
ILE CA  CB   sing N N 156 
ILE CA  HA   sing N N 157 
ILE C   O    doub N N 158 
ILE C   OXT  sing N N 159 
ILE CB  CG1  sing N N 160 
ILE CB  CG2  sing N N 161 
ILE CB  HB   sing N N 162 
ILE CG1 CD1  sing N N 163 
ILE CG1 HG12 sing N N 164 
ILE CG1 HG13 sing N N 165 
ILE CG2 HG21 sing N N 166 
ILE CG2 HG22 sing N N 167 
ILE CG2 HG23 sing N N 168 
ILE CD1 HD11 sing N N 169 
ILE CD1 HD12 sing N N 170 
ILE CD1 HD13 sing N N 171 
ILE OXT HXT  sing N N 172 
LEU N   CA   sing N N 173 
LEU N   H    sing N N 174 
LEU N   H2   sing N N 175 
LEU CA  C    sing N N 176 
LEU CA  CB   sing N N 177 
LEU CA  HA   sing N N 178 
LEU C   O    doub N N 179 
LEU C   OXT  sing N N 180 
LEU CB  CG   sing N N 181 
LEU CB  HB2  sing N N 182 
LEU CB  HB3  sing N N 183 
LEU CG  CD1  sing N N 184 
LEU CG  CD2  sing N N 185 
LEU CG  HG   sing N N 186 
LEU CD1 HD11 sing N N 187 
LEU CD1 HD12 sing N N 188 
LEU CD1 HD13 sing N N 189 
LEU CD2 HD21 sing N N 190 
LEU CD2 HD22 sing N N 191 
LEU CD2 HD23 sing N N 192 
LEU OXT HXT  sing N N 193 
LYS N   CA   sing N N 194 
LYS N   H    sing N N 195 
LYS N   H2   sing N N 196 
LYS CA  C    sing N N 197 
LYS CA  CB   sing N N 198 
LYS CA  HA   sing N N 199 
LYS C   O    doub N N 200 
LYS C   OXT  sing N N 201 
LYS CB  CG   sing N N 202 
LYS CB  HB2  sing N N 203 
LYS CB  HB3  sing N N 204 
LYS CG  CD   sing N N 205 
LYS CG  HG2  sing N N 206 
LYS CG  HG3  sing N N 207 
LYS CD  CE   sing N N 208 
LYS CD  HD2  sing N N 209 
LYS CD  HD3  sing N N 210 
LYS CE  NZ   sing N N 211 
LYS CE  HE2  sing N N 212 
LYS CE  HE3  sing N N 213 
LYS NZ  HZ1  sing N N 214 
LYS NZ  HZ2  sing N N 215 
LYS NZ  HZ3  sing N N 216 
LYS OXT HXT  sing N N 217 
MET N   CA   sing N N 218 
MET N   H    sing N N 219 
MET N   H2   sing N N 220 
MET CA  C    sing N N 221 
MET CA  CB   sing N N 222 
MET CA  HA   sing N N 223 
MET C   O    doub N N 224 
MET C   OXT  sing N N 225 
MET CB  CG   sing N N 226 
MET CB  HB2  sing N N 227 
MET CB  HB3  sing N N 228 
MET CG  SD   sing N N 229 
MET CG  HG2  sing N N 230 
MET CG  HG3  sing N N 231 
MET SD  CE   sing N N 232 
MET CE  HE1  sing N N 233 
MET CE  HE2  sing N N 234 
MET CE  HE3  sing N N 235 
MET OXT HXT  sing N N 236 
PHE N   CA   sing N N 237 
PHE N   H    sing N N 238 
PHE N   H2   sing N N 239 
PHE CA  C    sing N N 240 
PHE CA  CB   sing N N 241 
PHE CA  HA   sing N N 242 
PHE C   O    doub N N 243 
PHE C   OXT  sing N N 244 
PHE CB  CG   sing N N 245 
PHE CB  HB2  sing N N 246 
PHE CB  HB3  sing N N 247 
PHE CG  CD1  doub Y N 248 
PHE CG  CD2  sing Y N 249 
PHE CD1 CE1  sing Y N 250 
PHE CD1 HD1  sing N N 251 
PHE CD2 CE2  doub Y N 252 
PHE CD2 HD2  sing N N 253 
PHE CE1 CZ   doub Y N 254 
PHE CE1 HE1  sing N N 255 
PHE CE2 CZ   sing Y N 256 
PHE CE2 HE2  sing N N 257 
PHE CZ  HZ   sing N N 258 
PHE OXT HXT  sing N N 259 
PRO N   CA   sing N N 260 
PRO N   CD   sing N N 261 
PRO N   H    sing N N 262 
PRO CA  C    sing N N 263 
PRO CA  CB   sing N N 264 
PRO CA  HA   sing N N 265 
PRO C   O    doub N N 266 
PRO C   OXT  sing N N 267 
PRO CB  CG   sing N N 268 
PRO CB  HB2  sing N N 269 
PRO CB  HB3  sing N N 270 
PRO CG  CD   sing N N 271 
PRO CG  HG2  sing N N 272 
PRO CG  HG3  sing N N 273 
PRO CD  HD2  sing N N 274 
PRO CD  HD3  sing N N 275 
PRO OXT HXT  sing N N 276 
SER N   CA   sing N N 277 
SER N   H    sing N N 278 
SER N   H2   sing N N 279 
SER CA  C    sing N N 280 
SER CA  CB   sing N N 281 
SER CA  HA   sing N N 282 
SER C   O    doub N N 283 
SER C   OXT  sing N N 284 
SER CB  OG   sing N N 285 
SER CB  HB2  sing N N 286 
SER CB  HB3  sing N N 287 
SER OG  HG   sing N N 288 
SER OXT HXT  sing N N 289 
SO4 S   O1   doub N N 290 
SO4 S   O2   doub N N 291 
SO4 S   O3   sing N N 292 
SO4 S   O4   sing N N 293 
THR N   CA   sing N N 294 
THR N   H    sing N N 295 
THR N   H2   sing N N 296 
THR CA  C    sing N N 297 
THR CA  CB   sing N N 298 
THR CA  HA   sing N N 299 
THR C   O    doub N N 300 
THR C   OXT  sing N N 301 
THR CB  OG1  sing N N 302 
THR CB  CG2  sing N N 303 
THR CB  HB   sing N N 304 
THR OG1 HG1  sing N N 305 
THR CG2 HG21 sing N N 306 
THR CG2 HG22 sing N N 307 
THR CG2 HG23 sing N N 308 
THR OXT HXT  sing N N 309 
TYR N   CA   sing N N 310 
TYR N   H    sing N N 311 
TYR N   H2   sing N N 312 
TYR CA  C    sing N N 313 
TYR CA  CB   sing N N 314 
TYR CA  HA   sing N N 315 
TYR C   O    doub N N 316 
TYR C   OXT  sing N N 317 
TYR CB  CG   sing N N 318 
TYR CB  HB2  sing N N 319 
TYR CB  HB3  sing N N 320 
TYR CG  CD1  doub Y N 321 
TYR CG  CD2  sing Y N 322 
TYR CD1 CE1  sing Y N 323 
TYR CD1 HD1  sing N N 324 
TYR CD2 CE2  doub Y N 325 
TYR CD2 HD2  sing N N 326 
TYR CE1 CZ   doub Y N 327 
TYR CE1 HE1  sing N N 328 
TYR CE2 CZ   sing Y N 329 
TYR CE2 HE2  sing N N 330 
TYR CZ  OH   sing N N 331 
TYR OH  HH   sing N N 332 
TYR OXT HXT  sing N N 333 
VAL N   CA   sing N N 334 
VAL N   H    sing N N 335 
VAL N   H2   sing N N 336 
VAL CA  C    sing N N 337 
VAL CA  CB   sing N N 338 
VAL CA  HA   sing N N 339 
VAL C   O    doub N N 340 
VAL C   OXT  sing N N 341 
VAL CB  CG1  sing N N 342 
VAL CB  CG2  sing N N 343 
VAL CB  HB   sing N N 344 
VAL CG1 HG11 sing N N 345 
VAL CG1 HG12 sing N N 346 
VAL CG1 HG13 sing N N 347 
VAL CG2 HG21 sing N N 348 
VAL CG2 HG22 sing N N 349 
VAL CG2 HG23 sing N N 350 
VAL OXT HXT  sing N N 351 
YEG C02 C01  sing N N 352 
YEG C05 C01  sing N N 353 
YEG C01 H01  sing N N 354 
YEG C01 H01A sing N N 355 
YEG C03 C02  sing N N 356 
YEG C02 H02  sing N N 357 
YEG C02 H02A sing N N 358 
YEG C04 C03  sing N N 359 
YEG C03 H03  sing N N 360 
YEG C03 H03A sing N N 361 
YEG C04 O06  sing N N 362 
YEG C04 C05  sing N N 363 
YEG C04 H04  sing N N 364 
YEG C05 H05  sing N N 365 
YEG C05 H05A sing N N 366 
YEG O06 HO06 sing N N 367 
# 
_pdbx_initial_refinement_model.id               1 
_pdbx_initial_refinement_model.entity_id_list   ? 
_pdbx_initial_refinement_model.type             'experimental model' 
_pdbx_initial_refinement_model.source_name      PDB 
_pdbx_initial_refinement_model.accession_code   1RPH 
_pdbx_initial_refinement_model.details          'PDB ENTRY 1RPH' 
# 
_atom_sites.entry_id                    4J60 
_atom_sites.fract_transf_matrix[1][1]   -0.00692378 
_atom_sites.fract_transf_matrix[1][2]   0.01208844 
_atom_sites.fract_transf_matrix[1][3]   -0.01168525 
_atom_sites.fract_transf_matrix[2][1]   -0.01697022 
_atom_sites.fract_transf_matrix[2][2]   -0.00204089 
_atom_sites.fract_transf_matrix[2][3]   -0.00620224 
_atom_sites.fract_transf_matrix[3][1]   -0.00540320 
_atom_sites.fract_transf_matrix[3][2]   0.00849424 
_atom_sites.fract_transf_matrix[3][3]   0.01198884 
_atom_sites.fract_transf_vector[1]      0.513275 
_atom_sites.fract_transf_vector[2]      -0.326205 
_atom_sites.fract_transf_vector[3]      -0.093167 
# 
loop_
_atom_type.symbol 
C 
N 
O 
S 
# 
loop_
_atom_site.group_PDB 
_atom_site.id 
_atom_site.type_symbol 
_atom_site.label_atom_id 
_atom_site.label_alt_id 
_atom_site.label_comp_id 
_atom_site.label_asym_id 
_atom_site.label_entity_id 
_atom_site.label_seq_id 
_atom_site.pdbx_PDB_ins_code 
_atom_site.Cartn_x 
_atom_site.Cartn_y 
_atom_site.Cartn_z 
_atom_site.occupancy 
_atom_site.B_iso_or_equiv 
_atom_site.pdbx_formal_charge 
_atom_site.auth_seq_id 
_atom_site.auth_comp_id 
_atom_site.auth_asym_id 
_atom_site.auth_atom_id 
_atom_site.pdbx_PDB_model_num 
ATOM   1    N N   . LYS A 1 1   ? -15.684 -7.120  -10.499 1.00 42.86 ? 1   LYS A N   1 
ATOM   2    C CA  . LYS A 1 1   ? -15.359 -5.961  -9.676  1.00 35.40 ? 1   LYS A CA  1 
ATOM   3    C C   . LYS A 1 1   ? -14.956 -6.402  -8.270  1.00 30.91 ? 1   LYS A C   1 
ATOM   4    O O   . LYS A 1 1   ? -15.495 -7.368  -7.734  1.00 33.99 ? 1   LYS A O   1 
ATOM   5    C CB  . LYS A 1 1   ? -16.552 -5.008  -9.617  1.00 40.20 ? 1   LYS A CB  1 
ATOM   6    C CG  . LYS A 1 1   ? -16.233 -3.608  -9.110  1.00 41.28 ? 1   LYS A CG  1 
ATOM   7    C CD  . LYS A 1 1   ? -17.460 -2.708  -9.233  1.00 43.45 ? 1   LYS A CD  1 
ATOM   8    C CE  . LYS A 1 1   ? -17.282 -1.382  -8.505  1.00 47.14 ? 1   LYS A CE  1 
ATOM   9    N NZ  . LYS A 1 1   ? -18.488 -0.505  -8.645  1.00 50.43 ? 1   LYS A NZ  1 
ATOM   10   N N   . GLU A 1 2   ? -14.006 -5.690  -7.673  1.00 27.76 ? 2   GLU A N   1 
ATOM   11   C CA  . GLU A 1 2   ? -13.507 -6.041  -6.350  1.00 22.91 ? 2   GLU A CA  1 
ATOM   12   C C   . GLU A 1 2   ? -14.253 -5.304  -5.259  1.00 18.96 ? 2   GLU A C   1 
ATOM   13   O O   . GLU A 1 2   ? -14.733 -4.197  -5.473  1.00 22.34 ? 2   GLU A O   1 
ATOM   14   C CB  . GLU A 1 2   ? -12.045 -5.633  -6.232  1.00 22.15 ? 2   GLU A CB  1 
ATOM   15   C CG  . GLU A 1 2   ? -11.068 -6.551  -6.863  1.00 25.41 ? 2   GLU A CG  1 
ATOM   16   C CD  . GLU A 1 2   ? -9.671  -5.976  -6.812  1.00 22.06 ? 2   GLU A CD  1 
ATOM   17   O OE1 . GLU A 1 2   ? -9.493  -4.809  -7.225  1.00 25.21 ? 2   GLU A OE1 1 
ATOM   18   O OE2 . GLU A 1 2   ? -8.763  -6.699  -6.360  1.00 24.78 ? 2   GLU A OE2 1 
ATOM   19   N N   . THR A 1 3   ? -14.323 -5.900  -4.072  1.00 16.84 ? 3   THR A N   1 
ATOM   20   C CA  . THR A 1 3   ? -14.729 -5.146  -2.895  1.00 17.66 ? 3   THR A CA  1 
ATOM   21   C C   . THR A 1 3   ? -13.593 -4.179  -2.584  1.00 18.08 ? 3   THR A C   1 
ATOM   22   O O   . THR A 1 3   ? -12.450 -4.410  -2.997  1.00 16.21 ? 3   THR A O   1 
ATOM   23   C CB  . THR A 1 3   ? -14.964 -6.031  -1.671  1.00 17.86 ? 3   THR A CB  1 
ATOM   24   O OG1 . THR A 1 3   ? -13.739 -6.674  -1.294  1.00 18.47 ? 3   THR A OG1 1 
ATOM   25   C CG2 . THR A 1 3   ? -16.021 -7.085  -1.966  1.00 20.12 ? 3   THR A CG2 1 
ATOM   26   N N   . ALA A 1 4   ? -13.903 -3.104  -1.864  1.00 17.54 ? 4   ALA A N   1 
ATOM   27   C CA  . ALA A 1 4   ? -12.884 -2.112  -1.530  1.00 16.23 ? 4   ALA A CA  1 
ATOM   28   C C   . ALA A 1 4   ? -11.812 -2.758  -0.658  1.00 15.74 ? 4   ALA A C   1 
ATOM   29   O O   . ALA A 1 4   ? -10.617 -2.467  -0.813  1.00 15.98 ? 4   ALA A O   1 
ATOM   30   C CB  . ALA A 1 4   ? -13.508 -0.927  -0.817  1.00 19.42 ? 4   ALA A CB  1 
ATOM   31   N N   . ALA A 1 5   ? -12.240 -3.637  0.246   1.00 14.02 ? 5   ALA A N   1 
ATOM   32   C CA  . ALA A 1 5   ? -11.298 -4.325  1.136   1.00 15.74 ? 5   ALA A CA  1 
ATOM   33   C C   . ALA A 1 5   ? -10.359 -5.232  0.350   1.00 14.04 ? 5   ALA A C   1 
ATOM   34   O O   . ALA A 1 5   ? -9.157  -5.294  0.635   1.00 13.64 ? 5   ALA A O   1 
ATOM   35   C CB  . ALA A 1 5   ? -12.039 -5.112  2.215   1.00 17.89 ? 5   ALA A CB  1 
ATOM   36   N N   . ALA A 1 6   ? -10.892 -5.937  -0.646  1.00 13.66 ? 6   ALA A N   1 
ATOM   37   C CA  . ALA A 1 6   ? -10.064 -6.868  -1.403  1.00 15.41 ? 6   ALA A CA  1 
ATOM   38   C C   . ALA A 1 6   ? -9.091  -6.112  -2.296  1.00 15.84 ? 6   ALA A C   1 
ATOM   39   O O   . ALA A 1 6   ? -7.953  -6.553  -2.518  1.00 15.25 ? 6   ALA A O   1 
ATOM   40   C CB  . ALA A 1 6   ? -10.945 -7.815  -2.226  1.00 17.82 ? 6   ALA A CB  1 
ATOM   41   N N   . LYS A 1 7   ? -9.533  -4.970  -2.814  1.00 14.59 ? 7   LYS A N   1 
ATOM   42   C CA  . LYS A 1 7   ? -8.657  -4.128  -3.614  1.00 15.17 ? 7   LYS A CA  1 
ATOM   43   C C   . LYS A 1 7   ? -7.488  -3.631  -2.770  1.00 14.95 ? 7   LYS A C   1 
ATOM   44   O O   . LYS A 1 7   ? -6.345  -3.602  -3.242  1.00 13.00 ? 7   LYS A O   1 
ATOM   45   C CB  . LYS A 1 7   ? -9.423  -2.952  -4.203  1.00 17.13 ? 7   LYS A CB  1 
ATOM   46   C CG  . LYS A 1 7   ? -8.563  -2.082  -5.098  1.00 17.89 ? 7   LYS A CG  1 
ATOM   47   C CD  . LYS A 1 7   ? -9.380  -0.971  -5.743  1.00 24.49 ? 7   LYS A CD  1 
ATOM   48   C CE  . LYS A 1 7   ? -8.495  -0.130  -6.651  1.00 31.54 ? 7   LYS A CE  1 
ATOM   49   N NZ  . LYS A 1 7   ? -9.151  1.142   -7.077  1.00 37.87 ? 7   LYS A NZ  1 
ATOM   50   N N   . PHE A 1 8   ? -7.760  -3.254  -1.518  1.00 13.46 ? 8   PHE A N   1 
ATOM   51   C CA  . PHE A 1 8   ? -6.685  -2.825  -0.626  1.00 13.65 ? 8   PHE A CA  1 
ATOM   52   C C   . PHE A 1 8   ? -5.680  -3.946  -0.421  1.00 13.21 ? 8   PHE A C   1 
ATOM   53   O O   . PHE A 1 8   ? -4.459  -3.733  -0.464  1.00 14.01 ? 8   PHE A O   1 
ATOM   54   C CB  . PHE A 1 8   ? -7.237  -2.348  0.727   1.00 12.29 ? 8   PHE A CB  1 
ATOM   55   C CG  . PHE A 1 8   ? -6.165  -1.963  1.704   1.00 11.71 ? 8   PHE A CG  1 
ATOM   56   C CD1 . PHE A 1 8   ? -5.536  -2.924  2.490   1.00 12.88 ? 8   PHE A CD1 1 
ATOM   57   C CD2 . PHE A 1 8   ? -5.774  -0.635  1.814   1.00 13.31 ? 8   PHE A CD2 1 
ATOM   58   C CE1 . PHE A 1 8   ? -4.522  -2.579  3.373   1.00 13.30 ? 8   PHE A CE1 1 
ATOM   59   C CE2 . PHE A 1 8   ? -4.766  -0.271  2.694   1.00 13.66 ? 8   PHE A CE2 1 
ATOM   60   C CZ  . PHE A 1 8   ? -4.135  -1.237  3.471   1.00 11.73 ? 8   PHE A CZ  1 
ATOM   61   N N   . GLU A 1 9   ? -6.183  -5.148  -0.190  1.00 11.75 ? 9   GLU A N   1 
ATOM   62   C CA  . GLU A 1 9   ? -5.301  -6.297  -0.012  1.00 12.41 ? 9   GLU A CA  1 
ATOM   63   C C   . GLU A 1 9   ? -4.429  -6.527  -1.260  1.00 14.73 ? 9   GLU A C   1 
ATOM   64   O O   . GLU A 1 9   ? -3.201  -6.679  -1.161  1.00 13.01 ? 9   GLU A O   1 
ATOM   65   C CB  . GLU A 1 9   ? -6.145  -7.542  0.335   1.00 13.90 ? 9   GLU A CB  1 
ATOM   66   C CG  . GLU A 1 9   ? -6.801  -7.446  1.726   1.00 11.68 ? 9   GLU A CG  1 
ATOM   67   C CD  . GLU A 1 9   ? -7.882  -8.498  1.970   1.00 17.25 ? 9   GLU A CD  1 
ATOM   68   O OE1 . GLU A 1 9   ? -8.319  -9.145  0.991   1.00 16.48 ? 9   GLU A OE1 1 
ATOM   69   O OE2 . GLU A 1 9   ? -8.290  -8.673  3.141   1.00 17.08 ? 9   GLU A OE2 1 
ATOM   70   N N   . ARG A 1 10  ? -5.051  -6.505  -2.437  1.00 12.14 ? 10  ARG A N   1 
ATOM   71   C CA  . ARG A 1 10  ? -4.305  -6.746  -3.673  1.00 12.98 ? 10  ARG A CA  1 
ATOM   72   C C   . ARG A 1 10  ? -3.232  -5.683  -3.900  1.00 13.51 ? 10  ARG A C   1 
ATOM   73   O O   . ARG A 1 10  ? -2.100  -6.003  -4.294  1.00 13.94 ? 10  ARG A O   1 
ATOM   74   C CB  . ARG A 1 10  ? -5.242  -6.794  -4.876  1.00 14.68 ? 10  ARG A CB  1 
ATOM   75   C CG  . ARG A 1 10  ? -4.500  -6.981  -6.197  1.00 14.37 ? 10  ARG A CG  1 
ATOM   76   C CD  . ARG A 1 10  ? -5.455  -7.108  -7.379  1.00 19.64 ? 10  ARG A CD  1 
ATOM   77   N NE  . ARG A 1 10  ? -6.380  -5.983  -7.500  1.00 16.05 ? 10  ARG A NE  1 
ATOM   78   C CZ  . ARG A 1 10  ? -6.122  -4.853  -8.155  1.00 19.58 ? 10  ARG A CZ  1 
ATOM   79   N NH1 . ARG A 1 10  ? -4.947  -4.670  -8.747  1.00 21.34 ? 10  ARG A NH1 1 
ATOM   80   N NH2 . ARG A 1 10  ? -7.037  -3.893  -8.209  1.00 19.88 ? 10  ARG A NH2 1 
ATOM   81   N N   . GLN A 1 11  ? -3.578  -4.428  -3.625  1.00 13.52 ? 11  GLN A N   1 
ATOM   82   C CA  . GLN A 1 11  ? -2.651  -3.334  -3.904  1.00 14.44 ? 11  GLN A CA  1 
ATOM   83   C C   . GLN A 1 11  ? -1.578  -3.161  -2.848  1.00 14.39 ? 11  GLN A C   1 
ATOM   84   O O   . GLN A 1 11  ? -0.469  -2.737  -3.164  1.00 13.96 ? 11  GLN A O   1 
ATOM   85   C CB  . GLN A 1 11  ? -3.401  -2.012  -4.067  1.00 14.36 ? 11  GLN A CB  1 
ATOM   86   C CG  . GLN A 1 11  ? -4.349  -1.975  -5.248  1.00 15.02 ? 11  GLN A CG  1 
ATOM   87   C CD  . GLN A 1 11  ? -4.908  -0.589  -5.492  1.00 19.31 ? 11  GLN A CD  1 
ATOM   88   O OE1 . GLN A 1 11  ? -4.749  -0.023  -6.575  1.00 18.70 ? 11  GLN A OE1 1 
ATOM   89   N NE2 . GLN A 1 11  ? -5.568  -0.032  -4.488  1.00 18.85 ? 11  GLN A NE2 1 
ATOM   90   N N   . HIS A 1 12  ? -1.888  -3.482  -1.595  1.00 14.13 ? 12  HIS A N   1 
ATOM   91   C CA  . HIS A 1 12  ? -1.037  -2.997  -0.514  1.00 12.02 ? 12  HIS A CA  1 
ATOM   92   C C   . HIS A 1 12  ? -0.455  -4.019  0.444   1.00 13.92 ? 12  HIS A C   1 
ATOM   93   O O   . HIS A 1 12  ? 0.404   -3.670  1.256   1.00 15.05 ? 12  HIS A O   1 
ATOM   94   C CB  . HIS A 1 12  ? -1.781  -1.926  0.283   1.00 11.77 ? 12  HIS A CB  1 
ATOM   95   C CG  . HIS A 1 12  ? -2.195  -0.754  -0.543  1.00 12.27 ? 12  HIS A CG  1 
ATOM   96   N ND1 . HIS A 1 12  ? -1.281  0.047   -1.204  1.00 12.32 ? 12  HIS A ND1 1 
ATOM   97   C CD2 . HIS A 1 12  ? -3.415  -0.256  -0.835  1.00 13.02 ? 12  HIS A CD2 1 
ATOM   98   C CE1 . HIS A 1 12  ? -1.929  0.994   -1.859  1.00 14.82 ? 12  HIS A CE1 1 
ATOM   99   N NE2 . HIS A 1 12  ? -3.225  0.844   -1.640  1.00 14.08 ? 12  HIS A NE2 1 
ATOM   100  N N   . MET A 1 13  ? -0.903  -5.268  0.372   1.00 11.35 ? 13  MET A N   1 
ATOM   101  C CA  . MET A 1 13  ? -0.451  -6.257  1.348   1.00 11.43 ? 13  MET A CA  1 
ATOM   102  C C   . MET A 1 13  ? 0.606   -7.170  0.764   1.00 14.48 ? 13  MET A C   1 
ATOM   103  O O   . MET A 1 13  ? 0.355   -7.821  -0.253  1.00 13.95 ? 13  MET A O   1 
ATOM   104  C CB  . MET A 1 13  ? -1.624  -7.120  1.828   1.00 13.34 ? 13  MET A CB  1 
ATOM   105  C CG  . MET A 1 13  ? -2.584  -6.424  2.787   1.00 12.35 ? 13  MET A CG  1 
ATOM   106  S SD  . MET A 1 13  ? -1.783  -5.710  4.249   1.00 13.64 ? 13  MET A SD  1 
ATOM   107  C CE  . MET A 1 13  ? -0.858  -7.101  4.912   1.00 11.94 ? 13  MET A CE  1 
ATOM   108  N N   . ASP A 1 14  ? 1.787   -7.221  1.385   1.00 13.78 ? 14  ASP A N   1 
ATOM   109  C CA  . ASP A 1 14  ? 2.726   -8.303  1.069   1.00 15.57 ? 14  ASP A CA  1 
ATOM   110  C C   . ASP A 1 14  ? 3.373   -8.887  2.309   1.00 16.57 ? 14  ASP A C   1 
ATOM   111  O O   . ASP A 1 14  ? 4.496   -8.528  2.657   1.00 17.85 ? 14  ASP A O   1 
ATOM   112  C CB  . ASP A 1 14  ? 3.813   -7.868  0.085   1.00 17.17 ? 14  ASP A CB  1 
ATOM   113  C CG  . ASP A 1 14  ? 4.702   -9.030  -0.324  1.00 20.97 ? 14  ASP A CG  1 
ATOM   114  O OD1 . ASP A 1 14  ? 4.340   -10.196 -0.016  1.00 19.11 ? 14  ASP A OD1 1 
ATOM   115  O OD2 . ASP A 1 14  ? 5.764   -8.789  -0.935  1.00 21.91 ? 14  ASP A OD2 1 
ATOM   116  N N   . SER A 1 15  ? 2.670   -9.820  2.942   1.00 14.22 ? 15  SER A N   1 
ATOM   117  C CA  . SER A 1 15  ? 3.124   -10.444 4.184   1.00 16.67 ? 15  SER A CA  1 
ATOM   118  C C   . SER A 1 15  ? 4.112   -11.586 3.947   1.00 19.72 ? 15  SER A C   1 
ATOM   119  O O   . SER A 1 15  ? 4.539   -12.232 4.907   1.00 20.45 ? 15  SER A O   1 
ATOM   120  C CB  . SER A 1 15  ? 1.923   -11.006 4.941   1.00 19.66 ? 15  SER A CB  1 
ATOM   121  O OG  . SER A 1 15  ? 0.894   -10.038 5.073   1.00 16.69 ? 15  SER A OG  1 
ATOM   122  N N   . SER A 1 16  ? 4.451   -11.854 2.688   1.00 16.69 ? 16  SER A N   1 
ATOM   123  C CA  . SER A 1 16  ? 5.281   -13.009 2.348   1.00 19.88 ? 16  SER A CA  1 
ATOM   124  C C   . SER A 1 16  ? 6.772   -12.737 2.537   1.00 20.88 ? 16  SER A C   1 
ATOM   125  O O   . SER A 1 16  ? 7.601   -13.655 2.491   1.00 23.28 ? 16  SER A O   1 
ATOM   126  C CB  . SER A 1 16  ? 5.021   -13.462 0.905   1.00 20.10 ? 16  SER A CB  1 
ATOM   127  O OG  . SER A 1 16  ? 5.721   -12.645 -0.029  1.00 21.95 ? 16  SER A OG  1 
ATOM   128  N N   . THR A 1 17  ? 7.114   -11.472 2.741   1.00 18.38 ? 17  THR A N   1 
ATOM   129  C CA  . THR A 1 17  ? 8.513   -11.081 2.872   1.00 20.97 ? 17  THR A CA  1 
ATOM   130  C C   . THR A 1 17  ? 8.621   -10.000 3.941   1.00 19.89 ? 17  THR A C   1 
ATOM   131  O O   . THR A 1 17  ? 7.685   -9.222  4.135   1.00 20.17 ? 17  THR A O   1 
ATOM   132  C CB  . THR A 1 17  ? 9.076   -10.585 1.517   1.00 21.56 ? 17  THR A CB  1 
ATOM   133  O OG1 . THR A 1 17  ? 10.483  -10.330 1.631   1.00 28.20 ? 17  THR A OG1 1 
ATOM   134  C CG2 . THR A 1 17  ? 8.343   -9.324  1.052   1.00 17.43 ? 17  THR A CG2 1 
ATOM   135  N N   . SER A 1 18  ? 9.745   -9.966  4.651   1.00 20.21 ? 18  SER A N   1 
ATOM   136  C CA  . SER A 1 18  ? 9.925   -8.974  5.711   1.00 20.79 ? 18  SER A CA  1 
ATOM   137  C C   . SER A 1 18  ? 10.291  -7.586  5.171   1.00 20.72 ? 18  SER A C   1 
ATOM   138  O O   . SER A 1 18  ? 10.151  -6.586  5.881   1.00 18.52 ? 18  SER A O   1 
ATOM   139  C CB  . SER A 1 18  ? 10.962  -9.448  6.730   1.00 25.21 ? 18  SER A CB  1 
ATOM   140  O OG  . SER A 1 18  ? 12.233  -9.564  6.137   1.00 27.90 ? 18  SER A OG  1 
ATOM   141  N N   . ALA A 1 19  ? 10.746  -7.536  3.922   1.00 18.83 ? 19  ALA A N   1 
ATOM   142  C CA  . ALA A 1 19  ? 11.136  -6.293  3.252   1.00 18.58 ? 19  ALA A CA  1 
ATOM   143  C C   . ALA A 1 19  ? 11.332  -6.582  1.770   1.00 21.28 ? 19  ALA A C   1 
ATOM   144  O O   . ALA A 1 19  ? 11.389  -7.751  1.375   1.00 23.33 ? 19  ALA A O   1 
ATOM   145  C CB  . ALA A 1 19  ? 12.429  -5.754  3.853   1.00 20.73 ? 19  ALA A CB  1 
ATOM   146  N N   . ALA A 1 20  ? 11.445  -5.537  0.949   1.00 19.56 ? 20  ALA A N   1 
ATOM   147  C CA  . ALA A 1 20  ? 11.676  -5.734  -0.486  1.00 20.30 ? 20  ALA A CA  1 
ATOM   148  C C   . ALA A 1 20  ? 12.937  -6.559  -0.690  1.00 24.51 ? 20  ALA A C   1 
ATOM   149  O O   . ALA A 1 20  ? 13.954  -6.311  -0.043  1.00 27.28 ? 20  ALA A O   1 
ATOM   150  C CB  . ALA A 1 20  ? 11.790  -4.398  -1.215  1.00 20.49 ? 20  ALA A CB  1 
ATOM   151  N N   . SER A 1 21  ? 12.868  -7.539  -1.587  1.00 26.47 ? 21  SER A N   1 
ATOM   152  C CA  . SER A 1 21  ? 13.948  -8.514  -1.734  1.00 30.17 ? 21  SER A CA  1 
ATOM   153  C C   . SER A 1 21  ? 15.073  -8.069  -2.680  1.00 31.12 ? 21  SER A C   1 
ATOM   154  O O   . SER A 1 21  ? 16.179  -8.612  -2.638  1.00 33.14 ? 21  SER A O   1 
ATOM   155  C CB  . SER A 1 21  ? 13.377  -9.860  -2.182  1.00 32.30 ? 21  SER A CB  1 
ATOM   156  O OG  . SER A 1 21  ? 12.299  -9.685  -3.092  1.00 32.21 ? 21  SER A OG  1 
ATOM   157  N N   . SER A 1 22  ? 14.789  -7.084  -3.523  1.00 27.01 ? 22  SER A N   1 
ATOM   158  C CA  . SER A 1 22  ? 15.768  -6.568  -4.476  1.00 24.07 ? 22  SER A CA  1 
ATOM   159  C C   . SER A 1 22  ? 15.293  -5.248  -5.056  1.00 24.55 ? 22  SER A C   1 
ATOM   160  O O   . SER A 1 22  ? 14.149  -4.840  -4.853  1.00 20.86 ? 22  SER A O   1 
ATOM   161  C CB  . SER A 1 22  ? 15.958  -7.549  -5.633  1.00 26.97 ? 22  SER A CB  1 
ATOM   162  O OG  . SER A 1 22  ? 14.841  -7.519  -6.506  1.00 22.67 ? 22  SER A OG  1 
ATOM   163  N N   . SER A 1 23  ? 16.160  -4.593  -5.815  1.00 21.04 ? 23  SER A N   1 
ATOM   164  C CA  . SER A 1 23  ? 15.779  -3.371  -6.510  1.00 21.34 ? 23  SER A CA  1 
ATOM   165  C C   . SER A 1 23  ? 14.715  -3.622  -7.572  1.00 19.73 ? 23  SER A C   1 
ATOM   166  O O   . SER A 1 23  ? 14.102  -2.683  -8.069  1.00 20.70 ? 23  SER A O   1 
ATOM   167  C CB  . SER A 1 23  ? 17.000  -2.719  -7.158  1.00 26.20 ? 23  SER A CB  1 
ATOM   168  O OG  . SER A 1 23  ? 17.573  -3.588  -8.119  1.00 26.09 ? 23  SER A OG  1 
ATOM   169  N N   . ASN A 1 24  ? 14.500  -4.886  -7.932  1.00 20.03 ? 24  ASN A N   1 
ATOM   170  C CA  . ASN A 1 24  ? 13.479  -5.198  -8.910  1.00 17.91 ? 24  ASN A CA  1 
ATOM   171  C C   . ASN A 1 24  ? 12.141  -5.539  -8.265  1.00 19.41 ? 24  ASN A C   1 
ATOM   172  O O   . ASN A 1 24  ? 11.191  -5.860  -8.977  1.00 18.27 ? 24  ASN A O   1 
ATOM   173  C CB  . ASN A 1 24  ? 13.915  -6.368  -9.786  1.00 22.36 ? 24  ASN A CB  1 
ATOM   174  C CG  . ASN A 1 24  ? 13.442  -6.223  -11.208 1.00 29.78 ? 24  ASN A CG  1 
ATOM   175  O OD1 . ASN A 1 24  ? 13.592  -5.159  -11.818 1.00 29.87 ? 24  ASN A OD1 1 
ATOM   176  N ND2 . ASN A 1 24  ? 12.865  -7.291  -11.753 1.00 37.38 ? 24  ASN A ND2 1 
ATOM   177  N N   . TYR A 1 25  ? 12.072  -5.477  -6.936  1.00 17.47 ? 25  TYR A N   1 
ATOM   178  C CA  . TYR A 1 25  ? 10.851  -5.855  -6.222  1.00 18.82 ? 25  TYR A CA  1 
ATOM   179  C C   . TYR A 1 25  ? 9.619   -5.140  -6.786  1.00 17.07 ? 25  TYR A C   1 
ATOM   180  O O   . TYR A 1 25  ? 8.605   -5.780  -7.079  1.00 16.48 ? 25  TYR A O   1 
ATOM   181  C CB  . TYR A 1 25  ? 11.009  -5.599  -4.708  1.00 17.05 ? 25  TYR A CB  1 
ATOM   182  C CG  . TYR A 1 25  ? 9.734   -5.800  -3.892  1.00 15.13 ? 25  TYR A CG  1 
ATOM   183  C CD1 . TYR A 1 25  ? 9.437   -7.031  -3.321  1.00 19.70 ? 25  TYR A CD1 1 
ATOM   184  C CD2 . TYR A 1 25  ? 8.842   -4.750  -3.694  1.00 17.00 ? 25  TYR A CD2 1 
ATOM   185  C CE1 . TYR A 1 25  ? 8.273   -7.219  -2.577  1.00 18.15 ? 25  TYR A CE1 1 
ATOM   186  C CE2 . TYR A 1 25  ? 7.670   -4.925  -2.961  1.00 16.01 ? 25  TYR A CE2 1 
ATOM   187  C CZ  . TYR A 1 25  ? 7.402   -6.162  -2.409  1.00 17.65 ? 25  TYR A CZ  1 
ATOM   188  O OH  . TYR A 1 25  ? 6.247   -6.338  -1.683  1.00 19.30 ? 25  TYR A OH  1 
ATOM   189  N N   . CYS A 1 26  ? 9.690   -3.823  -6.953  1.00 16.43 ? 26  CYS A N   1 
ATOM   190  C CA  . CYS A 1 26  ? 8.513   -3.086  -7.409  1.00 14.62 ? 26  CYS A CA  1 
ATOM   191  C C   . CYS A 1 26  ? 8.126   -3.446  -8.837  1.00 17.15 ? 26  CYS A C   1 
ATOM   192  O O   . CYS A 1 26  ? 6.941   -3.570  -9.155  1.00 16.67 ? 26  CYS A O   1 
ATOM   193  C CB  . CYS A 1 26  ? 8.718   -1.573  -7.257  1.00 14.54 ? 26  CYS A CB  1 
ATOM   194  S SG  . CYS A 1 26  ? 8.577   -1.047  -5.536  1.00 14.04 ? 26  CYS A SG  1 
ATOM   195  N N   . ASN A 1 27  ? 9.112   -3.619  -9.708  1.00 15.47 ? 27  ASN A N   1 
ATOM   196  C CA  . ASN A 1 27  ? 8.788   -4.017  -11.070 1.00 15.64 ? 27  ASN A CA  1 
ATOM   197  C C   . ASN A 1 27  ? 8.002   -5.319  -11.074 1.00 15.53 ? 27  ASN A C   1 
ATOM   198  O O   . ASN A 1 27  ? 7.024   -5.459  -11.809 1.00 19.88 ? 27  ASN A O   1 
ATOM   199  C CB  . ASN A 1 27  ? 10.059  -4.165  -11.899 1.00 19.37 ? 27  ASN A CB  1 
ATOM   200  C CG  . ASN A 1 27  ? 10.670  -2.833  -12.244 1.00 17.37 ? 27  ASN A CG  1 
ATOM   201  O OD1 . ASN A 1 27  ? 9.965   -1.844  -12.409 1.00 18.63 ? 27  ASN A OD1 1 
ATOM   202  N ND2 . ASN A 1 27  ? 11.988  -2.797  -12.348 1.00 23.13 ? 27  ASN A ND2 1 
ATOM   203  N N   . GLN A 1 28  ? 8.412   -6.245  -10.220 1.00 14.90 ? 28  GLN A N   1 
ATOM   204  C CA  . GLN A 1 28  ? 7.787   -7.559  -10.169 1.00 17.62 ? 28  GLN A CA  1 
ATOM   205  C C   . GLN A 1 28  ? 6.398   -7.449  -9.561  1.00 17.38 ? 28  GLN A C   1 
ATOM   206  O O   . GLN A 1 28  ? 5.415   -7.948  -10.128 1.00 18.01 ? 28  GLN A O   1 
ATOM   207  C CB  . GLN A 1 28  ? 8.652   -8.519  -9.355  1.00 19.48 ? 28  GLN A CB  1 
ATOM   208  C CG  . GLN A 1 28  ? 9.977   -8.890  -10.045 1.00 26.94 ? 28  GLN A CG  1 
ATOM   209  C CD  . GLN A 1 28  ? 10.974  -9.538  -9.095  1.00 32.92 ? 28  GLN A CD  1 
ATOM   210  O OE1 . GLN A 1 28  ? 10.742  -9.613  -7.886  1.00 38.60 ? 28  GLN A OE1 1 
ATOM   211  N NE2 . GLN A 1 28  ? 12.097  -9.999  -9.639  1.00 38.71 ? 28  GLN A NE2 1 
ATOM   212  N N   . MET A 1 29  ? 6.314   -6.771  -8.415  1.00 17.99 ? 29  MET A N   1 
ATOM   213  C CA  . MET A 1 29  ? 5.058   -6.690  -7.668  1.00 16.91 ? 29  MET A CA  1 
ATOM   214  C C   . MET A 1 29  ? 3.994   -5.856  -8.349  1.00 17.23 ? 29  MET A C   1 
ATOM   215  O O   . MET A 1 29  ? 2.813   -6.193  -8.266  1.00 15.94 ? 29  MET A O   1 
ATOM   216  C CB  . MET A 1 29  ? 5.287   -6.155  -6.246  1.00 16.07 ? 29  MET A CB  1 
ATOM   217  C CG  . MET A 1 29  ? 6.052   -7.106  -5.367  1.00 17.24 ? 29  MET A CG  1 
ATOM   218  S SD  . MET A 1 29  ? 5.179   -8.633  -4.988  1.00 21.18 ? 29  MET A SD  1 
ATOM   219  C CE  . MET A 1 29  ? 3.840   -8.012  -3.978  1.00 18.55 ? 29  MET A CE  1 
ATOM   220  N N   . MET A 1 30  ? 4.378   -4.762  -9.010  1.00 14.21 ? 30  MET A N   1 
ATOM   221  C CA  . MET A 1 30  ? 3.379   -3.944  -9.680  1.00 14.81 ? 30  MET A CA  1 
ATOM   222  C C   . MET A 1 30  ? 2.755   -4.719  -10.823 1.00 17.72 ? 30  MET A C   1 
ATOM   223  O O   . MET A 1 30  ? 1.576   -4.553  -11.120 1.00 17.71 ? 30  MET A O   1 
ATOM   224  C CB  . MET A 1 30  ? 3.972   -2.626  -10.184 1.00 18.85 ? 30  MET A CB  1 
ATOM   225  C CG  . MET A 1 30  ? 4.447   -1.719  -9.051  1.00 15.97 ? 30  MET A CG  1 
ATOM   226  S SD  . MET A 1 30  ? 3.126   -1.170  -7.960  1.00 15.76 ? 30  MET A SD  1 
ATOM   227  C CE  . MET A 1 30  ? 2.307   0.052   -8.966  1.00 17.73 ? 30  MET A CE  1 
ATOM   228  N N   . LYS A 1 31  ? 3.550   -5.572  -11.457 1.00 19.03 ? 31  LYS A N   1 
ATOM   229  C CA  . LYS A 1 31  ? 3.023   -6.385  -12.543 1.00 20.57 ? 31  LYS A CA  1 
ATOM   230  C C   . LYS A 1 31  ? 2.110   -7.487  -12.020 1.00 18.39 ? 31  LYS A C   1 
ATOM   231  O O   . LYS A 1 31  ? 0.971   -7.634  -12.482 1.00 21.35 ? 31  LYS A O   1 
ATOM   232  C CB  . LYS A 1 31  ? 4.154   -6.986  -13.378 1.00 20.31 ? 31  LYS A CB  1 
ATOM   233  C CG  . LYS A 1 31  ? 3.617   -7.831  -14.526 1.00 28.02 ? 31  LYS A CG  1 
ATOM   234  C CD  . LYS A 1 31  ? 4.722   -8.541  -15.267 1.00 34.25 ? 31  LYS A CD  1 
ATOM   235  C CE  . LYS A 1 31  ? 4.145   -9.485  -16.305 1.00 40.63 ? 31  LYS A CE  1 
ATOM   236  N NZ  . LYS A 1 31  ? 4.388   -8.983  -17.686 1.00 51.55 ? 31  LYS A NZ  1 
ATOM   237  N N   . SER A 1 32  ? 2.586   -8.246  -11.038 1.00 18.24 ? 32  SER A N   1 
ATOM   238  C CA  . SER A 1 32  ? 1.847   -9.423  -10.573 1.00 19.54 ? 32  SER A CA  1 
ATOM   239  C C   . SER A 1 32  ? 0.594   -9.070  -9.765  1.00 20.44 ? 32  SER A C   1 
ATOM   240  O O   . SER A 1 32  ? -0.330  -9.878  -9.663  1.00 21.77 ? 32  SER A O   1 
ATOM   241  C CB  . SER A 1 32  ? 2.754   -10.356 -9.777  1.00 21.58 ? 32  SER A CB  1 
ATOM   242  O OG  . SER A 1 32  ? 3.231   -9.718  -8.610  1.00 20.55 ? 32  SER A OG  1 
ATOM   243  N N   . ARG A 1 33  ? 0.549   -7.866  -9.201  1.00 17.29 ? 33  ARG A N   1 
ATOM   244  C CA  . ARG A 1 33  ? -0.656  -7.424  -8.510  1.00 15.85 ? 33  ARG A CA  1 
ATOM   245  C C   . ARG A 1 33  ? -1.586  -6.681  -9.457  1.00 17.14 ? 33  ARG A C   1 
ATOM   246  O O   . ARG A 1 33  ? -2.546  -6.026  -9.025  1.00 20.24 ? 33  ARG A O   1 
ATOM   247  C CB  . ARG A 1 33  ? -0.293  -6.556  -7.289  1.00 15.94 ? 33  ARG A CB  1 
ATOM   248  C CG  . ARG A 1 33  ? 0.483   -7.327  -6.229  1.00 14.50 ? 33  ARG A CG  1 
ATOM   249  C CD  . ARG A 1 33  ? -0.304  -8.542  -5.734  1.00 13.95 ? 33  ARG A CD  1 
ATOM   250  N NE  . ARG A 1 33  ? 0.384   -9.235  -4.652  1.00 12.33 ? 33  ARG A NE  1 
ATOM   251  C CZ  . ARG A 1 33  ? 0.239   -8.961  -3.351  1.00 16.51 ? 33  ARG A CZ  1 
ATOM   252  N NH1 . ARG A 1 33  ? -0.574  -7.999  -2.936  1.00 12.85 ? 33  ARG A NH1 1 
ATOM   253  N NH2 . ARG A 1 33  ? 0.916   -9.654  -2.448  1.00 14.34 ? 33  ARG A NH2 1 
ATOM   254  N N   . ASN A 1 34  ? -1.295  -6.788  -10.757 1.00 17.85 ? 34  ASN A N   1 
ATOM   255  C CA  . ASN A 1 34  ? -2.151  -6.226  -11.799 1.00 18.96 ? 34  ASN A CA  1 
ATOM   256  C C   . ASN A 1 34  ? -2.328  -4.722  -11.743 1.00 22.40 ? 34  ASN A C   1 
ATOM   257  O O   . ASN A 1 34  ? -3.412  -4.204  -12.013 1.00 23.56 ? 34  ASN A O   1 
ATOM   258  C CB  . ASN A 1 34  ? -3.523  -6.925  -11.803 1.00 22.86 ? 34  ASN A CB  1 
ATOM   259  C CG  . ASN A 1 34  ? -3.428  -8.392  -12.199 1.00 24.65 ? 34  ASN A CG  1 
ATOM   260  O OD1 . ASN A 1 34  ? -2.791  -8.735  -13.190 1.00 32.87 ? 34  ASN A OD1 1 
ATOM   261  N ND2 . ASN A 1 34  ? -4.061  -9.261  -11.418 1.00 28.57 ? 34  ASN A ND2 1 
ATOM   262  N N   . LEU A 1 35  ? -1.256  -4.019  -11.386 1.00 19.37 ? 35  LEU A N   1 
ATOM   263  C CA  . LEU A 1 35  ? -1.280  -2.572  -11.337 1.00 20.66 ? 35  LEU A CA  1 
ATOM   264  C C   . LEU A 1 35  ? -0.639  -1.928  -12.562 1.00 22.69 ? 35  LEU A C   1 
ATOM   265  O O   . LEU A 1 35  ? -0.440  -0.713  -12.592 1.00 24.75 ? 35  LEU A O   1 
ATOM   266  C CB  . LEU A 1 35  ? -0.588  -2.091  -10.060 1.00 19.93 ? 35  LEU A CB  1 
ATOM   267  C CG  . LEU A 1 35  ? -1.276  -2.620  -8.809  1.00 21.36 ? 35  LEU A CG  1 
ATOM   268  C CD1 . LEU A 1 35  ? -0.522  -2.206  -7.556  1.00 19.28 ? 35  LEU A CD1 1 
ATOM   269  C CD2 . LEU A 1 35  ? -2.700  -2.103  -8.772  1.00 20.14 ? 35  LEU A CD2 1 
ATOM   270  N N   . THR A 1 36  ? -0.327  -2.729  -13.582 1.00 21.20 ? 36  THR A N   1 
ATOM   271  C CA  . THR A 1 36  ? 0.223   -2.178  -14.825 1.00 22.76 ? 36  THR A CA  1 
ATOM   272  C C   . THR A 1 36  ? -0.616  -2.553  -16.048 1.00 30.08 ? 36  THR A C   1 
ATOM   273  O O   . THR A 1 36  ? -0.171  -2.384  -17.183 1.00 30.60 ? 36  THR A O   1 
ATOM   274  C CB  . THR A 1 36  ? 1.674   -2.623  -15.059 1.00 20.59 ? 36  THR A CB  1 
ATOM   275  O OG1 . THR A 1 36  ? 1.730   -4.049  -15.179 1.00 23.96 ? 36  THR A OG1 1 
ATOM   276  C CG2 . THR A 1 36  ? 2.553   -2.191  -13.892 1.00 24.31 ? 36  THR A CG2 1 
ATOM   277  N N   . LYS A 1 37  ? -1.830  -3.043  -15.810 1.00 27.96 ? 37  LYS A N   1 
ATOM   278  C CA  . LYS A 1 37  ? -2.682  -3.559  -16.891 1.00 35.28 ? 37  LYS A CA  1 
ATOM   279  C C   . LYS A 1 37  ? -3.200  -2.479  -17.850 1.00 37.32 ? 37  LYS A C   1 
ATOM   280  O O   . LYS A 1 37  ? -2.916  -2.517  -19.050 1.00 43.57 ? 37  LYS A O   1 
ATOM   281  C CB  . LYS A 1 37  ? -3.851  -4.372  -16.314 1.00 37.63 ? 37  LYS A CB  1 
ATOM   282  C CG  . LYS A 1 37  ? -4.762  -4.996  -17.364 1.00 43.67 ? 37  LYS A CG  1 
ATOM   283  C CD  . LYS A 1 37  ? -5.645  -6.083  -16.760 1.00 49.36 ? 37  LYS A CD  1 
ATOM   284  C CE  . LYS A 1 37  ? -6.418  -6.823  -17.842 1.00 51.59 ? 37  LYS A CE  1 
ATOM   285  N NZ  . LYS A 1 37  ? -7.009  -8.096  -17.343 1.00 57.57 ? 37  LYS A NZ  1 
ATOM   286  N N   . ASP A 1 38  ? -3.956  -1.522  -17.323 1.00 39.49 ? 38  ASP A N   1 
ATOM   287  C CA  . ASP A 1 38  ? -4.549  -0.470  -18.149 1.00 41.41 ? 38  ASP A CA  1 
ATOM   288  C C   . ASP A 1 38  ? -3.663  0.779   -18.243 1.00 43.20 ? 38  ASP A C   1 
ATOM   289  O O   . ASP A 1 38  ? -3.731  1.534   -19.217 1.00 43.29 ? 38  ASP A O   1 
ATOM   290  C CB  . ASP A 1 38  ? -5.940  -0.107  -17.617 1.00 45.75 ? 38  ASP A CB  1 
ATOM   291  C CG  . ASP A 1 38  ? -5.960  0.080   -16.109 1.00 48.82 ? 38  ASP A CG  1 
ATOM   292  O OD1 . ASP A 1 38  ? -4.978  -0.324  -15.445 1.00 50.91 ? 38  ASP A OD1 1 
ATOM   293  O OD2 . ASP A 1 38  ? -6.959  0.619   -15.581 1.00 55.85 ? 38  ASP A OD2 1 
ATOM   294  N N   . ARG A 1 39  ? -2.838  0.982   -17.221 1.00 36.73 ? 39  ARG A N   1 
ATOM   295  C CA  . ARG A 1 39  ? -1.908  2.101   -17.151 1.00 34.74 ? 39  ARG A CA  1 
ATOM   296  C C   . ARG A 1 39  ? -0.809  1.661   -16.199 1.00 32.34 ? 39  ARG A C   1 
ATOM   297  O O   . ARG A 1 39  ? -0.935  0.620   -15.555 1.00 29.29 ? 39  ARG A O   1 
ATOM   298  C CB  . ARG A 1 39  ? -2.596  3.337   -16.564 1.00 33.70 ? 39  ARG A CB  1 
ATOM   299  C CG  . ARG A 1 39  ? -3.057  3.130   -15.117 1.00 37.81 ? 39  ARG A CG  1 
ATOM   300  C CD  . ARG A 1 39  ? -3.435  4.421   -14.396 1.00 40.78 ? 39  ARG A CD  1 
ATOM   301  N NE  . ARG A 1 39  ? -3.832  4.141   -13.014 1.00 43.72 ? 39  ARG A NE  1 
ATOM   302  C CZ  . ARG A 1 39  ? -4.013  5.064   -12.073 1.00 42.59 ? 39  ARG A CZ  1 
ATOM   303  N NH1 . ARG A 1 39  ? -3.833  6.349   -12.348 1.00 48.67 ? 39  ARG A NH1 1 
ATOM   304  N NH2 . ARG A 1 39  ? -4.372  4.699   -10.847 1.00 43.55 ? 39  ARG A NH2 1 
ATOM   305  N N   . CYS A 1 40  ? 0.268   2.433   -16.101 1.00 29.54 ? 40  CYS A N   1 
ATOM   306  C CA  . CYS A 1 40  ? 1.207   2.238   -15.003 1.00 27.89 ? 40  CYS A CA  1 
ATOM   307  C C   . CYS A 1 40  ? 0.638   2.986   -13.813 1.00 26.19 ? 40  CYS A C   1 
ATOM   308  O O   . CYS A 1 40  ? 0.485   4.213   -13.873 1.00 27.30 ? 40  CYS A O   1 
ATOM   309  C CB  . CYS A 1 40  ? 2.579   2.822   -15.341 1.00 24.90 ? 40  CYS A CB  1 
ATOM   310  S SG  . CYS A 1 40  ? 3.291   2.258   -16.897 1.00 27.86 ? 40  CYS A SG  1 
ATOM   311  N N   . LYS A 1 41  ? 0.284   2.281   -12.736 1.00 22.98 ? 41  LYS A N   1 
ATOM   312  C CA  . LYS A 1 41  ? -0.124  3.005   -11.539 1.00 23.15 ? 41  LYS A CA  1 
ATOM   313  C C   . LYS A 1 41  ? 1.112   3.778   -11.094 1.00 19.67 ? 41  LYS A C   1 
ATOM   314  O O   . LYS A 1 41  ? 2.174   3.194   -10.921 1.00 21.25 ? 41  LYS A O   1 
ATOM   315  C CB  . LYS A 1 41  ? -0.628  2.073   -10.423 1.00 18.73 ? 41  LYS A CB  1 
ATOM   316  C CG  . LYS A 1 41  ? -1.261  2.870   -9.270  1.00 20.96 ? 41  LYS A CG  1 
ATOM   317  C CD  . LYS A 1 41  ? -1.752  1.987   -8.121  1.00 23.29 ? 41  LYS A CD  1 
ATOM   318  C CE  . LYS A 1 41  ? -2.323  2.873   -7.003  1.00 25.17 ? 41  LYS A CE  1 
ATOM   319  N NZ  . LYS A 1 41  ? -2.725  2.099   -5.791  1.00 23.75 ? 41  LYS A NZ  1 
ATOM   320  N N   . PRO A 1 42  ? 0.987   5.105   -10.949 1.00 20.63 ? 42  PRO A N   1 
ATOM   321  C CA  . PRO A 1 42  ? 2.184   5.934   -10.737 1.00 21.70 ? 42  PRO A CA  1 
ATOM   322  C C   . PRO A 1 42  ? 2.894   5.644   -9.408  1.00 19.25 ? 42  PRO A C   1 
ATOM   323  O O   . PRO A 1 42  ? 4.128   5.574   -9.376  1.00 19.25 ? 42  PRO A O   1 
ATOM   324  C CB  . PRO A 1 42  ? 1.628   7.369   -10.737 1.00 21.98 ? 42  PRO A CB  1 
ATOM   325  C CG  . PRO A 1 42  ? 0.281   7.270   -11.411 1.00 26.57 ? 42  PRO A CG  1 
ATOM   326  C CD  . PRO A 1 42  ? -0.244  5.907   -11.055 1.00 24.17 ? 42  PRO A CD  1 
ATOM   327  N N   . VAL A 1 43  ? 2.120   5.488   -8.335  1.00 16.58 ? 43  VAL A N   1 
ATOM   328  C CA  . VAL A 1 43  ? 2.664   5.347   -6.989  1.00 16.44 ? 43  VAL A CA  1 
ATOM   329  C C   . VAL A 1 43  ? 1.881   4.280   -6.244  1.00 16.03 ? 43  VAL A C   1 
ATOM   330  O O   . VAL A 1 43  ? 0.658   4.245   -6.333  1.00 18.39 ? 43  VAL A O   1 
ATOM   331  C CB  . VAL A 1 43  ? 2.528   6.670   -6.217  1.00 19.91 ? 43  VAL A CB  1 
ATOM   332  C CG1 . VAL A 1 43  ? 3.026   6.515   -4.796  1.00 20.56 ? 43  VAL A CG1 1 
ATOM   333  C CG2 . VAL A 1 43  ? 3.293   7.781   -6.941  1.00 20.09 ? 43  VAL A CG2 1 
ATOM   334  N N   . ASN A 1 44  ? 2.575   3.415   -5.516  1.00 13.24 ? 44  ASN A N   1 
ATOM   335  C CA  . ASN A 1 44  ? 1.894   2.369   -4.738  1.00 14.30 ? 44  ASN A CA  1 
ATOM   336  C C   . ASN A 1 44  ? 2.767   1.821   -3.619  1.00 14.80 ? 44  ASN A C   1 
ATOM   337  O O   . ASN A 1 44  ? 3.929   1.498   -3.832  1.00 18.39 ? 44  ASN A O   1 
ATOM   338  C CB  . ASN A 1 44  ? 1.457   1.220   -5.653  1.00 12.58 ? 44  ASN A CB  1 
ATOM   339  C CG  . ASN A 1 44  ? 0.579   0.213   -4.937  1.00 14.77 ? 44  ASN A CG  1 
ATOM   340  O OD1 . ASN A 1 44  ? -0.569  0.521   -4.612  1.00 17.71 ? 44  ASN A OD1 1 
ATOM   341  N ND2 . ASN A 1 44  ? 1.109   -0.983  -4.671  1.00 14.30 ? 44  ASN A ND2 1 
ATOM   342  N N   . THR A 1 45  ? 2.199   1.679   -2.427  1.00 11.74 ? 45  THR A N   1 
ATOM   343  C CA  . THR A 1 45  ? 2.964   1.199   -1.283  1.00 12.01 ? 45  THR A CA  1 
ATOM   344  C C   . THR A 1 45  ? 2.545   -0.221  -0.896  1.00 11.84 ? 45  THR A C   1 
ATOM   345  O O   . THR A 1 45  ? 1.342   -0.524  -0.838  1.00 13.72 ? 45  THR A O   1 
ATOM   346  C CB  . THR A 1 45  ? 2.709   2.105   -0.068  1.00 13.84 ? 45  THR A CB  1 
ATOM   347  O OG1 . THR A 1 45  ? 3.079   3.449   -0.402  1.00 15.81 ? 45  THR A OG1 1 
ATOM   348  C CG2 . THR A 1 45  ? 3.548   1.657   1.112   1.00 15.15 ? 45  THR A CG2 1 
ATOM   349  N N   . PHE A 1 46  ? 3.527   -1.077  -0.629  1.00 10.20 ? 46  PHE A N   1 
ATOM   350  C CA  . PHE A 1 46  ? 3.279   -2.423  -0.099  1.00 11.11 ? 46  PHE A CA  1 
ATOM   351  C C   . PHE A 1 46  ? 3.670   -2.501  1.367   1.00 12.50 ? 46  PHE A C   1 
ATOM   352  O O   . PHE A 1 46  ? 4.677   -1.926  1.778   1.00 14.82 ? 46  PHE A O   1 
ATOM   353  C CB  . PHE A 1 46  ? 4.060   -3.465  -0.907  1.00 13.41 ? 46  PHE A CB  1 
ATOM   354  C CG  . PHE A 1 46  ? 3.521   -3.678  -2.291  1.00 13.78 ? 46  PHE A CG  1 
ATOM   355  C CD1 . PHE A 1 46  ? 2.408   -4.493  -2.487  1.00 14.03 ? 46  PHE A CD1 1 
ATOM   356  C CD2 . PHE A 1 46  ? 4.100   -3.058  -3.385  1.00 15.16 ? 46  PHE A CD2 1 
ATOM   357  C CE1 . PHE A 1 46  ? 1.887   -4.696  -3.756  1.00 14.32 ? 46  PHE A CE1 1 
ATOM   358  C CE2 . PHE A 1 46  ? 3.592   -3.259  -4.666  1.00 14.20 ? 46  PHE A CE2 1 
ATOM   359  C CZ  . PHE A 1 46  ? 2.476   -4.078  -4.849  1.00 14.20 ? 46  PHE A CZ  1 
ATOM   360  N N   . VAL A 1 47  ? 2.872   -3.210  2.160   1.00 10.97 ? 47  VAL A N   1 
ATOM   361  C CA  . VAL A 1 47  ? 3.131   -3.324  3.598   1.00 13.69 ? 47  VAL A CA  1 
ATOM   362  C C   . VAL A 1 47  ? 3.532   -4.746  3.930   1.00 13.20 ? 47  VAL A C   1 
ATOM   363  O O   . VAL A 1 47  ? 2.818   -5.698  3.593   1.00 14.97 ? 47  VAL A O   1 
ATOM   364  C CB  . VAL A 1 47  ? 1.903   -2.924  4.429   1.00 11.35 ? 47  VAL A CB  1 
ATOM   365  C CG1 . VAL A 1 47  ? 2.238   -2.973  5.953   1.00 12.22 ? 47  VAL A CG1 1 
ATOM   366  C CG2 . VAL A 1 47  ? 1.409   -1.542  4.017   1.00 13.95 ? 47  VAL A CG2 1 
ATOM   367  N N   . HIS A 1 48  ? 4.674   -4.885  4.600   1.00 12.57 ? 48  HIS A N   1 
ATOM   368  C CA  . HIS A 1 48  ? 5.238   -6.190  4.930   1.00 13.34 ? 48  HIS A CA  1 
ATOM   369  C C   . HIS A 1 48  ? 4.989   -6.536  6.386   1.00 18.11 ? 48  HIS A C   1 
ATOM   370  O O   . HIS A 1 48  ? 5.928   -6.706  7.180   1.00 21.26 ? 48  HIS A O   1 
ATOM   371  C CB  . HIS A 1 48  ? 6.740   -6.169  4.691   1.00 15.31 ? 48  HIS A CB  1 
ATOM   372  C CG  . HIS A 1 48  ? 7.115   -5.725  3.320   1.00 14.55 ? 48  HIS A CG  1 
ATOM   373  N ND1 . HIS A 1 48  ? 6.987   -6.549  2.216   1.00 20.17 ? 48  HIS A ND1 1 
ATOM   374  C CD2 . HIS A 1 48  ? 7.611   -4.555  2.859   1.00 14.11 ? 48  HIS A CD2 1 
ATOM   375  C CE1 . HIS A 1 48  ? 7.400   -5.904  1.143   1.00 20.23 ? 48  HIS A CE1 1 
ATOM   376  N NE2 . HIS A 1 48  ? 7.786   -4.691  1.502   1.00 16.58 ? 48  HIS A NE2 1 
ATOM   377  N N   . GLU A 1 49  ? 3.720   -6.597  6.745   1.00 15.42 ? 49  GLU A N   1 
ATOM   378  C CA  . GLU A 1 49  ? 3.330   -7.013  8.077   1.00 12.39 ? 49  GLU A CA  1 
ATOM   379  C C   . GLU A 1 49  ? 2.173   -7.949  7.844   1.00 14.77 ? 49  GLU A C   1 
ATOM   380  O O   . GLU A 1 49  ? 1.667   -8.039  6.723   1.00 15.44 ? 49  GLU A O   1 
ATOM   381  C CB  . GLU A 1 49  ? 2.851   -5.820  8.903   1.00 14.43 ? 49  GLU A CB  1 
ATOM   382  C CG  . GLU A 1 49  ? 3.898   -4.722  9.115   1.00 15.20 ? 49  GLU A CG  1 
ATOM   383  C CD  . GLU A 1 49  ? 5.113   -5.166  9.938   1.00 19.73 ? 49  GLU A CD  1 
ATOM   384  O OE1 . GLU A 1 49  ? 5.066   -6.211  10.636  1.00 19.53 ? 49  GLU A OE1 1 
ATOM   385  O OE2 . GLU A 1 49  ? 6.139   -4.455  9.895   1.00 17.91 ? 49  GLU A OE2 1 
ATOM   386  N N   . SER A 1 50  ? 1.734   -8.630  8.894   1.00 15.47 ? 50  SER A N   1 
ATOM   387  C CA  . SER A 1 50  ? 0.618   -9.559  8.735   1.00 13.97 ? 50  SER A CA  1 
ATOM   388  C C   . SER A 1 50  ? -0.642  -8.789  8.381   1.00 14.68 ? 50  SER A C   1 
ATOM   389  O O   . SER A 1 50  ? -0.785  -7.609  8.733   1.00 13.82 ? 50  SER A O   1 
ATOM   390  C CB  . SER A 1 50  ? 0.367   -10.348 10.018  1.00 14.84 ? 50  SER A CB  1 
ATOM   391  O OG  . SER A 1 50  ? -0.093  -9.511  11.070  1.00 15.12 ? 50  SER A OG  1 
ATOM   392  N N   . LEU A 1 51  ? -1.571  -9.456  7.696   1.00 12.77 ? 51  LEU A N   1 
ATOM   393  C CA  . LEU A 1 51  ? -2.867  -8.835  7.399   1.00 13.32 ? 51  LEU A CA  1 
ATOM   394  C C   . LEU A 1 51  ? -3.569  -8.426  8.686   1.00 13.96 ? 51  LEU A C   1 
ATOM   395  O O   . LEU A 1 51  ? -4.167  -7.344  8.760   1.00 14.06 ? 51  LEU A O   1 
ATOM   396  C CB  . LEU A 1 51  ? -3.746  -9.790  6.595   1.00 14.39 ? 51  LEU A CB  1 
ATOM   397  C CG  . LEU A 1 51  ? -5.140  -9.263  6.254   1.00 15.08 ? 51  LEU A CG  1 
ATOM   398  C CD1 . LEU A 1 51  ? -5.072  -8.028  5.386   1.00 15.49 ? 51  LEU A CD1 1 
ATOM   399  C CD2 . LEU A 1 51  ? -5.943  -10.362 5.551   1.00 16.53 ? 51  LEU A CD2 1 
ATOM   400  N N   . ALA A 1 52  ? -3.476  -9.268  9.712   1.00 14.17 ? 52  ALA A N   1 
ATOM   401  C CA  . ALA A 1 52  ? -4.050  -8.929  11.017  1.00 15.67 ? 52  ALA A CA  1 
ATOM   402  C C   . ALA A 1 52  ? -3.514  -7.600  11.573  1.00 13.48 ? 52  ALA A C   1 
ATOM   403  O O   . ALA A 1 52  ? -4.289  -6.745  12.041  1.00 14.08 ? 52  ALA A O   1 
ATOM   404  C CB  . ALA A 1 52  ? -3.814  -10.077 12.023  1.00 19.42 ? 52  ALA A CB  1 
ATOM   405  N N   . ASP A 1 53  ? -2.199  -7.418  11.512  1.00 13.59 ? 53  ASP A N   1 
ATOM   406  C CA  . ASP A 1 53  ? -1.569  -6.200  12.023  1.00 14.28 ? 53  ASP A CA  1 
ATOM   407  C C   . ASP A 1 53  ? -2.007  -4.969  11.231  1.00 14.59 ? 53  ASP A C   1 
ATOM   408  O O   . ASP A 1 53  ? -2.174  -3.895  11.789  1.00 12.15 ? 53  ASP A O   1 
ATOM   409  C CB  . ASP A 1 53  ? -0.041  -6.346  11.987  1.00 15.87 ? 53  ASP A CB  1 
ATOM   410  C CG  . ASP A 1 53  ? 0.508   -7.090  13.195  1.00 19.13 ? 53  ASP A CG  1 
ATOM   411  O OD1 . ASP A 1 53  ? -0.288  -7.570  14.030  1.00 21.57 ? 53  ASP A OD1 1 
ATOM   412  O OD2 . ASP A 1 53  ? 1.745   -7.171  13.310  1.00 21.55 ? 53  ASP A OD2 1 
ATOM   413  N N   . VAL A 1 54  ? -2.198  -5.116  9.923   1.00 12.74 ? 54  VAL A N   1 
ATOM   414  C CA  . VAL A 1 54  ? -2.633  -3.973  9.121   1.00 13.12 ? 54  VAL A CA  1 
ATOM   415  C C   . VAL A 1 54  ? -4.109  -3.676  9.370   1.00 12.91 ? 54  VAL A C   1 
ATOM   416  O O   . VAL A 1 54  ? -4.500  -2.524  9.523   1.00 12.98 ? 54  VAL A O   1 
ATOM   417  C CB  . VAL A 1 54  ? -2.329  -4.197  7.614   1.00 10.82 ? 54  VAL A CB  1 
ATOM   418  C CG1 . VAL A 1 54  ? -2.911  -3.068  6.759   1.00 11.62 ? 54  VAL A CG1 1 
ATOM   419  C CG2 . VAL A 1 54  ? -0.833  -4.287  7.415   1.00 11.41 ? 54  VAL A CG2 1 
ATOM   420  N N   . GLN A 1 55  ? -4.939  -4.711  9.433   1.00 11.83 ? 55  GLN A N   1 
ATOM   421  C CA  . GLN A 1 55  ? -6.346  -4.482  9.772   1.00 12.58 ? 55  GLN A CA  1 
ATOM   422  C C   . GLN A 1 55  ? -6.497  -3.819  11.127  1.00 13.66 ? 55  GLN A C   1 
ATOM   423  O O   . GLN A 1 55  ? -7.420  -3.015  11.329  1.00 14.49 ? 55  GLN A O   1 
ATOM   424  C CB  . GLN A 1 55  ? -7.138  -5.790  9.747   1.00 12.39 ? 55  GLN A CB  1 
ATOM   425  C CG  . GLN A 1 55  ? -7.278  -6.388  8.355   1.00 11.72 ? 55  GLN A CG  1 
ATOM   426  C CD  . GLN A 1 55  ? -7.878  -7.762  8.404   1.00 14.94 ? 55  GLN A CD  1 
ATOM   427  O OE1 . GLN A 1 55  ? -7.663  -8.509  9.363   1.00 19.70 ? 55  GLN A OE1 1 
ATOM   428  N NE2 . GLN A 1 55  ? -8.624  -8.118  7.364   1.00 17.46 ? 55  GLN A NE2 1 
ATOM   429  N N   . ALA A 1 56  ? -5.580  -4.132  12.043  1.00 13.63 ? 56  ALA A N   1 
ATOM   430  C CA  . ALA A 1 56  ? -5.641  -3.614  13.403  1.00 14.45 ? 56  ALA A CA  1 
ATOM   431  C C   . ALA A 1 56  ? -5.471  -2.108  13.435  1.00 15.16 ? 56  ALA A C   1 
ATOM   432  O O   . ALA A 1 56  ? -5.857  -1.464  14.403  1.00 14.66 ? 56  ALA A O   1 
ATOM   433  C CB  . ALA A 1 56  ? -4.586  -4.280  14.277  1.00 14.95 ? 56  ALA A CB  1 
ATOM   434  N N   . VAL A 1 57  ? -4.881  -1.546  12.386  1.00 12.95 ? 57  VAL A N   1 
ATOM   435  C CA  . VAL A 1 57  ? -4.698  -0.092  12.332  1.00 12.84 ? 57  VAL A CA  1 
ATOM   436  C C   . VAL A 1 57  ? -6.033  0.654   12.381  1.00 15.80 ? 57  VAL A C   1 
ATOM   437  O O   . VAL A 1 57  ? -6.096  1.793   12.866  1.00 14.34 ? 57  VAL A O   1 
ATOM   438  C CB  . VAL A 1 57  ? -3.839  0.316   11.109  1.00 14.70 ? 57  VAL A CB  1 
ATOM   439  C CG1 . VAL A 1 57  ? -3.674  1.858   11.032  1.00 14.73 ? 57  VAL A CG1 1 
ATOM   440  C CG2 . VAL A 1 57  ? -2.483  -0.338  11.200  1.00 12.11 ? 57  VAL A CG2 1 
ATOM   441  N N   . CYS A 1 58  ? -7.111  0.009   11.929  1.00 14.98 ? 58  CYS A N   1 
ATOM   442  C CA  . CYS A 1 58  ? -8.434  0.637   11.965  1.00 13.93 ? 58  CYS A CA  1 
ATOM   443  C C   . CYS A 1 58  ? -8.958  0.874   13.372  1.00 15.03 ? 58  CYS A C   1 
ATOM   444  O O   . CYS A 1 58  ? -9.971  1.534   13.546  1.00 18.84 ? 58  CYS A O   1 
ATOM   445  C CB  . CYS A 1 58  ? -9.470  -0.167  11.173  1.00 15.87 ? 58  CYS A CB  1 
ATOM   446  S SG  . CYS A 1 58  ? -9.096  -0.331  9.406   1.00 15.88 ? 58  CYS A SG  1 
ATOM   447  N N   . SER A 1 59  ? -8.282  0.307   14.365  1.00 14.05 ? 59  SER A N   1 
ATOM   448  C CA  . SER A 1 59  ? -8.639  0.535   15.768  1.00 17.07 ? 59  SER A CA  1 
ATOM   449  C C   . SER A 1 59  ? -7.561  1.344   16.489  1.00 19.35 ? 59  SER A C   1 
ATOM   450  O O   . SER A 1 59  ? -7.537  1.394   17.720  1.00 20.01 ? 59  SER A O   1 
ATOM   451  C CB  . SER A 1 59  ? -8.822  -0.810  16.484  1.00 20.51 ? 59  SER A CB  1 
ATOM   452  O OG  . SER A 1 59  ? -7.561  -1.382  16.805  1.00 24.49 ? 59  SER A OG  1 
ATOM   453  N N   . GLN A 1 60  ? -6.662  1.972   15.729  1.00 15.29 ? 60  GLN A N   1 
ATOM   454  C CA  . GLN A 1 60  ? -5.562  2.741   16.318  1.00 15.08 ? 60  GLN A CA  1 
ATOM   455  C C   . GLN A 1 60  ? -5.822  4.249   16.242  1.00 17.69 ? 60  GLN A C   1 
ATOM   456  O O   . GLN A 1 60  ? -6.936  4.681   16.551  1.00 16.91 ? 60  GLN A O   1 
ATOM   457  C CB  . GLN A 1 60  ? -4.207  2.265   15.739  1.00 14.93 ? 60  GLN A CB  1 
ATOM   458  C CG  . GLN A 1 60  ? -4.044  0.756   16.028  1.00 15.75 ? 60  GLN A CG  1 
ATOM   459  C CD  . GLN A 1 60  ? -2.755  0.110   15.541  1.00 14.39 ? 60  GLN A CD  1 
ATOM   460  O OE1 . GLN A 1 60  ? -1.809  0.779   15.131  1.00 14.19 ? 60  GLN A OE1 1 
ATOM   461  N NE2 . GLN A 1 60  ? -2.723  -1.214  15.586  1.00 16.16 ? 60  GLN A NE2 1 
ATOM   462  N N   . LYS A 1 61  ? -4.837  5.055   15.852  1.00 15.39 ? 61  LYS A N   1 
ATOM   463  C CA  . LYS A 1 61  ? -4.970  6.507   16.022  1.00 14.17 ? 61  LYS A CA  1 
ATOM   464  C C   . LYS A 1 61  ? -5.810  7.169   14.929  1.00 17.36 ? 61  LYS A C   1 
ATOM   465  O O   . LYS A 1 61  ? -5.377  7.265   13.780  1.00 17.33 ? 61  LYS A O   1 
ATOM   466  C CB  . LYS A 1 61  ? -3.587  7.167   16.078  1.00 16.82 ? 61  LYS A CB  1 
ATOM   467  C CG  . LYS A 1 61  ? -3.617  8.619   16.540  1.00 19.33 ? 61  LYS A CG  1 
ATOM   468  C CD  . LYS A 1 61  ? -3.920  8.713   18.034  1.00 14.77 ? 61  LYS A CD  1 
ATOM   469  C CE  . LYS A 1 61  ? -3.795  10.155  18.507  1.00 19.73 ? 61  LYS A CE  1 
ATOM   470  N NZ  . LYS A 1 61  ? -4.036  10.257  19.960  1.00 18.08 ? 61  LYS A NZ  1 
ATOM   471  N N   . ASN A 1 62  ? -7.000  7.641   15.291  1.00 16.99 ? 62  ASN A N   1 
ATOM   472  C CA  . ASN A 1 62  ? -7.866  8.323   14.333  1.00 16.82 ? 62  ASN A CA  1 
ATOM   473  C C   . ASN A 1 62  ? -7.279  9.693   13.952  1.00 19.12 ? 62  ASN A C   1 
ATOM   474  O O   . ASN A 1 62  ? -7.013  10.532  14.821  1.00 18.96 ? 62  ASN A O   1 
ATOM   475  C CB  . ASN A 1 62  ? -9.287  8.429   14.904  1.00 19.03 ? 62  ASN A CB  1 
ATOM   476  C CG  . ASN A 1 62  ? -10.273 9.094   13.954  1.00 22.17 ? 62  ASN A CG  1 
ATOM   477  O OD1 . ASN A 1 62  ? -11.104 9.887   14.390  1.00 24.87 ? 62  ASN A OD1 1 
ATOM   478  N ND2 . ASN A 1 62  ? -10.198 8.770   12.661  1.00 20.02 ? 62  ASN A ND2 1 
ATOM   479  N N   . VAL A 1 63  ? -7.044  9.886   12.655  1.00 17.27 ? 63  VAL A N   1 
ATOM   480  C CA  . VAL A 1 63  ? -6.456  11.114  12.104  1.00 14.58 ? 63  VAL A CA  1 
ATOM   481  C C   . VAL A 1 63  ? -7.157  11.480  10.797  1.00 19.18 ? 63  VAL A C   1 
ATOM   482  O O   . VAL A 1 63  ? -7.813  10.645  10.187  1.00 21.78 ? 63  VAL A O   1 
ATOM   483  C CB  . VAL A 1 63  ? -4.947  10.947  11.803  1.00 18.44 ? 63  VAL A CB  1 
ATOM   484  C CG1 . VAL A 1 63  ? -4.145  10.721  13.081  1.00 20.23 ? 63  VAL A CG1 1 
ATOM   485  C CG2 . VAL A 1 63  ? -4.720  9.794   10.818  1.00 17.12 ? 63  VAL A CG2 1 
ATOM   486  N N   . ALA A 1 64  ? -7.004  12.723  10.349  1.00 22.25 ? 64  ALA A N   1 
ATOM   487  C CA  . ALA A 1 64  ? -7.590  13.122  9.071   1.00 20.40 ? 64  ALA A CA  1 
ATOM   488  C C   . ALA A 1 64  ? -6.864  12.471  7.904   1.00 18.58 ? 64  ALA A C   1 
ATOM   489  O O   . ALA A 1 64  ? -5.652  12.257  7.960   1.00 20.48 ? 64  ALA A O   1 
ATOM   490  C CB  . ALA A 1 64  ? -7.551  14.655  8.920   1.00 22.14 ? 64  ALA A CB  1 
ATOM   491  N N   . CYS A 1 65  ? -7.609  12.177  6.837   1.00 20.44 ? 65  CYS A N   1 
ATOM   492  C CA  . CYS A 1 65  ? -7.014  11.761  5.569   1.00 21.74 ? 65  CYS A CA  1 
ATOM   493  C C   . CYS A 1 65  ? -6.566  13.022  4.828   1.00 25.57 ? 65  CYS A C   1 
ATOM   494  O O   . CYS A 1 65  ? -7.008  14.125  5.165   1.00 23.87 ? 65  CYS A O   1 
ATOM   495  C CB  . CYS A 1 65  ? -8.037  11.003  4.716   1.00 25.99 ? 65  CYS A CB  1 
ATOM   496  S SG  . CYS A 1 65  ? -8.968  9.676   5.566   1.00 27.63 ? 65  CYS A SG  1 
ATOM   497  N N   . LYS A 1 66  ? -5.713  12.862  3.819   1.00 23.51 ? 66  LYS A N   1 
ATOM   498  C CA  . LYS A 1 66  ? -5.192  14.008  3.061   1.00 26.34 ? 66  LYS A CA  1 
ATOM   499  C C   . LYS A 1 66  ? -6.319  14.830  2.436   1.00 28.44 ? 66  LYS A C   1 
ATOM   500  O O   . LYS A 1 66  ? -6.218  16.053  2.324   1.00 30.27 ? 66  LYS A O   1 
ATOM   501  C CB  . LYS A 1 66  ? -4.178  13.561  1.993   1.00 28.50 ? 66  LYS A CB  1 
ATOM   502  C CG  . LYS A 1 66  ? -2.792  13.238  2.553   1.00 33.29 ? 66  LYS A CG  1 
ATOM   503  C CD  . LYS A 1 66  ? -1.750  12.961  1.464   1.00 37.51 ? 66  LYS A CD  1 
ATOM   504  C CE  . LYS A 1 66  ? -0.371  12.637  2.073   1.00 38.96 ? 66  LYS A CE  1 
ATOM   505  N NZ  . LYS A 1 66  ? 0.662   12.253  1.040   1.00 41.61 ? 66  LYS A NZ  1 
ATOM   506  N N   . ASN A 1 67  ? -7.407  14.159  2.074   1.00 29.24 ? 67  ASN A N   1 
ATOM   507  C CA  . ASN A 1 67  ? -8.541  14.830  1.437   1.00 31.00 ? 67  ASN A CA  1 
ATOM   508  C C   . ASN A 1 67  ? -9.544  15.433  2.418   1.00 30.48 ? 67  ASN A C   1 
ATOM   509  O O   . ASN A 1 67  ? -10.542 16.029  2.009   1.00 33.38 ? 67  ASN A O   1 
ATOM   510  C CB  . ASN A 1 67  ? -9.258  13.885  0.463   1.00 31.05 ? 67  ASN A CB  1 
ATOM   511  C CG  . ASN A 1 67  ? -10.016 12.765  1.166   1.00 34.28 ? 67  ASN A CG  1 
ATOM   512  O OD1 . ASN A 1 67  ? -9.966  12.628  2.386   1.00 28.83 ? 67  ASN A OD1 1 
ATOM   513  N ND2 . ASN A 1 67  ? -10.737 11.965  0.387   1.00 36.47 ? 67  ASN A ND2 1 
ATOM   514  N N   . GLY A 1 68  ? -9.298  15.260  3.710   1.00 24.93 ? 68  GLY A N   1 
ATOM   515  C CA  . GLY A 1 68  ? -10.162 15.851  4.716   1.00 27.75 ? 68  GLY A CA  1 
ATOM   516  C C   . GLY A 1 68  ? -11.177 14.907  5.333   1.00 26.95 ? 68  GLY A C   1 
ATOM   517  O O   . GLY A 1 68  ? -11.850 15.278  6.295   1.00 31.57 ? 68  GLY A O   1 
ATOM   518  N N   . GLN A 1 69  ? -11.303 13.698  4.786   1.00 27.72 ? 69  GLN A N   1 
ATOM   519  C CA  . GLN A 1 69  ? -12.175 12.683  5.382   1.00 28.18 ? 69  GLN A CA  1 
ATOM   520  C C   . GLN A 1 69  ? -11.709 12.347  6.800   1.00 25.81 ? 69  GLN A C   1 
ATOM   521  O O   . GLN A 1 69  ? -10.526 12.481  7.120   1.00 27.94 ? 69  GLN A O   1 
ATOM   522  C CB  . GLN A 1 69  ? -12.180 11.408  4.538   1.00 32.57 ? 69  GLN A CB  1 
ATOM   523  C CG  . GLN A 1 69  ? -12.881 11.525  3.196   1.00 36.49 ? 69  GLN A CG  1 
ATOM   524  C CD  . GLN A 1 69  ? -12.596 10.326  2.301   1.00 38.07 ? 69  GLN A CD  1 
ATOM   525  O OE1 . GLN A 1 69  ? -12.520 10.456  1.080   1.00 44.15 ? 69  GLN A OE1 1 
ATOM   526  N NE2 . GLN A 1 69  ? -12.422 9.152   2.911   1.00 36.65 ? 69  GLN A NE2 1 
ATOM   527  N N   . THR A 1 70  ? -12.629 11.884  7.642   1.00 23.14 ? 70  THR A N   1 
ATOM   528  C CA  . THR A 1 70  ? -12.319 11.637  9.048   1.00 24.63 ? 70  THR A CA  1 
ATOM   529  C C   . THR A 1 70  ? -12.175 10.158  9.414   1.00 23.67 ? 70  THR A C   1 
ATOM   530  O O   . THR A 1 70  ? -12.077 9.818   10.590  1.00 24.01 ? 70  THR A O   1 
ATOM   531  C CB  . THR A 1 70  ? -13.375 12.277  9.967   1.00 31.90 ? 70  THR A CB  1 
ATOM   532  O OG1 . THR A 1 70  ? -14.636 11.630  9.767   1.00 34.53 ? 70  THR A OG1 1 
ATOM   533  C CG2 . THR A 1 70  ? -13.513 13.747  9.653   1.00 34.78 ? 70  THR A CG2 1 
ATOM   534  N N   . ASN A 1 71  ? -12.148 9.278   8.416   1.00 22.41 ? 71  ASN A N   1 
ATOM   535  C CA  . ASN A 1 71  ? -12.054 7.849   8.705   1.00 20.03 ? 71  ASN A CA  1 
ATOM   536  C C   . ASN A 1 71  ? -10.664 7.276   8.444   1.00 21.35 ? 71  ASN A C   1 
ATOM   537  O O   . ASN A 1 71  ? -10.530 6.126   8.027   1.00 21.38 ? 71  ASN A O   1 
ATOM   538  C CB  . ASN A 1 71  ? -13.102 7.057   7.910   1.00 20.36 ? 71  ASN A CB  1 
ATOM   539  C CG  . ASN A 1 71  ? -12.919 7.183   6.409   1.00 24.54 ? 71  ASN A CG  1 
ATOM   540  O OD1 . ASN A 1 71  ? -12.585 8.256   5.895   1.00 25.55 ? 71  ASN A OD1 1 
ATOM   541  N ND2 . ASN A 1 71  ? -13.126 6.077   5.692   1.00 24.89 ? 71  ASN A ND2 1 
ATOM   542  N N   . CYS A 1 72  ? -9.631  8.080   8.671   1.00 18.97 ? 72  CYS A N   1 
ATOM   543  C CA  . CYS A 1 72  ? -8.265  7.591   8.527   1.00 17.60 ? 72  CYS A CA  1 
ATOM   544  C C   . CYS A 1 72  ? -7.660  7.246   9.878   1.00 18.48 ? 72  CYS A C   1 
ATOM   545  O O   . CYS A 1 72  ? -8.074  7.774   10.919  1.00 16.97 ? 72  CYS A O   1 
ATOM   546  C CB  . CYS A 1 72  ? -7.386  8.595   7.778   1.00 19.08 ? 72  CYS A CB  1 
ATOM   547  S SG  . CYS A 1 72  ? -7.427  8.418   5.956   1.00 26.16 ? 72  CYS A SG  1 
ATOM   548  N N   . TYR A 1 73  ? -6.687  6.340   9.854   1.00 16.33 ? 73  TYR A N   1 
ATOM   549  C CA  . TYR A 1 73  ? -6.079  5.833   11.085  1.00 15.54 ? 73  TYR A CA  1 
ATOM   550  C C   . TYR A 1 73  ? -4.593  5.655   10.887  1.00 15.83 ? 73  TYR A C   1 
ATOM   551  O O   . TYR A 1 73  ? -4.153  5.126   9.863   1.00 16.17 ? 73  TYR A O   1 
ATOM   552  C CB  . TYR A 1 73  ? -6.730  4.498   11.508  1.00 16.79 ? 73  TYR A CB  1 
ATOM   553  C CG  . TYR A 1 73  ? -8.195  4.667   11.819  1.00 17.79 ? 73  TYR A CG  1 
ATOM   554  C CD1 . TYR A 1 73  ? -9.144  4.629   10.809  1.00 17.50 ? 73  TYR A CD1 1 
ATOM   555  C CD2 . TYR A 1 73  ? -8.617  4.915   13.113  1.00 18.65 ? 73  TYR A CD2 1 
ATOM   556  C CE1 . TYR A 1 73  ? -10.488 4.827   11.079  1.00 20.96 ? 73  TYR A CE1 1 
ATOM   557  C CE2 . TYR A 1 73  ? -9.957  5.119   13.398  1.00 19.88 ? 73  TYR A CE2 1 
ATOM   558  C CZ  . TYR A 1 73  ? -10.882 5.070   12.377  1.00 21.33 ? 73  TYR A CZ  1 
ATOM   559  O OH  . TYR A 1 73  ? -12.210 5.266   12.659  1.00 24.37 ? 73  TYR A OH  1 
ATOM   560  N N   . GLN A 1 74  ? -3.820  6.091   11.878  1.00 14.52 ? 74  GLN A N   1 
ATOM   561  C CA  . GLN A 1 74  ? -2.368  5.975   11.825  1.00 14.15 ? 74  GLN A CA  1 
ATOM   562  C C   . GLN A 1 74  ? -1.905  4.858   12.755  1.00 13.74 ? 74  GLN A C   1 
ATOM   563  O O   . GLN A 1 74  ? -2.358  4.748   13.911  1.00 16.01 ? 74  GLN A O   1 
ATOM   564  C CB  . GLN A 1 74  ? -1.731  7.315   12.234  1.00 16.49 ? 74  GLN A CB  1 
ATOM   565  C CG  . GLN A 1 74  ? -0.219  7.329   12.166  1.00 16.42 ? 74  GLN A CG  1 
ATOM   566  C CD  . GLN A 1 74  ? 0.362   8.736   12.250  1.00 24.75 ? 74  GLN A CD  1 
ATOM   567  O OE1 . GLN A 1 74  ? -0.162  9.679   11.650  1.00 29.75 ? 74  GLN A OE1 1 
ATOM   568  N NE2 . GLN A 1 74  ? 1.441   8.883   13.007  1.00 23.60 ? 74  GLN A NE2 1 
ATOM   569  N N   . SER A 1 75  ? -1.016  4.010   12.260  1.00 12.46 ? 75  SER A N   1 
ATOM   570  C CA  . SER A 1 75  ? -0.506  2.912   13.077  1.00 14.58 ? 75  SER A CA  1 
ATOM   571  C C   . SER A 1 75  ? 0.299   3.470   14.238  1.00 13.46 ? 75  SER A C   1 
ATOM   572  O O   . SER A 1 75  ? 1.069   4.418   14.074  1.00 14.43 ? 75  SER A O   1 
ATOM   573  C CB  . SER A 1 75  ? 0.342   1.950   12.228  1.00 13.32 ? 75  SER A CB  1 
ATOM   574  O OG  . SER A 1 75  ? 1.502   2.585   11.700  1.00 13.04 ? 75  SER A OG  1 
ATOM   575  N N   . TYR A 1 76  ? 0.108   2.888   15.416  1.00 13.87 ? 76  TYR A N   1 
ATOM   576  C CA  . TYR A 1 76  ? 0.857   3.298   16.593  1.00 15.45 ? 76  TYR A CA  1 
ATOM   577  C C   . TYR A 1 76  ? 2.339   3.003   16.431  1.00 14.38 ? 76  TYR A C   1 
ATOM   578  O O   . TYR A 1 76  ? 3.188   3.744   16.925  1.00 15.37 ? 76  TYR A O   1 
ATOM   579  C CB  . TYR A 1 76  ? 0.350   2.546   17.817  1.00 14.80 ? 76  TYR A CB  1 
ATOM   580  C CG  . TYR A 1 76  ? -1.035  2.935   18.292  1.00 15.80 ? 76  TYR A CG  1 
ATOM   581  C CD1 . TYR A 1 76  ? -1.472  4.266   18.275  1.00 15.37 ? 76  TYR A CD1 1 
ATOM   582  C CD2 . TYR A 1 76  ? -1.901  1.966   18.778  1.00 15.88 ? 76  TYR A CD2 1 
ATOM   583  C CE1 . TYR A 1 76  ? -2.742  4.604   18.721  1.00 14.62 ? 76  TYR A CE1 1 
ATOM   584  C CE2 . TYR A 1 76  ? -3.165  2.298   19.242  1.00 16.32 ? 76  TYR A CE2 1 
ATOM   585  C CZ  . TYR A 1 76  ? -3.575  3.607   19.214  1.00 15.17 ? 76  TYR A CZ  1 
ATOM   586  O OH  . TYR A 1 76  ? -4.841  3.907   19.677  1.00 17.85 ? 76  TYR A OH  1 
ATOM   587  N N   . SER A 1 77  ? 2.655   1.905   15.752  1.00 14.35 ? 77  SER A N   1 
ATOM   588  C CA  . SER A 1 77  ? 4.044   1.499   15.590  1.00 14.92 ? 77  SER A CA  1 
ATOM   589  C C   . SER A 1 77  ? 4.478   1.707   14.148  1.00 15.19 ? 77  SER A C   1 
ATOM   590  O O   . SER A 1 77  ? 3.651   1.926   13.286  1.00 16.47 ? 77  SER A O   1 
ATOM   591  C CB  . SER A 1 77  ? 4.190   0.026   15.964  1.00 18.25 ? 77  SER A CB  1 
ATOM   592  O OG  . SER A 1 77  ? 5.550   -0.306  16.114  1.00 21.39 ? 77  SER A OG  1 
ATOM   593  N N   . THR A 1 78  ? 5.777   1.661   13.879  1.00 16.68 ? 78  THR A N   1 
ATOM   594  C CA  . THR A 1 78  ? 6.222   1.671   12.491  1.00 14.65 ? 78  THR A CA  1 
ATOM   595  C C   . THR A 1 78  ? 6.067   0.281   11.917  1.00 16.55 ? 78  THR A C   1 
ATOM   596  O O   . THR A 1 78  ? 6.054   -0.717  12.658  1.00 17.57 ? 78  THR A O   1 
ATOM   597  C CB  . THR A 1 78  ? 7.687   2.098   12.332  1.00 18.03 ? 78  THR A CB  1 
ATOM   598  O OG1 . THR A 1 78  ? 8.528   1.210   13.076  1.00 20.61 ? 78  THR A OG1 1 
ATOM   599  C CG2 . THR A 1 78  ? 7.879   3.536   12.813  1.00 21.31 ? 78  THR A CG2 1 
ATOM   600  N N   . MET A 1 79  ? 5.964   0.224   10.591  1.00 15.51 ? 79  MET A N   1 
ATOM   601  C CA  . MET A 1 79  ? 5.812   -1.029  9.862   1.00 13.28 ? 79  MET A CA  1 
ATOM   602  C C   . MET A 1 79  ? 6.796   -1.079  8.719   1.00 15.65 ? 79  MET A C   1 
ATOM   603  O O   . MET A 1 79  ? 7.171   -0.040  8.177   1.00 14.71 ? 79  MET A O   1 
ATOM   604  C CB  . MET A 1 79  ? 4.392   -1.127  9.294   1.00 12.57 ? 79  MET A CB  1 
ATOM   605  C CG  . MET A 1 79  ? 3.349   -1.299  10.385  1.00 13.03 ? 79  MET A CG  1 
ATOM   606  S SD  . MET A 1 79  ? 1.725   -1.590  9.692   1.00 15.61 ? 79  MET A SD  1 
ATOM   607  C CE  . MET A 1 79  ? 0.805   -1.951  11.200  1.00 15.43 ? 79  MET A CE  1 
ATOM   608  N N   . SER A 1 80  ? 7.203   -2.288  8.341   1.00 13.00 ? 80  SER A N   1 
ATOM   609  C CA  . SER A 1 80  ? 8.055   -2.456  7.166   1.00 14.32 ? 80  SER A CA  1 
ATOM   610  C C   . SER A 1 80  ? 7.230   -2.212  5.919   1.00 15.00 ? 80  SER A C   1 
ATOM   611  O O   . SER A 1 80  ? 6.206   -2.863  5.716   1.00 13.40 ? 80  SER A O   1 
ATOM   612  C CB  . SER A 1 80  ? 8.623   -3.865  7.130   1.00 16.42 ? 80  SER A CB  1 
ATOM   613  O OG  . SER A 1 80  ? 9.341   -4.098  5.928   1.00 15.44 ? 80  SER A OG  1 
ATOM   614  N N   . ILE A 1 81  ? 7.650   -1.265  5.087   1.00 13.33 ? 81  ILE A N   1 
ATOM   615  C CA  . ILE A 1 81  ? 6.916   -0.999  3.859   1.00 14.13 ? 81  ILE A CA  1 
ATOM   616  C C   . ILE A 1 81  ? 7.850   -0.807  2.684   1.00 15.24 ? 81  ILE A C   1 
ATOM   617  O O   . ILE A 1 81  ? 9.049   -0.594  2.846   1.00 14.73 ? 81  ILE A O   1 
ATOM   618  C CB  . ILE A 1 81  ? 5.991   0.239   3.978   1.00 12.58 ? 81  ILE A CB  1 
ATOM   619  C CG1 . ILE A 1 81  ? 6.794   1.526   4.092   1.00 15.68 ? 81  ILE A CG1 1 
ATOM   620  C CG2 . ILE A 1 81  ? 5.052   0.143   5.187   1.00 13.66 ? 81  ILE A CG2 1 
ATOM   621  C CD1 . ILE A 1 81  ? 5.894   2.712   4.075   1.00 23.19 ? 81  ILE A CD1 1 
ATOM   622  N N   . THR A 1 82  ? 7.285   -0.898  1.489   1.00 12.27 ? 82  THR A N   1 
ATOM   623  C CA  . THR A 1 82  ? 8.032   -0.598  0.277   1.00 13.73 ? 82  THR A CA  1 
ATOM   624  C C   . THR A 1 82  ? 7.239   0.397   -0.556  1.00 13.55 ? 82  THR A C   1 
ATOM   625  O O   . THR A 1 82  ? 6.067   0.164   -0.882  1.00 13.89 ? 82  THR A O   1 
ATOM   626  C CB  . THR A 1 82  ? 8.296   -1.864  -0.555  1.00 11.56 ? 82  THR A CB  1 
ATOM   627  O OG1 . THR A 1 82  ? 9.087   -2.789  0.200   1.00 15.10 ? 82  THR A OG1 1 
ATOM   628  C CG2 . THR A 1 82  ? 9.033   -1.497  -1.846  1.00 15.84 ? 82  THR A CG2 1 
ATOM   629  N N   . ASP A 1 83  ? 7.868   1.520   -0.894  1.00 13.39 ? 83  ASP A N   1 
ATOM   630  C CA  . ASP A 1 83  ? 7.259   2.480   -1.792  1.00 13.51 ? 83  ASP A CA  1 
ATOM   631  C C   . ASP A 1 83  ? 7.666   2.144   -3.224  1.00 14.73 ? 83  ASP A C   1 
ATOM   632  O O   . ASP A 1 83  ? 8.846   1.945   -3.494  1.00 15.63 ? 83  ASP A O   1 
ATOM   633  C CB  . ASP A 1 83  ? 7.737   3.889   -1.426  1.00 20.02 ? 83  ASP A CB  1 
ATOM   634  C CG  . ASP A 1 83  ? 7.247   4.951   -2.391  1.00 25.13 ? 83  ASP A CG  1 
ATOM   635  O OD1 . ASP A 1 83  ? 6.140   5.484   -2.168  1.00 26.94 ? 83  ASP A OD1 1 
ATOM   636  O OD2 . ASP A 1 83  ? 7.976   5.266   -3.365  1.00 30.39 ? 83  ASP A OD2 1 
ATOM   637  N N   . CYS A 1 84  ? 6.694   2.065   -4.133  1.00 15.45 ? 84  CYS A N   1 
ATOM   638  C CA  . CYS A 1 84  ? 6.961   1.854   -5.556  1.00 13.32 ? 84  CYS A CA  1 
ATOM   639  C C   . CYS A 1 84  ? 6.510   3.086   -6.333  1.00 16.41 ? 84  CYS A C   1 
ATOM   640  O O   . CYS A 1 84  ? 5.352   3.503   -6.226  1.00 17.76 ? 84  CYS A O   1 
ATOM   641  C CB  . CYS A 1 84  ? 6.175   0.639   -6.058  1.00 12.97 ? 84  CYS A CB  1 
ATOM   642  S SG  . CYS A 1 84  ? 6.586   -0.873  -5.209  1.00 14.50 ? 84  CYS A SG  1 
ATOM   643  N N   . ARG A 1 85  ? 7.414   3.669   -7.122  1.00 15.44 ? 85  ARG A N   1 
ATOM   644  C CA  . ARG A 1 85  ? 7.089   4.873   -7.887  1.00 17.96 ? 85  ARG A CA  1 
ATOM   645  C C   . ARG A 1 85  ? 7.650   4.758   -9.292  1.00 16.88 ? 85  ARG A C   1 
ATOM   646  O O   . ARG A 1 85  ? 8.782   4.297   -9.465  1.00 15.66 ? 85  ARG A O   1 
ATOM   647  C CB  . ARG A 1 85  ? 7.723   6.087   -7.203  1.00 17.39 ? 85  ARG A CB  1 
ATOM   648  C CG  . ARG A 1 85  ? 6.740   7.186   -6.882  1.00 29.51 ? 85  ARG A CG  1 
ATOM   649  C CD  . ARG A 1 85  ? 7.297   8.142   -5.837  1.00 27.63 ? 85  ARG A CD  1 
ATOM   650  N NE  . ARG A 1 85  ? 6.418   8.275   -4.677  1.00 30.09 ? 85  ARG A NE  1 
ATOM   651  C CZ  . ARG A 1 85  ? 5.493   9.220   -4.536  1.00 28.48 ? 85  ARG A CZ  1 
ATOM   652  N NH1 . ARG A 1 85  ? 5.306   10.120  -5.485  1.00 23.51 ? 85  ARG A NH1 1 
ATOM   653  N NH2 . ARG A 1 85  ? 4.741   9.264   -3.442  1.00 31.65 ? 85  ARG A NH2 1 
ATOM   654  N N   . GLU A 1 86  ? 6.868   5.168   -10.287 1.00 17.11 ? 86  GLU A N   1 
ATOM   655  C CA  . GLU A 1 86  ? 7.367   5.175   -11.662 1.00 18.33 ? 86  GLU A CA  1 
ATOM   656  C C   . GLU A 1 86  ? 8.601   6.048   -11.740 1.00 19.83 ? 86  GLU A C   1 
ATOM   657  O O   . GLU A 1 86  ? 8.665   7.098   -11.098 1.00 18.89 ? 86  GLU A O   1 
ATOM   658  C CB  . GLU A 1 86  ? 6.345   5.786   -12.609 1.00 22.71 ? 86  GLU A CB  1 
ATOM   659  C CG  . GLU A 1 86  ? 5.222   4.901   -13.056 1.00 26.15 ? 86  GLU A CG  1 
ATOM   660  C CD  . GLU A 1 86  ? 4.461   5.552   -14.188 1.00 25.23 ? 86  GLU A CD  1 
ATOM   661  O OE1 . GLU A 1 86  ? 3.578   6.388   -13.902 1.00 28.06 ? 86  GLU A OE1 1 
ATOM   662  O OE2 . GLU A 1 86  ? 4.774   5.245   -15.363 1.00 27.94 ? 86  GLU A OE2 1 
ATOM   663  N N   . THR A 1 87  ? 9.560   5.639   -12.561 1.00 20.45 ? 87  THR A N   1 
ATOM   664  C CA  . THR A 1 87  ? 10.813  6.372   -12.662 1.00 21.77 ? 87  THR A CA  1 
ATOM   665  C C   . THR A 1 87  ? 11.459  6.166   -14.019 1.00 31.67 ? 87  THR A C   1 
ATOM   666  O O   . THR A 1 87  ? 10.939  5.421   -14.853 1.00 32.64 ? 87  THR A O   1 
ATOM   667  C CB  . THR A 1 87  ? 11.791  5.924   -11.567 1.00 26.82 ? 87  THR A CB  1 
ATOM   668  O OG1 . THR A 1 87  ? 12.876  6.857   -11.475 1.00 29.33 ? 87  THR A OG1 1 
ATOM   669  C CG2 . THR A 1 87  ? 12.323  4.530   -11.867 1.00 27.85 ? 87  THR A CG2 1 
ATOM   670  N N   . GLY A 1 88  ? 12.594  6.827   -14.230 1.00 31.04 ? 88  GLY A N   1 
ATOM   671  C CA  . GLY A 1 88  ? 13.369  6.659   -15.444 1.00 33.56 ? 88  GLY A CA  1 
ATOM   672  C C   . GLY A 1 88  ? 12.553  6.871   -16.702 1.00 33.56 ? 88  GLY A C   1 
ATOM   673  O O   . GLY A 1 88  ? 12.023  7.957   -16.942 1.00 37.71 ? 88  GLY A O   1 
ATOM   674  N N   . SER A 1 89  ? 12.438  5.810   -17.489 1.00 39.85 ? 89  SER A N   1 
ATOM   675  C CA  . SER A 1 89  ? 11.786  5.878   -18.787 1.00 39.91 ? 89  SER A CA  1 
ATOM   676  C C   . SER A 1 89  ? 10.495  5.079   -18.786 1.00 39.27 ? 89  SER A C   1 
ATOM   677  O O   . SER A 1 89  ? 10.087  4.537   -19.814 1.00 42.41 ? 89  SER A O   1 
ATOM   678  C CB  . SER A 1 89  ? 12.734  5.353   -19.865 1.00 45.74 ? 89  SER A CB  1 
ATOM   679  O OG  . SER A 1 89  ? 13.469  4.238   -19.386 1.00 51.22 ? 89  SER A OG  1 
ATOM   680  N N   . SER A 1 90  ? 9.854   5.004   -17.622 1.00 33.16 ? 90  SER A N   1 
ATOM   681  C CA  . SER A 1 90  ? 8.586   4.307   -17.503 1.00 34.78 ? 90  SER A CA  1 
ATOM   682  C C   . SER A 1 90  ? 7.552   4.917   -18.437 1.00 37.01 ? 90  SER A C   1 
ATOM   683  O O   . SER A 1 90  ? 7.267   6.116   -18.378 1.00 35.78 ? 90  SER A O   1 
ATOM   684  C CB  . SER A 1 90  ? 8.080   4.356   -16.066 1.00 28.65 ? 90  SER A CB  1 
ATOM   685  O OG  . SER A 1 90  ? 6.880   3.610   -15.940 1.00 27.12 ? 90  SER A OG  1 
ATOM   686  N N   . LYS A 1 91  ? 6.992   4.081   -19.300 1.00 36.43 ? 91  LYS A N   1 
ATOM   687  C CA  . LYS A 1 91  ? 5.958   4.526   -20.216 1.00 41.61 ? 91  LYS A CA  1 
ATOM   688  C C   . LYS A 1 91  ? 5.117   3.333   -20.635 1.00 39.19 ? 91  LYS A C   1 
ATOM   689  O O   . LYS A 1 91  ? 5.636   2.367   -21.193 1.00 40.00 ? 91  LYS A O   1 
ATOM   690  C CB  . LYS A 1 91  ? 6.589   5.184   -21.441 1.00 46.50 ? 91  LYS A CB  1 
ATOM   691  C CG  . LYS A 1 91  ? 5.755   6.303   -22.031 1.00 50.73 ? 91  LYS A CG  1 
ATOM   692  C CD  . LYS A 1 91  ? 6.480   6.960   -23.190 1.00 54.03 ? 91  LYS A CD  1 
ATOM   693  C CE  . LYS A 1 91  ? 5.850   8.290   -23.562 1.00 60.51 ? 91  LYS A CE  1 
ATOM   694  N NZ  . LYS A 1 91  ? 6.618   8.967   -24.648 1.00 59.55 ? 91  LYS A NZ  1 
ATOM   695  N N   . TYR A 1 92  ? 3.822   3.402   -20.348 1.00 39.12 ? 92  TYR A N   1 
ATOM   696  C CA  . TYR A 1 92  ? 2.894   2.325   -20.671 1.00 37.53 ? 92  TYR A CA  1 
ATOM   697  C C   . TYR A 1 92  ? 2.981   1.943   -22.155 1.00 41.18 ? 92  TYR A C   1 
ATOM   698  O O   . TYR A 1 92  ? 2.932   2.815   -23.024 1.00 38.95 ? 92  TYR A O   1 
ATOM   699  C CB  . TYR A 1 92  ? 1.467   2.741   -20.289 1.00 40.29 ? 92  TYR A CB  1 
ATOM   700  C CG  . TYR A 1 92  ? 0.435   1.667   -20.518 1.00 40.83 ? 92  TYR A CG  1 
ATOM   701  C CD1 . TYR A 1 92  ? 0.285   0.618   -19.617 1.00 39.27 ? 92  TYR A CD1 1 
ATOM   702  C CD2 . TYR A 1 92  ? -0.387  1.697   -21.639 1.00 43.14 ? 92  TYR A CD2 1 
ATOM   703  C CE1 . TYR A 1 92  ? -0.651  -0.368  -19.823 1.00 38.12 ? 92  TYR A CE1 1 
ATOM   704  C CE2 . TYR A 1 92  ? -1.328  0.717   -21.856 1.00 42.83 ? 92  TYR A CE2 1 
ATOM   705  C CZ  . TYR A 1 92  ? -1.455  -0.316  -20.947 1.00 44.60 ? 92  TYR A CZ  1 
ATOM   706  O OH  . TYR A 1 92  ? -2.391  -1.301  -21.156 1.00 43.13 ? 92  TYR A OH  1 
ATOM   707  N N   . PRO A 1 93  ? 3.096   0.636   -22.450 1.00 40.33 ? 93  PRO A N   1 
ATOM   708  C CA  . PRO A 1 93  ? 3.001   -0.490  -21.514 1.00 38.70 ? 93  PRO A CA  1 
ATOM   709  C C   . PRO A 1 93  ? 4.340   -0.955  -20.956 1.00 40.67 ? 93  PRO A C   1 
ATOM   710  O O   . PRO A 1 93  ? 4.428   -2.080  -20.458 1.00 38.37 ? 93  PRO A O   1 
ATOM   711  C CB  . PRO A 1 93  ? 2.429   -1.595  -22.398 1.00 42.45 ? 93  PRO A CB  1 
ATOM   712  C CG  . PRO A 1 93  ? 3.079   -1.344  -23.720 1.00 38.39 ? 93  PRO A CG  1 
ATOM   713  C CD  . PRO A 1 93  ? 3.219   0.164   -23.842 1.00 42.03 ? 93  PRO A CD  1 
ATOM   714  N N   . ASN A 1 94  ? 5.371   -0.124  -21.036 1.00 37.87 ? 94  ASN A N   1 
ATOM   715  C CA  . ASN A 1 94  ? 6.652   -0.505  -20.457 1.00 37.10 ? 94  ASN A CA  1 
ATOM   716  C C   . ASN A 1 94  ? 6.909   0.224   -19.145 1.00 35.07 ? 94  ASN A C   1 
ATOM   717  O O   . ASN A 1 94  ? 7.720   1.154   -19.076 1.00 34.12 ? 94  ASN A O   1 
ATOM   718  C CB  . ASN A 1 94  ? 7.788   -0.281  -21.448 1.00 40.32 ? 94  ASN A CB  1 
ATOM   719  C CG  . ASN A 1 94  ? 7.874   -1.387  -22.485 1.00 46.40 ? 94  ASN A CG  1 
ATOM   720  O OD1 . ASN A 1 94  ? 7.278   -1.300  -23.558 1.00 43.91 ? 94  ASN A OD1 1 
ATOM   721  N ND2 . ASN A 1 94  ? 8.616   -2.441  -22.160 1.00 51.04 ? 94  ASN A ND2 1 
ATOM   722  N N   . CYS A 1 95  ? 6.199   -0.212  -18.109 1.00 34.08 ? 95  CYS A N   1 
ATOM   723  C CA  . CYS A 1 95  ? 6.274   0.414   -16.795 1.00 29.52 ? 95  CYS A CA  1 
ATOM   724  C C   . CYS A 1 95  ? 7.609   0.098   -16.113 1.00 27.80 ? 95  CYS A C   1 
ATOM   725  O O   . CYS A 1 95  ? 8.152   -0.998  -16.264 1.00 31.54 ? 95  CYS A O   1 
ATOM   726  C CB  . CYS A 1 95  ? 5.093   -0.052  -15.937 1.00 25.03 ? 95  CYS A CB  1 
ATOM   727  S SG  . CYS A 1 95  ? 3.462   0.247   -16.700 1.00 26.10 ? 95  CYS A SG  1 
ATOM   728  N N   . ALA A 1 96  ? 8.153   1.076   -15.392 1.00 24.73 ? 96  ALA A N   1 
ATOM   729  C CA  . ALA A 1 96  ? 9.410   0.883   -14.679 1.00 21.68 ? 96  ALA A CA  1 
ATOM   730  C C   . ALA A 1 96  ? 9.301   1.584   -13.338 1.00 18.81 ? 96  ALA A C   1 
ATOM   731  O O   . ALA A 1 96  ? 8.891   2.740   -13.281 1.00 21.82 ? 96  ALA A O   1 
ATOM   732  C CB  . ALA A 1 96  ? 10.570  1.457   -15.470 1.00 24.27 ? 96  ALA A CB  1 
ATOM   733  N N   . TYR A 1 97  ? 9.680   0.889   -12.274 1.00 16.56 ? 97  TYR A N   1 
ATOM   734  C CA  . TYR A 1 97  ? 9.499   1.412   -10.916 1.00 17.30 ? 97  TYR A CA  1 
ATOM   735  C C   . TYR A 1 97  ? 10.770  1.471   -10.099 1.00 16.09 ? 97  TYR A C   1 
ATOM   736  O O   . TYR A 1 97  ? 11.634  0.601   -10.199 1.00 17.18 ? 97  TYR A O   1 
ATOM   737  C CB  . TYR A 1 97  ? 8.472   0.567   -10.155 1.00 18.07 ? 97  TYR A CB  1 
ATOM   738  C CG  . TYR A 1 97  ? 7.078   0.719   -10.705 1.00 16.36 ? 97  TYR A CG  1 
ATOM   739  C CD1 . TYR A 1 97  ? 6.225   1.697   -10.214 1.00 17.22 ? 97  TYR A CD1 1 
ATOM   740  C CD2 . TYR A 1 97  ? 6.618   -0.113  -11.721 1.00 18.89 ? 97  TYR A CD2 1 
ATOM   741  C CE1 . TYR A 1 97  ? 4.947   1.853   -10.728 1.00 17.22 ? 97  TYR A CE1 1 
ATOM   742  C CE2 . TYR A 1 97  ? 5.345   0.024   -12.232 1.00 20.00 ? 97  TYR A CE2 1 
ATOM   743  C CZ  . TYR A 1 97  ? 4.516   1.007   -11.738 1.00 19.92 ? 97  TYR A CZ  1 
ATOM   744  O OH  . TYR A 1 97  ? 3.249   1.170   -12.250 1.00 20.28 ? 97  TYR A OH  1 
ATOM   745  N N   . LYS A 1 98  ? 10.848  2.509   -9.271  1.00 16.60 ? 98  LYS A N   1 
ATOM   746  C CA  . LYS A 1 98  ? 11.844  2.613   -8.219  1.00 16.31 ? 98  LYS A CA  1 
ATOM   747  C C   . LYS A 1 98  ? 11.306  1.950   -6.948  1.00 15.69 ? 98  LYS A C   1 
ATOM   748  O O   . LYS A 1 98  ? 10.139  2.149   -6.571  1.00 17.19 ? 98  LYS A O   1 
ATOM   749  C CB  . LYS A 1 98  ? 12.129  4.090   -7.950  1.00 18.77 ? 98  LYS A CB  1 
ATOM   750  C CG  . LYS A 1 98  ? 13.142  4.339   -6.864  1.00 19.70 ? 98  LYS A CG  1 
ATOM   751  C CD  . LYS A 1 98  ? 13.485  5.811   -6.839  1.00 23.91 ? 98  LYS A CD  1 
ATOM   752  C CE  . LYS A 1 98  ? 14.008  6.238   -5.493  1.00 28.27 ? 98  LYS A CE  1 
ATOM   753  N NZ  . LYS A 1 98  ? 15.271  5.540   -5.170  1.00 26.34 ? 98  LYS A NZ  1 
ATOM   754  N N   . THR A 1 99  ? 12.154  1.158   -6.306  1.00 16.35 ? 99  THR A N   1 
ATOM   755  C CA  . THR A 1 99  ? 11.816  0.471   -5.060  1.00 13.38 ? 99  THR A CA  1 
ATOM   756  C C   . THR A 1 99  ? 12.509  1.149   -3.891  1.00 17.27 ? 99  THR A C   1 
ATOM   757  O O   . THR A 1 99  ? 13.742  1.171   -3.832  1.00 16.17 ? 99  THR A O   1 
ATOM   758  C CB  . THR A 1 99  ? 12.334  -0.977  -5.111  1.00 17.24 ? 99  THR A CB  1 
ATOM   759  O OG1 . THR A 1 99  ? 11.639  -1.700  -6.133  1.00 17.31 ? 99  THR A OG1 1 
ATOM   760  C CG2 . THR A 1 99  ? 12.155  -1.686  -3.765  1.00 18.18 ? 99  THR A CG2 1 
ATOM   761  N N   . THR A 1 100 ? 11.729  1.678   -2.952  1.00 15.42 ? 100 THR A N   1 
ATOM   762  C CA  . THR A 1 100 ? 12.297  2.280   -1.751  1.00 16.20 ? 100 THR A CA  1 
ATOM   763  C C   . THR A 1 100 ? 11.726  1.623   -0.492  1.00 16.68 ? 100 THR A C   1 
ATOM   764  O O   . THR A 1 100 ? 10.528  1.768   -0.184  1.00 17.61 ? 100 THR A O   1 
ATOM   765  C CB  . THR A 1 100 ? 12.070  3.807   -1.720  1.00 18.44 ? 100 THR A CB  1 
ATOM   766  O OG1 . THR A 1 100 ? 12.542  4.390   -2.946  1.00 19.34 ? 100 THR A OG1 1 
ATOM   767  C CG2 . THR A 1 100 ? 12.824  4.437   -0.542  1.00 19.17 ? 100 THR A CG2 1 
ATOM   768  N N   . GLN A 1 101 ? 12.588  0.907   0.223   1.00 16.33 ? 101 GLN A N   1 
ATOM   769  C CA  . GLN A 1 101 ? 12.228  0.246   1.482   1.00 18.27 ? 101 GLN A CA  1 
ATOM   770  C C   . GLN A 1 101 ? 12.280  1.227   2.640   1.00 19.92 ? 101 GLN A C   1 
ATOM   771  O O   . GLN A 1 101 ? 13.164  2.086   2.699   1.00 19.24 ? 101 GLN A O   1 
ATOM   772  C CB  . GLN A 1 101 ? 13.187  -0.923  1.750   1.00 23.91 ? 101 GLN A CB  1 
ATOM   773  C CG  . GLN A 1 101 ? 12.999  -1.619  3.103   1.00 27.73 ? 101 GLN A CG  1 
ATOM   774  C CD  . GLN A 1 101 ? 11.649  -2.335  3.246   1.00 26.18 ? 101 GLN A CD  1 
ATOM   775  O OE1 . GLN A 1 101 ? 11.097  -2.871  2.259   1.00 19.65 ? 101 GLN A OE1 1 
ATOM   776  N NE2 . GLN A 1 101 ? 11.112  -2.351  4.486   1.00 17.21 ? 101 GLN A NE2 1 
ATOM   777  N N   . ALA A 1 102 ? 11.337  1.114   3.572   1.00 14.67 ? 102 ALA A N   1 
ATOM   778  C CA  . ALA A 1 102 ? 11.404  1.955   4.750   1.00 16.67 ? 102 ALA A CA  1 
ATOM   779  C C   . ALA A 1 102 ? 10.656  1.342   5.911   1.00 16.67 ? 102 ALA A C   1 
ATOM   780  O O   . ALA A 1 102 ? 9.970   0.338   5.757   1.00 15.45 ? 102 ALA A O   1 
ATOM   781  C CB  . ALA A 1 102 ? 10.886  3.339   4.454   1.00 20.58 ? 102 ALA A CB  1 
ATOM   782  N N   . ASN A 1 103 ? 10.837  1.939   7.084   1.00 18.15 ? 103 ASN A N   1 
ATOM   783  C CA  . ASN A 1 103 ? 10.064  1.580   8.257   1.00 20.52 ? 103 ASN A CA  1 
ATOM   784  C C   . ASN A 1 103 ? 9.332   2.807   8.740   1.00 22.12 ? 103 ASN A C   1 
ATOM   785  O O   . ASN A 1 103 ? 9.954   3.738   9.243   1.00 24.42 ? 103 ASN A O   1 
ATOM   786  C CB  . ASN A 1 103 ? 10.981  1.070   9.357   1.00 24.42 ? 103 ASN A CB  1 
ATOM   787  C CG  . ASN A 1 103 ? 10.664  -0.345  9.739   1.00 29.08 ? 103 ASN A CG  1 
ATOM   788  O OD1 . ASN A 1 103 ? 11.168  -1.282  9.129   1.00 32.80 ? 103 ASN A OD1 1 
ATOM   789  N ND2 . ASN A 1 103 ? 9.790   -0.514  10.735  1.00 31.65 ? 103 ASN A ND2 1 
ATOM   790  N N   . LYS A 1 104 ? 8.017   2.834   8.550   1.00 18.08 ? 104 LYS A N   1 
ATOM   791  C CA  . LYS A 1 104 ? 7.241   4.029   8.860   1.00 21.79 ? 104 LYS A CA  1 
ATOM   792  C C   . LYS A 1 104 ? 5.872   3.683   9.414   1.00 18.56 ? 104 LYS A C   1 
ATOM   793  O O   . LYS A 1 104 ? 5.393   2.559   9.269   1.00 17.09 ? 104 LYS A O   1 
ATOM   794  C CB  . LYS A 1 104 ? 7.017   4.872   7.606   1.00 24.89 ? 104 LYS A CB  1 
ATOM   795  C CG  . LYS A 1 104 ? 8.130   4.907   6.569   1.00 26.73 ? 104 LYS A CG  1 
ATOM   796  C CD  . LYS A 1 104 ? 7.482   5.410   5.307   1.00 30.47 ? 104 LYS A CD  1 
ATOM   797  C CE  . LYS A 1 104 ? 8.218   5.225   4.004   1.00 31.62 ? 104 LYS A CE  1 
ATOM   798  N NZ  . LYS A 1 104 ? 7.319   5.404   2.802   1.00 34.46 ? 104 LYS A NZ  1 
ATOM   799  N N   . HIS A 1 105 ? 5.221   4.661   10.029  1.00 16.38 ? 105 HIS A N   1 
ATOM   800  C CA  . HIS A 1 105 ? 3.824   4.498   10.395  1.00 16.16 ? 105 HIS A CA  1 
ATOM   801  C C   . HIS A 1 105 ? 3.014   4.527   9.122   1.00 18.60 ? 105 HIS A C   1 
ATOM   802  O O   . HIS A 1 105 ? 3.370   5.237   8.179   1.00 23.62 ? 105 HIS A O   1 
ATOM   803  C CB  . HIS A 1 105 ? 3.372   5.657   11.283  1.00 15.09 ? 105 HIS A CB  1 
ATOM   804  C CG  . HIS A 1 105 ? 4.164   5.784   12.540  1.00 17.81 ? 105 HIS A CG  1 
ATOM   805  N ND1 . HIS A 1 105 ? 5.324   6.524   12.620  1.00 18.75 ? 105 HIS A ND1 1 
ATOM   806  C CD2 . HIS A 1 105 ? 3.975   5.237   13.764  1.00 14.84 ? 105 HIS A CD2 1 
ATOM   807  C CE1 . HIS A 1 105 ? 5.814   6.431   13.848  1.00 19.56 ? 105 HIS A CE1 1 
ATOM   808  N NE2 . HIS A 1 105 ? 5.020   5.652   14.554  1.00 21.53 ? 105 HIS A NE2 1 
ATOM   809  N N   . ILE A 1 106 ? 1.940   3.748   9.064   1.00 14.83 ? 106 ILE A N   1 
ATOM   810  C CA  . ILE A 1 106 ? 1.055   3.833   7.907   1.00 14.70 ? 106 ILE A CA  1 
ATOM   811  C C   . ILE A 1 106 ? -0.251  4.533   8.269   1.00 15.86 ? 106 ILE A C   1 
ATOM   812  O O   . ILE A 1 106 ? -0.680  4.508   9.420   1.00 16.24 ? 106 ILE A O   1 
ATOM   813  C CB  . ILE A 1 106 ? 0.783   2.448   7.251   1.00 12.65 ? 106 ILE A CB  1 
ATOM   814  C CG1 . ILE A 1 106 ? -0.029  1.539   8.176   1.00 15.46 ? 106 ILE A CG1 1 
ATOM   815  C CG2 . ILE A 1 106 ? 2.097   1.797   6.848   1.00 14.40 ? 106 ILE A CG2 1 
ATOM   816  C CD1 . ILE A 1 106 ? -0.577  0.280   7.473   1.00 13.74 ? 106 ILE A CD1 1 
ATOM   817  N N   . ILE A 1 107 ? -0.855  5.196   7.288   1.00 15.22 ? 107 ILE A N   1 
ATOM   818  C CA  . ILE A 1 107 ? -2.164  5.810   7.483   1.00 14.43 ? 107 ILE A CA  1 
ATOM   819  C C   . ILE A 1 107 ? -3.108  5.229   6.456   1.00 16.20 ? 107 ILE A C   1 
ATOM   820  O O   . ILE A 1 107 ? -2.819  5.279   5.261   1.00 16.85 ? 107 ILE A O   1 
ATOM   821  C CB  . ILE A 1 107 ? -2.143  7.353   7.374   1.00 17.14 ? 107 ILE A CB  1 
ATOM   822  C CG1 . ILE A 1 107 ? -1.401  7.951   8.566   1.00 21.65 ? 107 ILE A CG1 1 
ATOM   823  C CG2 . ILE A 1 107 ? -3.556  7.913   7.420   1.00 16.87 ? 107 ILE A CG2 1 
ATOM   824  C CD1 . ILE A 1 107 ? -0.090  8.538   8.229   1.00 25.81 ? 107 ILE A CD1 1 
ATOM   825  N N   . VAL A 1 108 ? -4.208  4.645   6.927   1.00 15.60 ? 108 VAL A N   1 
ATOM   826  C CA  . VAL A 1 108 ? -5.177  4.017   6.048   1.00 14.25 ? 108 VAL A CA  1 
ATOM   827  C C   . VAL A 1 108 ? -6.574  4.540   6.340   1.00 16.43 ? 108 VAL A C   1 
ATOM   828  O O   . VAL A 1 108 ? -6.874  4.951   7.466   1.00 17.66 ? 108 VAL A O   1 
ATOM   829  C CB  . VAL A 1 108 ? -5.154  2.463   6.188   1.00 14.56 ? 108 VAL A CB  1 
ATOM   830  C CG1 . VAL A 1 108 ? -3.796  1.905   5.796   1.00 14.46 ? 108 VAL A CG1 1 
ATOM   831  C CG2 . VAL A 1 108 ? -5.509  2.045   7.619   1.00 15.62 ? 108 VAL A CG2 1 
ATOM   832  N N   . ALA A 1 109 ? -7.423  4.543   5.317   1.00 15.07 ? 109 ALA A N   1 
ATOM   833  C CA  . ALA A 1 109 ? -8.836  4.848   5.498   1.00 15.86 ? 109 ALA A CA  1 
ATOM   834  C C   . ALA A 1 109 ? -9.551  3.532   5.694   1.00 17.77 ? 109 ALA A C   1 
ATOM   835  O O   . ALA A 1 109 ? -9.252  2.544   5.003   1.00 17.35 ? 109 ALA A O   1 
ATOM   836  C CB  . ALA A 1 109 ? -9.399  5.575   4.284   1.00 18.20 ? 109 ALA A CB  1 
ATOM   837  N N   . CYS A 1 110 ? -10.481 3.518   6.637   1.00 16.91 ? 110 CYS A N   1 
ATOM   838  C CA  . CYS A 1 110 ? -11.213 2.307   6.985   1.00 16.67 ? 110 CYS A CA  1 
ATOM   839  C C   . CYS A 1 110 ? -12.714 2.467   6.779   1.00 20.29 ? 110 CYS A C   1 
ATOM   840  O O   . CYS A 1 110 ? -13.281 3.541   7.015   1.00 21.51 ? 110 CYS A O   1 
ATOM   841  C CB  . CYS A 1 110 ? -10.931 1.909   8.436   1.00 16.55 ? 110 CYS A CB  1 
ATOM   842  S SG  . CYS A 1 110 ? -9.187  1.591   8.763   1.00 16.82 ? 110 CYS A SG  1 
ATOM   843  N N   . GLU A 1 111 ? -13.346 1.381   6.341   1.00 18.72 ? 111 GLU A N   1 
ATOM   844  C CA  . GLU A 1 111 ? -14.793 1.349   6.104   1.00 24.27 ? 111 GLU A CA  1 
ATOM   845  C C   . GLU A 1 111 ? -15.369 -0.040  6.348   1.00 24.32 ? 111 GLU A C   1 
ATOM   846  O O   . GLU A 1 111 ? -14.657 -1.049  6.259   1.00 22.94 ? 111 GLU A O   1 
ATOM   847  C CB  . GLU A 1 111 ? -15.118 1.727   4.656   1.00 25.72 ? 111 GLU A CB  1 
ATOM   848  C CG  . GLU A 1 111 ? -15.083 3.209   4.329   1.00 30.95 ? 111 GLU A CG  1 
ATOM   849  C CD  . GLU A 1 111 ? -15.441 3.483   2.874   1.00 34.91 ? 111 GLU A CD  1 
ATOM   850  O OE1 . GLU A 1 111 ? -16.340 2.796   2.341   1.00 44.37 ? 111 GLU A OE1 1 
ATOM   851  O OE2 . GLU A 1 111 ? -14.813 4.375   2.263   1.00 39.30 ? 111 GLU A OE2 1 
ATOM   852  N N   . GLY A 1 112 ? -16.670 -0.086  6.637   1.00 25.64 ? 112 GLY A N   1 
ATOM   853  C CA  . GLY A 1 112 ? -17.412 -1.335  6.615   1.00 27.29 ? 112 GLY A CA  1 
ATOM   854  C C   . GLY A 1 112 ? -17.591 -2.038  7.943   1.00 27.35 ? 112 GLY A C   1 
ATOM   855  O O   . GLY A 1 112 ? -17.193 -1.537  8.993   1.00 25.83 ? 112 GLY A O   1 
ATOM   856  N N   . ASN A 1 113 ? -18.225 -3.204  7.874   1.00 28.39 ? 113 ASN A N   1 
ATOM   857  C CA  . ASN A 1 113 ? -18.356 -4.110  9.003   1.00 32.44 ? 113 ASN A CA  1 
ATOM   858  C C   . ASN A 1 113 ? -18.083 -5.520  8.492   1.00 34.12 ? 113 ASN A C   1 
ATOM   859  O O   . ASN A 1 113 ? -18.918 -6.095  7.797   1.00 37.92 ? 113 ASN A O   1 
ATOM   860  C CB  . ASN A 1 113 ? -19.753 -4.014  9.615   1.00 35.03 ? 113 ASN A CB  1 
ATOM   861  C CG  . ASN A 1 113 ? -19.871 -4.768  10.931  1.00 36.29 ? 113 ASN A CG  1 
ATOM   862  O OD1 . ASN A 1 113 ? -18.992 -5.549  11.303  1.00 39.74 ? 113 ASN A OD1 1 
ATOM   863  N ND2 . ASN A 1 113 ? -20.969 -4.542  11.635  1.00 42.86 ? 113 ASN A ND2 1 
ATOM   864  N N   . PRO A 1 114 ? -16.905 -6.084  8.820   1.00 30.64 ? 114 PRO A N   1 
ATOM   865  C CA  . PRO A 1 114 ? -15.887 -5.532  9.723   1.00 30.72 ? 114 PRO A CA  1 
ATOM   866  C C   . PRO A 1 114 ? -15.222 -4.256  9.199   1.00 25.16 ? 114 PRO A C   1 
ATOM   867  O O   . PRO A 1 114 ? -15.190 -4.005  7.992   1.00 25.10 ? 114 PRO A O   1 
ATOM   868  C CB  . PRO A 1 114 ? -14.864 -6.664  9.820   1.00 28.04 ? 114 PRO A CB  1 
ATOM   869  C CG  . PRO A 1 114 ? -14.983 -7.373  8.505   1.00 33.77 ? 114 PRO A CG  1 
ATOM   870  C CD  . PRO A 1 114 ? -16.451 -7.330  8.177   1.00 32.45 ? 114 PRO A CD  1 
ATOM   871  N N   . TYR A 1 115 ? -14.725 -3.450  10.125  1.00 22.54 ? 115 TYR A N   1 
ATOM   872  C CA  . TYR A 1 115 ? -14.119 -2.168  9.799   1.00 21.47 ? 115 TYR A CA  1 
ATOM   873  C C   . TYR A 1 115 ? -12.686 -2.446  9.398   1.00 18.92 ? 115 TYR A C   1 
ATOM   874  O O   . TYR A 1 115 ? -11.846 -2.744  10.251  1.00 18.92 ? 115 TYR A O   1 
ATOM   875  C CB  . TYR A 1 115 ? -14.166 -1.299  11.050  1.00 18.78 ? 115 TYR A CB  1 
ATOM   876  C CG  . TYR A 1 115 ? -14.019 0.186   10.856  1.00 18.91 ? 115 TYR A CG  1 
ATOM   877  C CD1 . TYR A 1 115 ? -14.832 0.893   9.974   1.00 20.78 ? 115 TYR A CD1 1 
ATOM   878  C CD2 . TYR A 1 115 ? -13.101 0.897   11.617  1.00 19.80 ? 115 TYR A CD2 1 
ATOM   879  C CE1 . TYR A 1 115 ? -14.704 2.271   9.835   1.00 22.11 ? 115 TYR A CE1 1 
ATOM   880  C CE2 . TYR A 1 115 ? -12.971 2.269   11.491  1.00 20.39 ? 115 TYR A CE2 1 
ATOM   881  C CZ  . TYR A 1 115 ? -13.776 2.949   10.604  1.00 21.55 ? 115 TYR A CZ  1 
ATOM   882  O OH  . TYR A 1 115 ? -13.640 4.318   10.491  1.00 21.48 ? 115 TYR A OH  1 
ATOM   883  N N   . VAL A 1 116 ? -12.413 -2.381  8.093   1.00 18.97 ? 116 VAL A N   1 
ATOM   884  C CA  . VAL A 1 116 ? -11.114 -2.770  7.551   1.00 15.88 ? 116 VAL A CA  1 
ATOM   885  C C   . VAL A 1 116 ? -10.541 -1.708  6.594   1.00 14.85 ? 116 VAL A C   1 
ATOM   886  O O   . VAL A 1 116 ? -11.260 -0.816  6.147   1.00 14.74 ? 116 VAL A O   1 
ATOM   887  C CB  . VAL A 1 116 ? -11.211 -4.129  6.826   1.00 17.94 ? 116 VAL A CB  1 
ATOM   888  C CG1 . VAL A 1 116 ? -11.508 -5.232  7.830   1.00 19.75 ? 116 VAL A CG1 1 
ATOM   889  C CG2 . VAL A 1 116 ? -12.265 -4.064  5.743   1.00 21.51 ? 116 VAL A CG2 1 
ATOM   890  N N   . PRO A 1 117 ? -9.236  -1.801  6.273   1.00 15.55 ? 117 PRO A N   1 
ATOM   891  C CA  . PRO A 1 117 ? -8.671  -0.750  5.419   1.00 16.52 ? 117 PRO A CA  1 
ATOM   892  C C   . PRO A 1 117 ? -9.196  -0.813  3.984   1.00 16.74 ? 117 PRO A C   1 
ATOM   893  O O   . PRO A 1 117 ? -9.309  -1.905  3.428   1.00 15.07 ? 117 PRO A O   1 
ATOM   894  C CB  . PRO A 1 117 ? -7.174  -1.073  5.420   1.00 13.71 ? 117 PRO A CB  1 
ATOM   895  C CG  . PRO A 1 117 ? -6.946  -1.825  6.718   1.00 14.15 ? 117 PRO A CG  1 
ATOM   896  C CD  . PRO A 1 117 ? -8.190  -2.653  6.873   1.00 15.84 ? 117 PRO A CD  1 
ATOM   897  N N   . VAL A 1 118 ? -9.497  0.348   3.397   1.00 15.24 ? 118 VAL A N   1 
ATOM   898  C CA  . VAL A 1 118 ? -9.983  0.406   2.018   1.00 13.40 ? 118 VAL A CA  1 
ATOM   899  C C   . VAL A 1 118 ? -9.172  1.360   1.136   1.00 19.32 ? 118 VAL A C   1 
ATOM   900  O O   . VAL A 1 118 ? -9.432  1.481   -0.069  1.00 17.88 ? 118 VAL A O   1 
ATOM   901  C CB  . VAL A 1 118 ? -11.475 0.806   1.963   1.00 19.36 ? 118 VAL A CB  1 
ATOM   902  C CG1 . VAL A 1 118 ? -12.343 -0.278  2.551   1.00 18.71 ? 118 VAL A CG1 1 
ATOM   903  C CG2 . VAL A 1 118 ? -11.703 2.125   2.693   1.00 19.70 ? 118 VAL A CG2 1 
ATOM   904  N N   . HIS A 1 119 ? -8.178  2.020   1.722   1.00 15.37 ? 119 HIS A N   1 
ATOM   905  C CA  . HIS A 1 119 ? -7.362  2.964   0.969   1.00 18.04 ? 119 HIS A CA  1 
ATOM   906  C C   . HIS A 1 119 ? -6.070  3.229   1.733   1.00 17.22 ? 119 HIS A C   1 
ATOM   907  O O   . HIS A 1 119 ? -6.084  3.323   2.969   1.00 16.65 ? 119 HIS A O   1 
ATOM   908  C CB  . HIS A 1 119 ? -8.168  4.254   0.757   1.00 20.29 ? 119 HIS A CB  1 
ATOM   909  C CG  . HIS A 1 119 ? -7.331  5.479   0.580   1.00 21.74 ? 119 HIS A CG  1 
ATOM   910  N ND1 . HIS A 1 119 ? -6.696  5.784   -0.606  1.00 26.46 ? 119 HIS A ND1 1 
ATOM   911  C CD2 . HIS A 1 119 ? -7.050  6.495   1.431   1.00 25.56 ? 119 HIS A CD2 1 
ATOM   912  C CE1 . HIS A 1 119 ? -6.044  6.926   -0.471  1.00 23.56 ? 119 HIS A CE1 1 
ATOM   913  N NE2 . HIS A 1 119 ? -6.243  7.379   0.756   1.00 25.26 ? 119 HIS A NE2 1 
ATOM   914  N N   . PHE A 1 120 ? -4.949  3.315   1.022   1.00 16.44 ? 120 PHE A N   1 
ATOM   915  C CA  . PHE A 1 120 ? -3.680  3.633   1.665   1.00 15.12 ? 120 PHE A CA  1 
ATOM   916  C C   . PHE A 1 120 ? -3.418  5.125   1.484   1.00 18.85 ? 120 PHE A C   1 
ATOM   917  O O   . PHE A 1 120 ? -3.247  5.584   0.354   1.00 19.23 ? 120 PHE A O   1 
ATOM   918  C CB  . PHE A 1 120 ? -2.542  2.805   1.063   1.00 13.50 ? 120 PHE A CB  1 
ATOM   919  C CG  . PHE A 1 120 ? -1.249  2.923   1.822   1.00 15.23 ? 120 PHE A CG  1 
ATOM   920  C CD1 . PHE A 1 120 ? -0.380  3.984   1.585   1.00 17.90 ? 120 PHE A CD1 1 
ATOM   921  C CD2 . PHE A 1 120 ? -0.921  1.992   2.800   1.00 15.40 ? 120 PHE A CD2 1 
ATOM   922  C CE1 . PHE A 1 120 ? 0.812   4.104   2.297   1.00 17.99 ? 120 PHE A CE1 1 
ATOM   923  C CE2 . PHE A 1 120 ? 0.272   2.106   3.523   1.00 16.85 ? 120 PHE A CE2 1 
ATOM   924  C CZ  . PHE A 1 120 ? 1.133   3.159   3.271   1.00 16.40 ? 120 PHE A CZ  1 
ATOM   925  N N   . ASP A 1 121 ? -3.404  5.890   2.576   1.00 17.50 ? 121 ASP A N   1 
ATOM   926  C CA  . ASP A 1 121 ? -3.331  7.346   2.438   1.00 19.53 ? 121 ASP A CA  1 
ATOM   927  C C   . ASP A 1 121 ? -1.913  7.881   2.369   1.00 21.74 ? 121 ASP A C   1 
ATOM   928  O O   . ASP A 1 121 ? -1.596  8.732   1.522   1.00 24.58 ? 121 ASP A O   1 
ATOM   929  C CB  . ASP A 1 121 ? -4.094  8.047   3.567   1.00 18.96 ? 121 ASP A CB  1 
ATOM   930  C CG  . ASP A 1 121 ? -4.480  9.471   3.204   1.00 26.76 ? 121 ASP A CG  1 
ATOM   931  O OD1 . ASP A 1 121 ? -5.064  9.663   2.110   1.00 27.47 ? 121 ASP A OD1 1 
ATOM   932  O OD2 . ASP A 1 121 ? -4.186  10.395  3.995   1.00 25.84 ? 121 ASP A OD2 1 
ATOM   933  N N   . ALA A 1 122 ? -1.062  7.390   3.262   1.00 20.24 ? 122 ALA A N   1 
ATOM   934  C CA  . ALA A 1 122 ? 0.288   7.913   3.394   1.00 22.30 ? 122 ALA A CA  1 
ATOM   935  C C   . ALA A 1 122 ? 1.057   7.071   4.381   1.00 20.94 ? 122 ALA A C   1 
ATOM   936  O O   . ALA A 1 122 ? 0.494   6.212   5.060   1.00 18.62 ? 122 ALA A O   1 
ATOM   937  C CB  . ALA A 1 122 ? 0.251   9.362   3.884   1.00 24.34 ? 122 ALA A CB  1 
ATOM   938  N N   . SER A 1 123 ? 2.354   7.320   4.461   1.00 22.88 ? 123 SER A N   1 
ATOM   939  C CA  . SER A 1 123 ? 3.149   6.752   5.528   1.00 21.36 ? 123 SER A CA  1 
ATOM   940  C C   . SER A 1 123 ? 3.916   7.881   6.173   1.00 22.39 ? 123 SER A C   1 
ATOM   941  O O   . SER A 1 123 ? 4.224   8.880   5.523   1.00 23.75 ? 123 SER A O   1 
ATOM   942  C CB  . SER A 1 123 ? 4.107   5.702   4.983   1.00 25.92 ? 123 SER A CB  1 
ATOM   943  O OG  . SER A 1 123 ? 5.016   6.290   4.067   1.00 32.94 ? 123 SER A OG  1 
ATOM   944  N N   . VAL A 1 124 ? 4.173   7.740   7.465   1.00 19.71 ? 124 VAL A N   1 
ATOM   945  C CA  . VAL A 1 124 ? 4.969   8.707   8.200   1.00 23.90 ? 124 VAL A CA  1 
ATOM   946  C C   . VAL A 1 124 ? 6.105   7.977   8.908   1.00 25.31 ? 124 VAL A C   1 
ATOM   947  O O   . VAL A 1 124 ? 5.903   7.312   9.918   1.00 23.15 ? 124 VAL A O   1 
ATOM   948  C CB  . VAL A 1 124 ? 4.118   9.480   9.211   1.00 23.38 ? 124 VAL A CB  1 
ATOM   949  C CG1 . VAL A 1 124 ? 4.985   10.444  9.970   1.00 29.13 ? 124 VAL A CG1 1 
ATOM   950  C CG2 . VAL A 1 124 ? 3.028   10.240  8.487   1.00 26.35 ? 124 VAL A CG2 1 
ATOM   951  O OXT . VAL A 1 124 ? 7.261   8.028   8.471   1.00 28.07 ? 124 VAL A OXT 1 
HETATM 952  S S   . SO4 B 2 .   ? -5.372  3.365   -3.133  1.00 26.21 ? 201 SO4 A S   1 
HETATM 953  O O1  . SO4 B 2 .   ? -4.029  3.560   -3.701  1.00 25.91 ? 201 SO4 A O1  1 
HETATM 954  O O2  . SO4 B 2 .   ? -6.019  4.647   -2.877  1.00 29.15 ? 201 SO4 A O2  1 
HETATM 955  O O3  . SO4 B 2 .   ? -5.273  2.600   -1.878  1.00 18.51 ? 201 SO4 A O3  1 
HETATM 956  O O4  . SO4 B 2 .   ? -6.145  2.637   -4.151  1.00 25.84 ? 201 SO4 A O4  1 
HETATM 957  C C01 . YEG C 3 .   ? -10.383 15.365  12.996  1.00 32.58 ? 203 YEG A C01 1 
HETATM 958  C C02 . YEG C 3 .   ? -10.052 14.756  11.640  1.00 34.84 ? 203 YEG A C02 1 
HETATM 959  C C03 . YEG C 3 .   ? -10.584 13.358  11.655  1.00 33.56 ? 203 YEG A C03 1 
HETATM 960  C C04 . YEG C 3 .   ? -11.187 13.220  12.982  1.00 35.77 ? 203 YEG A C04 1 
HETATM 961  C C05 . YEG C 3 .   ? -11.107 14.308  13.770  1.00 36.43 ? 203 YEG A C05 1 
HETATM 962  O O06 . YEG C 3 .   ? -11.848 12.184  13.586  1.00 39.34 ? 203 YEG A O06 1 
HETATM 963  C C01 . YEG D 3 .   ? 7.735   -7.274  -15.004 1.00 39.20 ? 204 YEG A C01 1 
HETATM 964  C C02 . YEG D 3 .   ? 8.422   -6.273  -15.923 1.00 40.67 ? 204 YEG A C02 1 
HETATM 965  C C03 . YEG D 3 .   ? 9.886   -6.382  -15.633 1.00 44.71 ? 204 YEG A C03 1 
HETATM 966  C C04 . YEG D 3 .   ? 9.995   -7.405  -14.586 1.00 42.47 ? 204 YEG A C04 1 
HETATM 967  C C05 . YEG D 3 .   ? 8.817   -7.935  -14.199 1.00 38.35 ? 204 YEG A C05 1 
HETATM 968  O O06 . YEG D 3 .   ? 11.094  -7.926  -13.927 1.00 44.74 ? 204 YEG A O06 1 
HETATM 969  C C01 . YEG E 3 .   ? -7.730  -9.597  13.646  1.00 38.86 ? 206 YEG A C01 1 
HETATM 970  C C02 . YEG E 3 .   ? -7.738  -8.226  12.975  1.00 35.44 ? 206 YEG A C02 1 
HETATM 971  C C03 . YEG E 3 .   ? -6.864  -7.345  13.821  1.00 30.69 ? 206 YEG A C03 1 
HETATM 972  C C04 . YEG E 3 .   ? -6.399  -8.205  14.921  1.00 35.01 ? 206 YEG A C04 1 
HETATM 973  C C05 . YEG E 3 .   ? -6.857  -9.474  14.867  1.00 37.48 ? 206 YEG A C05 1 
HETATM 974  O O06 . YEG E 3 .   ? -5.572  -7.953  16.003  1.00 39.21 ? 206 YEG A O06 1 
HETATM 975  O O   . HOH F 4 .   ? -8.549  -4.530  3.392   1.00 14.85 ? 301 HOH A O   1 
HETATM 976  O O   . HOH F 4 .   ? -9.029  -6.793  4.910   1.00 16.91 ? 302 HOH A O   1 
HETATM 977  O O   . HOH F 4 .   ? 0.827   -0.220  15.097  1.00 15.20 ? 303 HOH A O   1 
HETATM 978  O O   . HOH F 4 .   ? -6.686  0.171   -1.811  1.00 18.99 ? 304 HOH A O   1 
HETATM 979  O O   . HOH F 4 .   ? -2.813  -12.171 9.506   1.00 19.76 ? 305 HOH A O   1 
HETATM 980  O O   . HOH F 4 .   ? 3.300   -8.136  11.257  1.00 16.61 ? 306 HOH A O   1 
HETATM 981  O O   . HOH F 4 .   ? -1.138  -12.329 7.182   1.00 20.21 ? 307 HOH A O   1 
HETATM 982  O O   . HOH F 4 .   ? 10.318  4.396   -4.639  1.00 18.19 ? 308 HOH A O   1 
HETATM 983  O O   . HOH F 4 .   ? -13.582 -8.790  -4.166  1.00 19.39 ? 309 HOH A O   1 
HETATM 984  O O   . HOH F 4 .   ? 0.102   3.701   -2.083  1.00 19.47 ? 310 HOH A O   1 
HETATM 985  O O   . HOH F 4 .   ? 11.696  -2.100  -8.987  1.00 20.42 ? 311 HOH A O   1 
HETATM 986  O O   . HOH F 4 .   ? -9.726  -0.210  -1.935  1.00 23.39 ? 312 HOH A O   1 
HETATM 987  O O   . HOH F 4 .   ? 6.043   -3.578  -13.776 1.00 25.88 ? 313 HOH A O   1 
HETATM 988  O O   . HOH F 4 .   ? -1.028  -3.161  14.209  1.00 15.17 ? 314 HOH A O   1 
HETATM 989  O O   . HOH F 4 .   ? -9.625  -3.242  13.854  1.00 31.31 ? 315 HOH A O   1 
HETATM 990  O O   . HOH F 4 .   ? -0.049  -5.847  -14.233 1.00 24.20 ? 316 HOH A O   1 
HETATM 991  O O   . HOH F 4 .   ? 0.198   -10.665 13.228  1.00 31.17 ? 317 HOH A O   1 
HETATM 992  O O   . HOH F 4 .   ? 15.304  0.729   -0.636  1.00 28.90 ? 318 HOH A O   1 
HETATM 993  O O   . HOH F 4 .   ? -17.940 2.433   7.356   1.00 34.35 ? 319 HOH A O   1 
HETATM 994  O O   . HOH F 4 .   ? -6.548  2.008   20.113  1.00 22.26 ? 320 HOH A O   1 
HETATM 995  O O   . HOH F 4 .   ? 11.291  -12.205 4.434   1.00 38.49 ? 321 HOH A O   1 
HETATM 996  O O   . HOH F 4 .   ? 2.034   -12.087 -0.140  1.00 24.73 ? 322 HOH A O   1 
HETATM 997  O O   . HOH F 4 .   ? -15.479 12.084  6.403   1.00 33.59 ? 323 HOH A O   1 
HETATM 998  O O   . HOH F 4 .   ? 15.588  2.844   -4.707  1.00 23.13 ? 324 HOH A O   1 
HETATM 999  O O   . HOH F 4 .   ? 8.168   -7.422  8.690   1.00 34.04 ? 325 HOH A O   1 
HETATM 1000 O O   . HOH F 4 .   ? -11.323 2.948   15.684  1.00 28.93 ? 326 HOH A O   1 
HETATM 1001 O O   . HOH F 4 .   ? -2.785  11.855  22.358  1.00 23.78 ? 327 HOH A O   1 
HETATM 1002 O O   . HOH F 4 .   ? -15.087 -2.695  3.779   1.00 23.85 ? 328 HOH A O   1 
HETATM 1003 O O   . HOH F 4 .   ? 3.005   -4.383  12.628  1.00 20.48 ? 329 HOH A O   1 
HETATM 1004 O O   . HOH F 4 .   ? 1.322   -13.305 7.965   1.00 30.16 ? 330 HOH A O   1 
HETATM 1005 O O   . HOH F 4 .   ? -15.666 -5.121  5.523   1.00 27.56 ? 331 HOH A O   1 
HETATM 1006 O O   . HOH F 4 .   ? -0.477  -12.372 -10.815 1.00 26.57 ? 332 HOH A O   1 
HETATM 1007 O O   . HOH F 4 .   ? -8.209  7.342   17.900  1.00 22.80 ? 333 HOH A O   1 
HETATM 1008 O O   . HOH F 4 .   ? -11.205 -9.202  1.528   1.00 29.55 ? 334 HOH A O   1 
HETATM 1009 O O   . HOH F 4 .   ? -9.377  4.210   17.577  1.00 26.39 ? 335 HOH A O   1 
HETATM 1010 O O   . HOH F 4 .   ? -15.006 -4.151  12.858  1.00 36.46 ? 336 HOH A O   1 
HETATM 1011 O O   . HOH F 4 .   ? -13.851 -8.554  0.536   1.00 29.13 ? 337 HOH A O   1 
HETATM 1012 O O   . HOH F 4 .   ? -7.407  -11.210 9.107   1.00 31.63 ? 338 HOH A O   1 
HETATM 1013 O O   . HOH F 4 .   ? -8.465  -10.433 -1.254  1.00 23.96 ? 339 HOH A O   1 
HETATM 1014 O O   . HOH F 4 .   ? 3.600   9.764   2.475   0.50 33.83 ? 340 HOH A O   1 
HETATM 1015 O O   . HOH F 4 .   ? -14.993 -3.903  1.293   1.00 22.94 ? 341 HOH A O   1 
HETATM 1016 O O   . HOH F 4 .   ? 14.665  0.325   -7.498  1.00 21.04 ? 342 HOH A O   1 
HETATM 1017 O O   . HOH F 4 .   ? 2.226   -10.730 -6.243  1.00 19.54 ? 343 HOH A O   1 
HETATM 1018 O O   . HOH F 4 .   ? -0.884  6.758   -7.951  1.00 26.58 ? 344 HOH A O   1 
HETATM 1019 O O   . HOH F 4 .   ? 5.943   -10.511 -7.724  1.00 30.90 ? 345 HOH A O   1 
HETATM 1020 O O   . HOH F 4 .   ? 12.622  -8.736  -5.261  1.00 33.81 ? 346 HOH A O   1 
HETATM 1021 O O   . HOH F 4 .   ? 6.458   -6.567  12.887  1.00 26.51 ? 347 HOH A O   1 
HETATM 1022 O O   . HOH F 4 .   ? -5.285  -0.442  19.169  1.00 25.03 ? 348 HOH A O   1 
HETATM 1023 O O   . HOH F 4 .   ? -13.008 5.854   2.777   1.00 30.08 ? 349 HOH A O   1 
HETATM 1024 O O   . HOH F 4 .   ? 4.483   -4.282  -15.926 1.00 31.11 ? 350 HOH A O   1 
HETATM 1025 O O   . HOH F 4 .   ? 2.690   -11.769 -3.606  1.00 26.96 ? 351 HOH A O   1 
HETATM 1026 O O   . HOH F 4 .   ? -6.455  -8.946  -10.002 1.00 28.34 ? 352 HOH A O   1 
HETATM 1027 O O   . HOH F 4 .   ? -8.843  -8.831  -5.230  1.00 30.30 ? 353 HOH A O   1 
HETATM 1028 O O   . HOH F 4 .   ? 1.763   -2.812  14.567  1.00 17.84 ? 354 HOH A O   1 
HETATM 1029 O O   . HOH F 4 .   ? -8.450  -8.866  -8.470  1.00 27.09 ? 355 HOH A O   1 
HETATM 1030 O O   . HOH F 4 .   ? -2.314  4.696   -2.134  1.00 25.83 ? 356 HOH A O   1 
HETATM 1031 O O   . HOH F 4 .   ? 13.971  9.142   -13.323 1.00 26.58 ? 357 HOH A O   1 
HETATM 1032 O O   . HOH F 4 .   ? -13.835 3.288   -0.958  1.00 42.07 ? 358 HOH A O   1 
HETATM 1033 O O   . HOH F 4 .   ? -3.795  6.003   -5.400  1.00 39.25 ? 359 HOH A O   1 
HETATM 1034 O O   . HOH F 4 .   ? -3.258  0.322   -13.264 1.00 38.48 ? 360 HOH A O   1 
HETATM 1035 O O   . HOH F 4 .   ? -9.376  8.852   1.319   1.00 39.61 ? 361 HOH A O   1 
HETATM 1036 O O   . HOH F 4 .   ? 0.406   5.146   -17.503 1.00 32.12 ? 362 HOH A O   1 
HETATM 1037 O O   . HOH F 4 .   ? -7.078  11.386  1.269   1.00 31.77 ? 363 HOH A O   1 
HETATM 1038 O O   . HOH F 4 .   ? 13.502  0.358   -12.440 1.00 35.37 ? 364 HOH A O   1 
HETATM 1039 O O   . HOH F 4 .   ? 7.274   8.220   5.226   0.50 32.15 ? 365 HOH A O   1 
HETATM 1040 O O   . HOH F 4 .   ? -12.812 4.929   15.164  1.00 37.30 ? 366 HOH A O   1 
HETATM 1041 O O   . HOH F 4 .   ? 15.689  3.530   1.589   1.00 35.09 ? 367 HOH A O   1 
HETATM 1042 O O   . HOH F 4 .   ? 5.915   -10.529 7.471   1.00 36.03 ? 368 HOH A O   1 
HETATM 1043 O O   . HOH F 4 .   ? 0.046   7.179   15.463  1.00 33.65 ? 369 HOH A O   1 
HETATM 1044 O O   . HOH F 4 .   ? 5.363   -3.109  -17.895 1.00 36.80 ? 370 HOH A O   1 
HETATM 1045 O O   . HOH F 4 .   ? 10.199  -14.773 1.461   1.00 40.47 ? 372 HOH A O   1 
HETATM 1046 O O   . HOH F 4 .   ? 6.952   -10.706 -2.686  1.00 36.10 ? 373 HOH A O   1 
HETATM 1047 O O   . HOH F 4 .   ? 5.023   8.529   16.771  1.00 30.74 ? 375 HOH A O   1 
HETATM 1048 O O   . HOH F 4 .   ? -6.727  3.224   -7.258  1.00 40.22 ? 380 HOH A O   1 
HETATM 1049 O O   . HOH F 4 .   ? 8.603   7.082   10.802  1.00 32.92 ? 386 HOH A O   1 
HETATM 1050 O O   . HOH F 4 .   ? 8.212   -4.238  11.353  1.00 34.41 ? 388 HOH A O   1 
HETATM 1051 O O   . HOH F 4 .   ? -1.499  6.295   -5.257  1.00 36.33 ? 389 HOH A O   1 
HETATM 1052 O O   . HOH F 4 .   ? -1.440  -13.113 11.878  1.00 35.06 ? 391 HOH A O   1 
HETATM 1053 O O   . HOH F 4 .   ? 2.418   6.027   18.479  1.00 26.53 ? 393 HOH A O   1 
HETATM 1054 O O   . HOH F 4 .   ? 15.051  -4.131  1.534   1.00 36.09 ? 396 HOH A O   1 
HETATM 1055 O O   . HOH F 4 .   ? -3.640  10.172  -0.580  1.00 37.21 ? 398 HOH A O   1 
HETATM 1056 O O   . HOH F 4 .   ? -11.121 5.398   0.406   1.00 40.68 ? 401 HOH A O   1 
HETATM 1057 O O   . HOH F 4 .   ? 0.712   -14.343 10.726  1.00 38.93 ? 402 HOH A O   1 
HETATM 1058 O O   . HOH F 4 .   ? -5.431  -12.754 9.639   1.00 34.37 ? 403 HOH A O   1 
HETATM 1059 O O   . HOH F 4 .   ? -16.298 4.713   7.494   1.00 39.25 ? 404 HOH A O   1 
HETATM 1060 O O   . HOH F 4 .   ? -16.652 -1.422  2.782   1.00 36.98 ? 405 HOH A O   1 
HETATM 1061 O O   . HOH F 4 .   ? -5.258  0.664   -9.131  1.00 39.12 ? 412 HOH A O   1 
HETATM 1062 O O   . HOH F 4 .   ? -10.577 11.216  17.043  1.00 32.59 ? 413 HOH A O   1 
HETATM 1063 O O   . HOH F 4 .   ? 4.170   -10.709 11.269  1.00 34.17 ? 414 HOH A O   1 
HETATM 1064 O O   . HOH F 4 .   ? 14.401  4.484   3.242   1.00 36.30 ? 415 HOH A O   1 
HETATM 1065 O O   . HOH F 4 .   ? -14.123 -7.215  4.940   1.00 36.61 ? 416 HOH A O   1 
HETATM 1066 O O   . HOH F 4 .   ? -18.248 -7.250  -5.490  1.00 36.69 ? 417 HOH A O   1 
HETATM 1067 O O   . HOH F 4 .   ? 6.660   -2.322  -26.511 1.00 50.48 ? 418 HOH A O   1 
HETATM 1068 O O   . HOH F 4 .   ? 4.569   7.587   1.293   1.00 38.71 ? 419 HOH A O   1 
HETATM 1069 O O   . HOH F 4 .   ? 2.892   8.209   16.101  1.00 33.36 ? 421 HOH A O   1 
HETATM 1070 O O   . HOH F 4 .   ? 14.008  1.791   -14.142 1.00 39.58 ? 428 HOH A O   1 
HETATM 1071 O O   . HOH F 4 .   ? 5.035   5.170   0.116   1.00 31.06 ? 434 HOH A O   1 
HETATM 1072 O O   . HOH F 4 .   ? -7.899  18.665  1.466   1.00 43.54 ? 435 HOH A O   1 
HETATM 1073 O O   . HOH F 4 .   ? 2.431   5.939   -19.230 1.00 41.95 ? 436 HOH A O   1 
HETATM 1074 O O   . HOH F 4 .   ? -2.917  8.366   -1.720  1.00 44.15 ? 451 HOH A O   1 
HETATM 1075 O O   . HOH F 4 .   ? -3.480  6.238   -9.131  1.00 44.15 ? 452 HOH A O   1 
HETATM 1076 O O   . HOH F 4 .   ? 1.855   -6.855  -17.896 1.00 47.56 ? 453 HOH A O   1 
# 
